data_5IXJ
#
_entry.id   5IXJ
#
_cell.length_a   86.718
_cell.length_b   112.367
_cell.length_c   160.310
_cell.angle_alpha   90.00
_cell.angle_beta   90.00
_cell.angle_gamma   90.00
#
_symmetry.space_group_name_H-M   'P 21 21 21'
#
loop_
_entity.id
_entity.type
_entity.pdbx_description
1 polymer 'Tryptophan synthase beta chain 1'
2 non-polymer THREONINE
3 non-polymer 'SODIUM ION'
4 water water
#
_entity_poly.entity_id   1
_entity_poly.type   'polypeptide(L)'
_entity_poly.pdbx_seq_one_letter_code
;MWFGEFGGQYVPETLIEPLKELEKAYKRFKDDEEFNRQLNYYLKTWAGRPTPLYYAKRLTEKIGGAKIYLKREDLVHGGA
H(LLP)TNNAIGQALLAKFMGKTRLIAETGAGQHGVATAMAGALLGMKVDIYMGAEDVERQKMNVFRMKLLGANVIPVNS
GSRTLKDAINEALRDWVATFEYTHYLIGSVVGPHPYPTIVRDFQSVIGREAKAQILEAEGQLPDVIVACVGGGSNAMGIF
YPFVNDKKVKLVGVEAGGKGLESGKHSASLNAGQVGVFHGMLSYFLQDEEGQIKPTHSIAPGLDYPGVGPEHAYLKKIQR
AEYVTVTDEEALKAFHELSRTEGIIPALESAHAVAYAMKLAKEMSRDEIIIVNLSGRGDKDLDIVLKVSGNVLEHHHHHH
;
_entity_poly.pdbx_strand_id   A,B,C,D
#
# COMPACT_ATOMS: atom_id res chain seq x y z
N MET A 1 -15.35 -14.17 -20.27
CA MET A 1 -15.92 -13.66 -21.56
C MET A 1 -17.26 -13.00 -21.36
N TRP A 2 -18.03 -13.51 -20.40
CA TRP A 2 -19.39 -13.04 -20.18
C TRP A 2 -19.49 -12.39 -18.80
N PHE A 3 -20.21 -11.28 -18.75
CA PHE A 3 -20.62 -10.63 -17.50
C PHE A 3 -22.13 -10.77 -17.49
N GLY A 4 -22.62 -11.79 -16.80
CA GLY A 4 -23.99 -12.24 -17.05
C GLY A 4 -24.19 -12.58 -18.51
N GLU A 5 -25.20 -12.00 -19.12
CA GLU A 5 -25.48 -12.23 -20.54
C GLU A 5 -24.75 -11.31 -21.49
N PHE A 6 -23.90 -10.43 -20.96
CA PHE A 6 -23.27 -9.40 -21.80
C PHE A 6 -21.80 -9.74 -22.05
N GLY A 7 -21.32 -9.39 -23.24
CA GLY A 7 -19.93 -9.60 -23.59
C GLY A 7 -19.76 -10.47 -24.81
N GLY A 8 -18.94 -11.53 -24.68
CA GLY A 8 -18.66 -12.42 -25.79
C GLY A 8 -17.55 -12.03 -26.75
N GLN A 9 -17.51 -12.73 -27.87
CA GLN A 9 -16.52 -12.52 -28.92
C GLN A 9 -17.18 -12.63 -30.29
N TYR A 10 -17.82 -11.55 -30.74
CA TYR A 10 -18.60 -11.60 -31.98
C TYR A 10 -17.73 -11.10 -33.13
N VAL A 11 -16.85 -11.98 -33.57
CA VAL A 11 -15.81 -11.63 -34.54
C VAL A 11 -15.76 -12.70 -35.62
N PRO A 12 -15.16 -12.38 -36.78
CA PRO A 12 -14.97 -13.48 -37.73
C PRO A 12 -14.09 -14.59 -37.16
N GLU A 13 -14.26 -15.81 -37.67
CA GLU A 13 -13.49 -16.96 -37.21
C GLU A 13 -11.97 -16.73 -37.26
N THR A 14 -11.51 -15.96 -38.23
CA THR A 14 -10.08 -15.65 -38.37
C THR A 14 -9.48 -14.95 -37.14
N LEU A 15 -10.32 -14.33 -36.31
CA LEU A 15 -9.81 -13.61 -35.11
C LEU A 15 -9.86 -14.43 -33.84
N ILE A 16 -10.39 -15.65 -33.91
CA ILE A 16 -10.53 -16.45 -32.72
C ILE A 16 -9.16 -16.86 -32.15
N GLU A 17 -8.24 -17.30 -32.99
CA GLU A 17 -6.95 -17.73 -32.46
C GLU A 17 -6.06 -16.54 -31.99
N PRO A 18 -6.06 -15.42 -32.73
CA PRO A 18 -5.41 -14.21 -32.21
C PRO A 18 -5.98 -13.75 -30.85
N LEU A 19 -7.29 -13.86 -30.64
CA LEU A 19 -7.85 -13.49 -29.32
C LEU A 19 -7.47 -14.50 -28.26
N LYS A 20 -7.43 -15.79 -28.62
CA LYS A 20 -6.93 -16.81 -27.71
C LYS A 20 -5.46 -16.60 -27.31
N GLU A 21 -4.62 -16.24 -28.27
CA GLU A 21 -3.21 -15.96 -27.98
C GLU A 21 -3.07 -14.72 -27.10
N LEU A 22 -3.90 -13.70 -27.36
CA LEU A 22 -3.92 -12.51 -26.47
C LEU A 22 -4.30 -12.85 -25.03
N GLU A 23 -5.38 -13.62 -24.85
CA GLU A 23 -5.80 -14.03 -23.51
C GLU A 23 -4.72 -14.86 -22.82
N LYS A 24 -4.14 -15.82 -23.54
CA LYS A 24 -3.11 -16.70 -22.96
C LYS A 24 -1.91 -15.88 -22.47
N ALA A 25 -1.45 -14.97 -23.31
CA ALA A 25 -0.34 -14.08 -22.94
C ALA A 25 -0.72 -13.19 -21.77
N TYR A 26 -1.93 -12.63 -21.80
CA TYR A 26 -2.35 -11.76 -20.72
C TYR A 26 -2.36 -12.50 -19.36
N LYS A 27 -2.90 -13.71 -19.33
CA LYS A 27 -2.93 -14.50 -18.10
C LYS A 27 -1.55 -14.85 -17.60
N ARG A 28 -0.60 -15.01 -18.51
CA ARG A 28 0.78 -15.31 -18.13
C ARG A 28 1.53 -14.08 -17.61
N PHE A 29 1.18 -12.90 -18.13
CA PHE A 29 1.97 -11.72 -17.81
C PHE A 29 1.35 -10.85 -16.73
N LYS A 30 0.04 -10.91 -16.54
CA LYS A 30 -0.61 -9.95 -15.68
C LYS A 30 -0.09 -9.94 -14.23
N ASP A 31 0.29 -11.10 -13.72
CA ASP A 31 0.86 -11.23 -12.36
C ASP A 31 2.37 -11.55 -12.37
N ASP A 32 2.99 -11.45 -13.53
CA ASP A 32 4.40 -11.76 -13.71
C ASP A 32 5.27 -10.68 -13.07
N GLU A 33 6.33 -11.07 -12.38
CA GLU A 33 7.15 -10.08 -11.66
C GLU A 33 7.79 -9.07 -12.64
N GLU A 34 8.37 -9.54 -13.75
CA GLU A 34 9.10 -8.63 -14.63
C GLU A 34 8.13 -7.70 -15.40
N PHE A 35 7.01 -8.25 -15.86
CA PHE A 35 5.99 -7.43 -16.52
C PHE A 35 5.55 -6.30 -15.58
N ASN A 36 5.27 -6.65 -14.32
CA ASN A 36 4.78 -5.68 -13.37
C ASN A 36 5.86 -4.70 -12.91
N ARG A 37 7.10 -5.15 -12.87
CA ARG A 37 8.21 -4.23 -12.57
C ARG A 37 8.26 -3.14 -13.65
N GLN A 38 8.19 -3.56 -14.92
CA GLN A 38 8.26 -2.63 -16.04
C GLN A 38 7.03 -1.73 -16.12
N LEU A 39 5.84 -2.31 -15.94
CA LEU A 39 4.62 -1.53 -15.96
C LEU A 39 4.61 -0.46 -14.88
N ASN A 40 5.01 -0.84 -13.67
CA ASN A 40 5.01 0.10 -12.56
C ASN A 40 6.06 1.19 -12.77
N TYR A 41 7.17 0.83 -13.39
CA TYR A 41 8.26 1.74 -13.68
C TYR A 41 7.77 2.84 -14.63
N TYR A 42 7.11 2.43 -15.71
CA TYR A 42 6.62 3.43 -16.68
C TYR A 42 5.48 4.24 -16.10
N LEU A 43 4.57 3.60 -15.37
CA LEU A 43 3.46 4.35 -14.76
C LEU A 43 4.02 5.42 -13.80
N LYS A 44 5.06 5.07 -13.05
CA LYS A 44 5.65 6.00 -12.06
C LYS A 44 6.46 7.08 -12.74
N THR A 45 7.45 6.70 -13.55
CA THR A 45 8.48 7.68 -13.99
C THR A 45 8.06 8.42 -15.26
N TRP A 46 7.20 7.81 -16.07
CA TRP A 46 6.77 8.44 -17.33
C TRP A 46 5.37 9.03 -17.19
N ALA A 47 4.43 8.27 -16.61
CA ALA A 47 3.06 8.76 -16.48
C ALA A 47 2.81 9.62 -15.26
N GLY A 48 3.61 9.44 -14.21
CA GLY A 48 3.46 10.24 -13.00
C GLY A 48 2.52 9.69 -11.93
N ARG A 49 2.27 8.40 -11.92
CA ARG A 49 1.44 7.79 -10.88
C ARG A 49 2.26 7.66 -9.59
N PRO A 50 1.64 7.70 -8.43
CA PRO A 50 0.20 7.89 -8.23
C PRO A 50 -0.25 9.32 -8.40
N THR A 51 -1.48 9.49 -8.81
CA THR A 51 -2.13 10.78 -8.83
C THR A 51 -2.72 11.04 -7.48
N PRO A 52 -2.83 12.31 -7.11
CA PRO A 52 -3.39 12.57 -5.80
C PRO A 52 -4.89 12.41 -5.69
N LEU A 53 -5.36 12.30 -4.46
CA LEU A 53 -6.78 12.42 -4.13
C LEU A 53 -7.00 13.75 -3.42
N TYR A 54 -7.74 14.66 -4.05
CA TYR A 54 -7.81 16.06 -3.62
C TYR A 54 -9.15 16.35 -2.92
N TYR A 55 -9.10 16.94 -1.73
CA TYR A 55 -10.32 17.36 -1.03
C TYR A 55 -10.73 18.72 -1.54
N ALA A 56 -11.85 18.76 -2.28
CA ALA A 56 -12.38 20.02 -2.78
C ALA A 56 -13.15 20.74 -1.69
N LYS A 57 -12.38 21.40 -0.81
CA LYS A 57 -12.93 21.97 0.41
C LYS A 57 -13.87 23.12 0.12
N ARG A 58 -13.44 24.03 -0.76
N ARG A 58 -13.48 24.05 -0.76
CA ARG A 58 -14.26 25.20 -1.11
CA ARG A 58 -14.34 25.18 -1.03
C ARG A 58 -15.59 24.78 -1.75
C ARG A 58 -15.62 24.77 -1.73
N LEU A 59 -15.53 23.84 -2.69
CA LEU A 59 -16.72 23.30 -3.33
C LEU A 59 -17.63 22.60 -2.31
N THR A 60 -17.04 21.78 -1.44
CA THR A 60 -17.79 21.07 -0.42
C THR A 60 -18.55 22.07 0.47
N GLU A 61 -17.88 23.12 0.89
CA GLU A 61 -18.45 24.04 1.88
C GLU A 61 -19.53 24.90 1.25
N LYS A 62 -19.35 25.25 -0.01
CA LYS A 62 -20.36 26.00 -0.73
C LYS A 62 -21.68 25.22 -0.87
N ILE A 63 -21.57 23.95 -1.19
CA ILE A 63 -22.75 23.12 -1.35
C ILE A 63 -23.36 22.78 0.01
N GLY A 64 -22.53 22.55 1.02
CA GLY A 64 -23.02 22.42 2.40
C GLY A 64 -23.49 21.03 2.79
N GLY A 65 -23.11 20.03 2.00
CA GLY A 65 -23.48 18.65 2.27
C GLY A 65 -22.25 17.77 2.35
N ALA A 66 -22.22 16.71 1.56
CA ALA A 66 -21.17 15.72 1.66
C ALA A 66 -19.81 16.28 1.25
N LYS A 67 -18.77 15.67 1.81
CA LYS A 67 -17.40 15.93 1.39
C LYS A 67 -17.19 15.44 -0.04
N ILE A 68 -16.58 16.29 -0.86
CA ILE A 68 -16.29 15.97 -2.24
C ILE A 68 -14.79 15.86 -2.43
N TYR A 69 -14.33 14.64 -2.71
CA TYR A 69 -12.92 14.39 -3.08
C TYR A 69 -12.85 14.16 -4.59
N LEU A 70 -11.76 14.59 -5.20
CA LEU A 70 -11.50 14.37 -6.60
C LEU A 70 -10.28 13.49 -6.78
N LYS A 71 -10.44 12.39 -7.51
CA LYS A 71 -9.33 11.57 -7.90
C LYS A 71 -8.71 12.17 -9.16
N ARG A 72 -7.47 12.64 -9.05
CA ARG A 72 -6.89 13.57 -10.01
C ARG A 72 -6.22 12.88 -11.20
N GLU A 73 -7.01 12.15 -11.97
CA GLU A 73 -6.48 11.55 -13.20
C GLU A 73 -6.14 12.61 -14.25
N ASP A 74 -6.66 13.82 -14.09
CA ASP A 74 -6.23 14.96 -14.91
C ASP A 74 -4.74 15.25 -14.87
N LEU A 75 -4.07 14.76 -13.83
CA LEU A 75 -2.63 14.94 -13.69
C LEU A 75 -1.76 13.87 -14.32
N VAL A 76 -2.36 12.79 -14.83
N VAL A 76 -2.33 12.79 -14.81
CA VAL A 76 -1.61 11.76 -15.55
CA VAL A 76 -1.51 11.79 -15.46
C VAL A 76 -0.97 12.39 -16.81
C VAL A 76 -0.97 12.37 -16.78
N HIS A 77 0.22 11.92 -17.18
CA HIS A 77 0.84 12.37 -18.44
C HIS A 77 -0.10 12.21 -19.61
N GLY A 78 -0.32 13.30 -20.34
CA GLY A 78 -1.30 13.30 -21.43
C GLY A 78 -2.61 13.95 -21.02
N GLY A 79 -2.86 14.01 -19.73
CA GLY A 79 -4.01 14.72 -19.20
C GLY A 79 -5.29 13.90 -19.09
N ALA A 80 -5.18 12.61 -19.27
CA ALA A 80 -6.36 11.73 -19.13
C ALA A 80 -6.00 10.31 -18.72
N HIS A 81 -6.96 9.65 -18.09
CA HIS A 81 -6.77 8.28 -17.62
C HIS A 81 -6.48 7.30 -18.74
N THR A 83 -4.17 7.04 -20.67
CA THR A 83 -2.77 6.66 -20.67
C THR A 83 -2.49 5.36 -19.89
N ASN A 84 -3.23 5.13 -18.80
CA ASN A 84 -2.97 3.92 -17.98
C ASN A 84 -3.09 2.65 -18.84
N ASN A 85 -4.17 2.59 -19.63
CA ASN A 85 -4.47 1.45 -20.48
C ASN A 85 -3.55 1.41 -21.69
N ALA A 86 -3.25 2.58 -22.25
CA ALA A 86 -2.36 2.62 -23.41
C ALA A 86 -0.99 2.04 -23.07
N ILE A 87 -0.45 2.41 -21.91
CA ILE A 87 0.83 1.88 -21.47
C ILE A 87 0.71 0.39 -21.22
N GLY A 88 -0.30 -0.03 -20.47
CA GLY A 88 -0.46 -1.44 -20.15
C GLY A 88 -0.51 -2.34 -21.38
N GLN A 89 -1.37 -1.97 -22.34
CA GLN A 89 -1.52 -2.78 -23.54
C GLN A 89 -0.30 -2.67 -24.47
N ALA A 90 0.32 -1.51 -24.56
CA ALA A 90 1.50 -1.38 -25.40
C ALA A 90 2.61 -2.26 -24.83
N LEU A 91 2.75 -2.27 -23.51
CA LEU A 91 3.79 -3.10 -22.88
C LEU A 91 3.47 -4.57 -23.04
N LEU A 92 2.21 -4.93 -22.89
CA LEU A 92 1.80 -6.30 -23.17
C LEU A 92 2.18 -6.71 -24.59
N ALA A 93 1.83 -5.87 -25.57
CA ALA A 93 2.20 -6.13 -26.95
C ALA A 93 3.71 -6.35 -27.10
N LYS A 94 4.51 -5.50 -26.48
CA LYS A 94 5.96 -5.63 -26.57
C LYS A 94 6.46 -6.94 -25.95
N PHE A 95 5.87 -7.33 -24.82
CA PHE A 95 6.22 -8.59 -24.17
C PHE A 95 5.81 -9.80 -25.04
N MET A 96 4.78 -9.62 -25.86
CA MET A 96 4.34 -10.64 -26.80
C MET A 96 5.18 -10.68 -28.08
N GLY A 97 6.10 -9.74 -28.23
CA GLY A 97 6.97 -9.69 -29.41
C GLY A 97 6.41 -8.88 -30.56
N LYS A 98 5.31 -8.15 -30.34
CA LYS A 98 4.71 -7.36 -31.39
C LYS A 98 5.55 -6.10 -31.61
N THR A 99 5.53 -5.58 -32.83
CA THR A 99 6.32 -4.41 -33.17
C THR A 99 5.45 -3.23 -33.56
N ARG A 100 4.14 -3.47 -33.71
CA ARG A 100 3.22 -2.45 -34.25
C ARG A 100 1.95 -2.38 -33.42
N LEU A 101 1.43 -1.17 -33.25
CA LEU A 101 0.12 -0.95 -32.63
C LEU A 101 -0.82 -0.33 -33.64
N ILE A 102 -2.08 -0.81 -33.66
CA ILE A 102 -3.17 -0.08 -34.31
C ILE A 102 -4.28 0.25 -33.33
N ALA A 103 -5.04 1.28 -33.65
CA ALA A 103 -6.16 1.69 -32.84
C ALA A 103 -7.10 2.50 -33.71
N GLU A 104 -8.31 2.68 -33.23
CA GLU A 104 -9.27 3.63 -33.82
C GLU A 104 -9.53 4.74 -32.84
N THR A 105 -9.98 5.89 -33.36
CA THR A 105 -10.33 6.99 -32.52
C THR A 105 -11.42 7.83 -33.20
N GLY A 106 -12.28 8.43 -32.37
CA GLY A 106 -13.29 9.40 -32.84
C GLY A 106 -12.87 10.80 -32.50
N ALA A 107 -12.83 11.09 -31.21
CA ALA A 107 -12.44 12.40 -30.70
C ALA A 107 -10.95 12.66 -30.93
N GLY A 108 -10.16 11.60 -31.09
CA GLY A 108 -8.71 11.73 -31.20
C GLY A 108 -7.98 11.40 -29.90
N GLN A 109 -8.72 11.30 -28.81
CA GLN A 109 -8.12 11.23 -27.47
C GLN A 109 -7.43 9.86 -27.27
N HIS A 110 -8.11 8.78 -27.63
CA HIS A 110 -7.46 7.50 -27.56
C HIS A 110 -6.33 7.35 -28.60
N GLY A 111 -6.48 7.99 -29.76
CA GLY A 111 -5.41 7.98 -30.74
C GLY A 111 -4.15 8.63 -30.20
N VAL A 112 -4.32 9.74 -29.50
CA VAL A 112 -3.18 10.41 -28.86
C VAL A 112 -2.54 9.54 -27.78
N ALA A 113 -3.39 8.90 -26.93
CA ALA A 113 -2.85 8.04 -25.88
C ALA A 113 -2.04 6.89 -26.48
N THR A 114 -2.60 6.28 -27.53
CA THR A 114 -1.93 5.16 -28.20
C THR A 114 -0.62 5.63 -28.83
N ALA A 115 -0.64 6.76 -29.51
CA ALA A 115 0.57 7.31 -30.09
C ALA A 115 1.66 7.59 -29.03
N MET A 116 1.27 8.13 -27.88
CA MET A 116 2.25 8.43 -26.80
C MET A 116 2.93 7.15 -26.33
N ALA A 117 2.11 6.12 -26.04
CA ALA A 117 2.65 4.88 -25.50
C ALA A 117 3.51 4.16 -26.54
N GLY A 118 3.11 4.19 -27.81
CA GLY A 118 3.89 3.57 -28.88
C GLY A 118 5.24 4.24 -29.03
N ALA A 119 5.25 5.57 -28.92
CA ALA A 119 6.50 6.30 -29.03
C ALA A 119 7.41 5.92 -27.86
N LEU A 120 6.87 5.91 -26.65
CA LEU A 120 7.64 5.49 -25.47
C LEU A 120 8.35 4.16 -25.67
N LEU A 121 7.60 3.18 -26.18
CA LEU A 121 8.13 1.80 -26.28
C LEU A 121 8.73 1.47 -27.63
N GLY A 122 8.87 2.47 -28.51
CA GLY A 122 9.56 2.29 -29.78
C GLY A 122 8.79 1.40 -30.74
N MET A 123 7.46 1.52 -30.70
CA MET A 123 6.62 0.74 -31.58
CA MET A 123 6.54 0.75 -31.55
C MET A 123 6.14 1.59 -32.74
N LYS A 124 5.89 0.94 -33.87
CA LYS A 124 5.19 1.56 -34.99
CA LYS A 124 5.18 1.57 -35.00
C LYS A 124 3.72 1.74 -34.62
N VAL A 125 3.14 2.92 -34.91
CA VAL A 125 1.72 3.18 -34.57
C VAL A 125 0.92 3.70 -35.76
N ASP A 126 -0.16 3.00 -36.11
CA ASP A 126 -1.13 3.44 -37.12
C ASP A 126 -2.49 3.63 -36.47
N ILE A 127 -3.13 4.76 -36.72
CA ILE A 127 -4.41 5.09 -36.12
C ILE A 127 -5.46 5.29 -37.20
N TYR A 128 -6.53 4.51 -37.13
CA TYR A 128 -7.68 4.69 -38.03
C TYR A 128 -8.65 5.72 -37.49
N MET A 129 -9.10 6.64 -38.34
CA MET A 129 -9.96 7.71 -37.91
C MET A 129 -10.89 8.07 -39.07
N GLY A 130 -12.19 8.07 -38.82
CA GLY A 130 -13.15 8.51 -39.83
C GLY A 130 -12.77 9.88 -40.35
N ALA A 131 -12.87 10.06 -41.67
CA ALA A 131 -12.38 11.29 -42.32
C ALA A 131 -13.11 12.54 -41.82
N GLU A 132 -14.38 12.39 -41.45
CA GLU A 132 -15.13 13.50 -40.86
C GLU A 132 -14.50 13.95 -39.54
N ASP A 133 -14.07 12.97 -38.73
CA ASP A 133 -13.43 13.28 -37.47
C ASP A 133 -12.03 13.85 -37.66
N VAL A 134 -11.30 13.35 -38.66
CA VAL A 134 -9.98 13.90 -39.01
C VAL A 134 -10.08 15.42 -39.26
N GLU A 135 -11.09 15.79 -40.05
N GLU A 135 -11.05 15.84 -40.05
CA GLU A 135 -11.35 17.16 -40.45
CA GLU A 135 -11.13 17.25 -40.38
C GLU A 135 -11.61 18.05 -39.21
C GLU A 135 -11.65 18.11 -39.21
N ARG A 136 -12.43 17.53 -38.30
CA ARG A 136 -12.92 18.29 -37.13
C ARG A 136 -11.86 18.41 -36.03
N GLN A 137 -11.04 17.39 -35.87
CA GLN A 137 -10.09 17.30 -34.74
C GLN A 137 -8.65 17.66 -35.19
N LYS A 138 -8.48 18.89 -35.68
CA LYS A 138 -7.18 19.35 -36.23
C LYS A 138 -6.04 19.18 -35.23
N MET A 139 -6.28 19.53 -33.97
CA MET A 139 -5.20 19.54 -32.99
C MET A 139 -4.82 18.13 -32.54
N ASN A 140 -5.78 17.24 -32.36
CA ASN A 140 -5.44 15.86 -32.00
C ASN A 140 -4.76 15.13 -33.16
N VAL A 141 -5.17 15.43 -34.39
CA VAL A 141 -4.52 14.84 -35.56
C VAL A 141 -3.03 15.27 -35.63
N PHE A 142 -2.79 16.54 -35.37
CA PHE A 142 -1.42 17.06 -35.31
C PHE A 142 -0.62 16.44 -34.17
N ARG A 143 -1.23 16.32 -32.99
CA ARG A 143 -0.58 15.69 -31.84
CA ARG A 143 -0.60 15.67 -31.84
C ARG A 143 -0.13 14.27 -32.23
N MET A 144 -1.04 13.49 -32.82
CA MET A 144 -0.72 12.13 -33.22
C MET A 144 0.48 12.11 -34.16
N LYS A 145 0.53 13.00 -35.14
CA LYS A 145 1.66 13.06 -36.04
C LYS A 145 2.96 13.47 -35.36
N LEU A 146 2.88 14.46 -34.49
CA LEU A 146 4.01 14.89 -33.72
CA LEU A 146 4.04 14.88 -33.71
C LEU A 146 4.63 13.73 -32.91
N LEU A 147 3.75 12.86 -32.41
CA LEU A 147 4.18 11.71 -31.60
C LEU A 147 4.65 10.54 -32.45
N GLY A 148 4.63 10.72 -33.76
CA GLY A 148 5.20 9.74 -34.68
C GLY A 148 4.23 8.71 -35.21
N ALA A 149 2.94 8.86 -34.91
CA ALA A 149 1.92 7.96 -35.44
C ALA A 149 1.47 8.38 -36.83
N ASN A 150 0.95 7.40 -37.56
CA ASN A 150 0.38 7.64 -38.87
C ASN A 150 -1.13 7.58 -38.74
N VAL A 151 -1.78 8.69 -39.07
CA VAL A 151 -3.23 8.75 -39.01
C VAL A 151 -3.78 8.37 -40.37
N ILE A 152 -4.61 7.33 -40.39
CA ILE A 152 -5.19 6.83 -41.63
C ILE A 152 -6.65 7.24 -41.71
N PRO A 153 -6.98 8.22 -42.58
CA PRO A 153 -8.38 8.61 -42.71
C PRO A 153 -9.22 7.50 -43.32
N VAL A 154 -10.42 7.31 -42.81
CA VAL A 154 -11.31 6.30 -43.34
C VAL A 154 -12.44 7.00 -44.09
N ASN A 155 -12.46 6.81 -45.41
CA ASN A 155 -13.33 7.61 -46.30
C ASN A 155 -14.63 6.90 -46.66
N SER A 156 -14.79 5.67 -46.19
CA SER A 156 -15.91 4.83 -46.55
C SER A 156 -17.06 4.95 -45.54
N GLY A 157 -18.24 4.46 -45.93
CA GLY A 157 -19.38 4.45 -45.02
C GLY A 157 -19.75 5.87 -44.65
N SER A 158 -19.96 6.13 -43.37
CA SER A 158 -20.30 7.49 -42.91
C SER A 158 -19.06 8.32 -42.52
N ARG A 159 -17.86 7.78 -42.78
CA ARG A 159 -16.60 8.47 -42.49
C ARG A 159 -16.45 8.86 -41.01
N THR A 160 -17.01 8.05 -40.12
CA THR A 160 -16.92 8.29 -38.68
C THR A 160 -16.45 7.02 -37.92
N LEU A 161 -16.61 7.04 -36.61
CA LEU A 161 -15.99 6.03 -35.74
C LEU A 161 -16.33 4.58 -36.11
N LYS A 162 -17.59 4.30 -36.45
CA LYS A 162 -17.99 2.92 -36.82
C LYS A 162 -17.16 2.41 -37.99
N ASP A 163 -16.80 3.33 -38.88
CA ASP A 163 -16.05 2.98 -40.08
C ASP A 163 -14.57 2.76 -39.79
N ALA A 164 -14.03 3.56 -38.86
CA ALA A 164 -12.69 3.33 -38.35
C ALA A 164 -12.57 2.01 -37.62
N ILE A 165 -13.55 1.70 -36.79
CA ILE A 165 -13.58 0.40 -36.09
C ILE A 165 -13.53 -0.77 -37.11
N ASN A 166 -14.33 -0.69 -38.16
CA ASN A 166 -14.33 -1.76 -39.17
C ASN A 166 -12.98 -1.91 -39.89
N GLU A 167 -12.34 -0.79 -40.19
CA GLU A 167 -11.04 -0.83 -40.86
C GLU A 167 -9.96 -1.39 -39.94
N ALA A 168 -9.98 -0.99 -38.67
CA ALA A 168 -9.02 -1.51 -37.71
C ALA A 168 -9.12 -3.03 -37.60
N LEU A 169 -10.35 -3.54 -37.49
CA LEU A 169 -10.58 -4.98 -37.42
C LEU A 169 -10.07 -5.69 -38.70
N ARG A 170 -10.37 -5.12 -39.85
CA ARG A 170 -9.84 -5.66 -41.12
C ARG A 170 -8.32 -5.72 -41.15
N ASP A 171 -7.68 -4.66 -40.65
CA ASP A 171 -6.24 -4.63 -40.58
C ASP A 171 -5.73 -5.72 -39.63
N TRP A 172 -6.36 -5.84 -38.45
CA TRP A 172 -5.85 -6.80 -37.45
C TRP A 172 -5.94 -8.24 -37.96
N VAL A 173 -7.02 -8.55 -38.68
CA VAL A 173 -7.15 -9.88 -39.34
C VAL A 173 -5.87 -10.23 -40.13
N ALA A 174 -5.34 -9.24 -40.86
CA ALA A 174 -4.19 -9.43 -41.75
C ALA A 174 -2.85 -9.39 -41.04
N THR A 175 -2.76 -8.64 -39.93
CA THR A 175 -1.46 -8.26 -39.38
C THR A 175 -1.19 -8.69 -37.94
N PHE A 176 -2.09 -9.47 -37.36
CA PHE A 176 -1.99 -9.83 -35.93
C PHE A 176 -0.67 -10.52 -35.51
N GLU A 177 0.04 -11.18 -36.44
CA GLU A 177 1.33 -11.83 -36.05
C GLU A 177 2.32 -10.83 -35.47
N TYR A 178 2.28 -9.57 -35.94
CA TYR A 178 3.20 -8.56 -35.45
C TYR A 178 2.51 -7.30 -34.90
N THR A 179 1.17 -7.24 -35.01
CA THR A 179 0.39 -6.06 -34.62
C THR A 179 -0.54 -6.37 -33.44
N HIS A 180 -0.54 -5.49 -32.45
CA HIS A 180 -1.55 -5.48 -31.40
C HIS A 180 -2.61 -4.42 -31.69
N TYR A 181 -3.86 -4.84 -31.59
CA TYR A 181 -5.01 -3.93 -31.67
C TYR A 181 -5.27 -3.36 -30.28
N LEU A 182 -4.99 -2.06 -30.11
CA LEU A 182 -5.08 -1.44 -28.81
C LEU A 182 -6.47 -0.78 -28.62
N ILE A 183 -7.38 -1.52 -28.02
CA ILE A 183 -8.72 -1.02 -27.80
C ILE A 183 -8.69 -0.08 -26.60
N GLY A 184 -9.46 1.01 -26.72
CA GLY A 184 -9.33 2.12 -25.82
C GLY A 184 -10.29 2.26 -24.66
N SER A 185 -11.28 1.39 -24.58
CA SER A 185 -12.22 1.40 -23.49
C SER A 185 -12.54 -0.05 -23.12
N VAL A 186 -13.48 -0.24 -22.19
CA VAL A 186 -13.82 -1.58 -21.68
C VAL A 186 -14.85 -2.22 -22.60
N VAL A 187 -14.48 -2.29 -23.86
CA VAL A 187 -15.34 -2.67 -24.96
C VAL A 187 -14.58 -3.60 -25.87
N GLY A 188 -15.27 -4.10 -26.90
CA GLY A 188 -14.64 -5.04 -27.81
C GLY A 188 -14.91 -6.47 -27.42
N PRO A 189 -14.38 -7.43 -28.23
CA PRO A 189 -14.50 -8.84 -27.88
C PRO A 189 -13.64 -9.18 -26.67
N HIS A 190 -14.05 -10.15 -25.88
CA HIS A 190 -13.16 -10.74 -24.87
C HIS A 190 -11.80 -11.08 -25.53
N PRO A 191 -10.66 -10.74 -24.90
CA PRO A 191 -10.56 -10.38 -23.48
C PRO A 191 -10.43 -8.88 -23.22
N TYR A 192 -10.76 -8.02 -24.18
CA TYR A 192 -10.49 -6.60 -24.01
C TYR A 192 -11.25 -5.90 -22.85
N PRO A 193 -12.55 -6.18 -22.67
CA PRO A 193 -13.23 -5.52 -21.54
C PRO A 193 -12.57 -5.81 -20.19
N THR A 194 -12.07 -7.02 -20.02
CA THR A 194 -11.39 -7.44 -18.83
C THR A 194 -9.99 -6.80 -18.70
N ILE A 195 -9.21 -6.90 -19.76
CA ILE A 195 -7.88 -6.31 -19.74
C ILE A 195 -7.94 -4.81 -19.47
N VAL A 196 -8.80 -4.09 -20.17
CA VAL A 196 -8.82 -2.62 -19.99
C VAL A 196 -9.23 -2.26 -18.56
N ARG A 197 -10.23 -2.95 -18.03
CA ARG A 197 -10.65 -2.72 -16.66
C ARG A 197 -9.49 -3.02 -15.70
N ASP A 198 -8.78 -4.11 -15.94
CA ASP A 198 -7.64 -4.42 -15.09
C ASP A 198 -6.56 -3.30 -15.13
N PHE A 199 -6.27 -2.78 -16.30
CA PHE A 199 -5.23 -1.77 -16.42
C PHE A 199 -5.71 -0.40 -15.91
N GLN A 200 -7.00 -0.18 -15.74
CA GLN A 200 -7.48 1.05 -15.13
C GLN A 200 -7.74 0.92 -13.64
N SER A 201 -7.70 -0.30 -13.10
CA SER A 201 -8.08 -0.51 -11.69
CA SER A 201 -8.09 -0.49 -11.70
C SER A 201 -7.07 0.13 -10.72
N VAL A 202 -5.89 0.45 -11.21
CA VAL A 202 -4.94 1.23 -10.42
C VAL A 202 -5.58 2.52 -9.91
N ILE A 203 -6.48 3.11 -10.67
CA ILE A 203 -7.15 4.33 -10.20
C ILE A 203 -7.88 4.07 -8.86
N GLY A 204 -8.69 3.01 -8.85
CA GLY A 204 -9.46 2.70 -7.67
C GLY A 204 -8.63 2.16 -6.53
N ARG A 205 -7.57 1.42 -6.84
CA ARG A 205 -6.72 0.92 -5.82
C ARG A 205 -6.03 2.09 -5.09
N GLU A 206 -5.50 3.04 -5.83
CA GLU A 206 -4.92 4.25 -5.21
C GLU A 206 -5.99 5.00 -4.41
N ALA A 207 -7.16 5.20 -5.03
CA ALA A 207 -8.21 6.01 -4.40
C ALA A 207 -8.63 5.42 -3.07
N LYS A 208 -8.76 4.09 -3.02
CA LYS A 208 -9.14 3.37 -1.78
C LYS A 208 -8.12 3.61 -0.68
N ALA A 209 -6.84 3.44 -1.01
CA ALA A 209 -5.77 3.67 -0.03
C ALA A 209 -5.76 5.13 0.44
N GLN A 210 -5.97 6.05 -0.50
CA GLN A 210 -5.94 7.47 -0.23
C GLN A 210 -7.10 7.94 0.64
N ILE A 211 -8.31 7.42 0.41
CA ILE A 211 -9.44 7.88 1.20
C ILE A 211 -9.37 7.29 2.61
N LEU A 212 -8.82 6.09 2.74
CA LEU A 212 -8.60 5.50 4.07
C LEU A 212 -7.61 6.34 4.86
N GLU A 213 -6.58 6.85 4.19
CA GLU A 213 -5.56 7.67 4.86
C GLU A 213 -6.15 9.02 5.24
N ALA A 214 -6.94 9.61 4.35
CA ALA A 214 -7.52 10.94 4.56
C ALA A 214 -8.65 10.95 5.56
N GLU A 215 -9.54 9.97 5.48
CA GLU A 215 -10.81 10.00 6.26
C GLU A 215 -10.99 8.80 7.20
N GLY A 216 -10.12 7.79 7.12
CA GLY A 216 -10.27 6.59 7.96
C GLY A 216 -11.48 5.73 7.65
N GLN A 217 -12.09 5.93 6.50
CA GLN A 217 -13.19 5.08 6.07
C GLN A 217 -13.35 5.08 4.56
N LEU A 218 -14.18 4.16 4.07
CA LEU A 218 -14.51 4.12 2.65
C LEU A 218 -15.53 5.21 2.28
N PRO A 219 -15.59 5.56 0.99
CA PRO A 219 -16.55 6.55 0.56
C PRO A 219 -17.97 6.03 0.61
N ASP A 220 -18.92 6.94 0.71
CA ASP A 220 -20.32 6.56 0.57
C ASP A 220 -20.73 6.39 -0.89
N VAL A 221 -20.15 7.17 -1.79
CA VAL A 221 -20.49 7.14 -3.20
C VAL A 221 -19.24 7.40 -4.03
N ILE A 222 -19.11 6.68 -5.14
CA ILE A 222 -18.13 6.99 -6.18
C ILE A 222 -18.86 7.35 -7.45
N VAL A 223 -18.50 8.48 -8.04
CA VAL A 223 -19.13 8.99 -9.25
C VAL A 223 -18.13 9.10 -10.38
N ALA A 224 -18.44 8.52 -11.53
CA ALA A 224 -17.58 8.60 -12.68
C ALA A 224 -18.39 8.78 -13.97
N CYS A 225 -17.87 9.55 -14.91
CA CYS A 225 -18.53 9.61 -16.22
C CYS A 225 -18.30 8.31 -16.99
N VAL A 226 -19.21 8.03 -17.92
CA VAL A 226 -19.21 6.78 -18.69
C VAL A 226 -19.40 7.08 -20.16
N GLY A 227 -18.34 6.84 -20.93
CA GLY A 227 -18.41 6.72 -22.35
C GLY A 227 -18.58 5.22 -22.61
N GLY A 228 -17.53 4.61 -23.05
CA GLY A 228 -17.42 3.15 -23.08
C GLY A 228 -17.37 2.54 -21.69
N GLY A 229 -16.74 3.27 -20.74
CA GLY A 229 -16.80 2.89 -19.36
C GLY A 229 -15.49 2.58 -18.64
N SER A 230 -14.34 2.92 -19.23
CA SER A 230 -13.05 2.52 -18.66
C SER A 230 -12.62 3.29 -17.41
N ASN A 231 -12.80 4.61 -17.37
CA ASN A 231 -12.42 5.32 -16.15
C ASN A 231 -13.34 4.95 -15.01
N ALA A 232 -14.61 4.70 -15.33
CA ALA A 232 -15.57 4.28 -14.30
C ALA A 232 -15.26 2.88 -13.77
N MET A 233 -15.00 1.92 -14.67
CA MET A 233 -14.56 0.59 -14.18
C MET A 233 -13.29 0.64 -13.37
N GLY A 234 -12.36 1.49 -13.77
CA GLY A 234 -11.10 1.55 -13.08
C GLY A 234 -11.25 2.02 -11.65
N ILE A 235 -12.09 3.02 -11.43
CA ILE A 235 -12.31 3.48 -10.07
C ILE A 235 -13.29 2.60 -9.28
N PHE A 236 -14.26 1.99 -9.99
CA PHE A 236 -15.34 1.20 -9.32
C PHE A 236 -14.77 -0.13 -8.82
N TYR A 237 -13.98 -0.78 -9.67
CA TYR A 237 -13.74 -2.22 -9.51
C TYR A 237 -13.20 -2.61 -8.15
N PRO A 238 -12.20 -1.87 -7.61
CA PRO A 238 -11.68 -2.25 -6.30
C PRO A 238 -12.65 -2.08 -5.13
N PHE A 239 -13.78 -1.38 -5.36
CA PHE A 239 -14.80 -1.21 -4.34
C PHE A 239 -16.04 -2.10 -4.54
N VAL A 240 -16.05 -2.94 -5.56
CA VAL A 240 -17.28 -3.67 -5.91
C VAL A 240 -17.74 -4.57 -4.77
N ASN A 241 -16.78 -5.13 -4.04
CA ASN A 241 -17.13 -6.04 -2.94
C ASN A 241 -17.26 -5.33 -1.59
N ASP A 242 -17.14 -3.99 -1.59
CA ASP A 242 -17.51 -3.18 -0.41
C ASP A 242 -18.96 -2.73 -0.52
N LYS A 243 -19.85 -3.49 0.09
CA LYS A 243 -21.29 -3.41 -0.22
C LYS A 243 -21.87 -2.02 0.05
N LYS A 244 -21.31 -1.33 1.03
CA LYS A 244 -21.79 -0.02 1.48
C LYS A 244 -21.49 1.11 0.46
N VAL A 245 -20.55 0.88 -0.46
CA VAL A 245 -20.10 1.93 -1.37
C VAL A 245 -20.97 1.97 -2.61
N LYS A 246 -21.72 3.06 -2.75
CA LYS A 246 -22.58 3.26 -3.90
CA LYS A 246 -22.58 3.25 -3.90
C LYS A 246 -21.70 3.62 -5.10
N LEU A 247 -22.08 3.12 -6.27
CA LEU A 247 -21.34 3.37 -7.49
C LEU A 247 -22.31 3.98 -8.47
N VAL A 248 -21.95 5.14 -8.98
CA VAL A 248 -22.81 5.89 -9.90
C VAL A 248 -22.01 6.20 -11.17
N GLY A 249 -22.50 5.73 -12.31
CA GLY A 249 -21.94 6.12 -13.62
C GLY A 249 -22.78 7.19 -14.30
N VAL A 250 -22.14 8.18 -14.92
CA VAL A 250 -22.86 9.33 -15.47
C VAL A 250 -22.64 9.39 -16.98
N GLU A 251 -23.75 9.19 -17.71
CA GLU A 251 -23.72 9.22 -19.16
C GLU A 251 -24.06 10.61 -19.66
N ALA A 252 -23.72 10.86 -20.91
CA ALA A 252 -23.97 12.12 -21.57
C ALA A 252 -25.44 12.25 -21.95
N GLY A 253 -26.13 13.18 -21.32
CA GLY A 253 -27.53 13.52 -21.69
C GLY A 253 -27.67 14.49 -22.85
N GLY A 254 -26.57 15.10 -23.27
CA GLY A 254 -26.55 15.88 -24.51
C GLY A 254 -27.49 17.08 -24.43
N LYS A 255 -28.35 17.20 -25.45
CA LYS A 255 -29.38 18.26 -25.44
C LYS A 255 -30.62 17.83 -24.68
N GLY A 256 -30.57 16.66 -24.06
CA GLY A 256 -31.69 16.10 -23.33
C GLY A 256 -32.10 14.76 -23.93
N LEU A 257 -32.57 13.86 -23.08
CA LEU A 257 -32.88 12.51 -23.53
C LEU A 257 -34.01 12.46 -24.53
N GLU A 258 -34.93 13.41 -24.44
CA GLU A 258 -36.06 13.46 -25.37
C GLU A 258 -35.73 14.20 -26.66
N SER A 259 -34.47 14.59 -26.84
CA SER A 259 -34.06 15.47 -27.93
C SER A 259 -33.53 14.71 -29.14
N GLY A 260 -33.17 13.44 -28.96
CA GLY A 260 -32.44 12.71 -29.99
C GLY A 260 -30.94 12.96 -30.07
N LYS A 261 -30.40 13.85 -29.22
CA LYS A 261 -29.00 14.25 -29.28
C LYS A 261 -28.34 13.99 -27.92
N HIS A 262 -27.93 12.75 -27.70
CA HIS A 262 -27.24 12.36 -26.46
C HIS A 262 -26.36 11.14 -26.75
N SER A 263 -25.72 10.61 -25.72
CA SER A 263 -24.92 9.41 -25.87
C SER A 263 -25.15 8.49 -24.66
N ALA A 264 -26.42 8.28 -24.31
CA ALA A 264 -26.76 7.57 -23.09
C ALA A 264 -27.26 6.15 -23.41
N SER A 265 -26.31 5.26 -23.68
CA SER A 265 -26.63 3.89 -24.12
C SER A 265 -27.34 3.07 -23.07
N LEU A 266 -26.89 3.14 -21.83
CA LEU A 266 -27.56 2.40 -20.75
C LEU A 266 -28.95 2.91 -20.49
N ASN A 267 -29.11 4.23 -20.45
CA ASN A 267 -30.41 4.82 -20.11
C ASN A 267 -31.41 4.75 -21.26
N ALA A 268 -30.93 4.88 -22.49
CA ALA A 268 -31.85 5.04 -23.62
C ALA A 268 -31.59 4.07 -24.78
N GLY A 269 -30.56 3.23 -24.66
CA GLY A 269 -30.20 2.33 -25.73
C GLY A 269 -30.91 0.99 -25.57
N GLN A 270 -30.43 -0.01 -26.29
CA GLN A 270 -31.06 -1.33 -26.29
C GLN A 270 -29.96 -2.35 -26.48
N VAL A 271 -30.26 -3.60 -26.20
CA VAL A 271 -29.29 -4.68 -26.39
CA VAL A 271 -29.25 -4.65 -26.39
C VAL A 271 -29.00 -4.86 -27.89
N GLY A 272 -27.76 -5.16 -28.22
CA GLY A 272 -27.36 -5.37 -29.58
C GLY A 272 -25.92 -5.83 -29.63
N VAL A 273 -25.46 -6.11 -30.84
CA VAL A 273 -24.10 -6.59 -31.06
C VAL A 273 -23.36 -5.61 -31.95
N PHE A 274 -22.20 -5.14 -31.48
CA PHE A 274 -21.37 -4.21 -32.22
C PHE A 274 -19.97 -4.23 -31.57
N HIS A 275 -18.94 -3.98 -32.38
CA HIS A 275 -17.55 -4.00 -31.90
C HIS A 275 -17.19 -5.34 -31.26
N GLY A 276 -17.80 -6.43 -31.70
CA GLY A 276 -17.47 -7.75 -31.17
C GLY A 276 -18.04 -8.10 -29.79
N MET A 277 -19.01 -7.33 -29.31
CA MET A 277 -19.61 -7.56 -28.00
C MET A 277 -21.13 -7.45 -28.04
N LEU A 278 -21.76 -8.18 -27.13
CA LEU A 278 -23.18 -8.04 -26.84
CA LEU A 278 -23.17 -8.03 -26.84
C LEU A 278 -23.33 -7.12 -25.63
N SER A 279 -23.91 -5.94 -25.84
CA SER A 279 -24.10 -4.98 -24.76
C SER A 279 -25.21 -4.01 -25.13
N TYR A 280 -25.25 -2.85 -24.46
CA TYR A 280 -26.20 -1.81 -24.81
C TYR A 280 -25.60 -0.84 -25.83
N PHE A 281 -26.36 -0.54 -26.88
CA PHE A 281 -25.96 0.36 -27.97
C PHE A 281 -27.09 1.30 -28.32
N LEU A 282 -26.73 2.42 -28.91
CA LEU A 282 -27.70 3.32 -29.53
C LEU A 282 -27.81 3.00 -31.01
N GLN A 283 -28.91 2.33 -31.37
CA GLN A 283 -29.06 1.65 -32.66
C GLN A 283 -30.45 1.96 -33.20
N ASP A 284 -30.56 2.21 -34.50
CA ASP A 284 -31.87 2.56 -35.09
C ASP A 284 -32.70 1.30 -35.35
N GLU A 285 -33.86 1.47 -35.98
CA GLU A 285 -34.83 0.39 -36.08
C GLU A 285 -34.40 -0.70 -37.07
N GLU A 286 -33.38 -0.39 -37.90
CA GLU A 286 -32.74 -1.39 -38.76
C GLU A 286 -31.39 -1.91 -38.23
N GLY A 287 -31.12 -1.67 -36.95
CA GLY A 287 -29.98 -2.32 -36.28
C GLY A 287 -28.67 -1.59 -36.51
N GLN A 288 -28.74 -0.41 -37.12
CA GLN A 288 -27.55 0.37 -37.45
C GLN A 288 -27.23 1.32 -36.31
N ILE A 289 -25.94 1.40 -36.01
CA ILE A 289 -25.44 2.24 -34.94
C ILE A 289 -25.78 3.70 -35.28
N LYS A 290 -26.37 4.44 -34.32
CA LYS A 290 -26.80 5.84 -34.53
C LYS A 290 -25.65 6.84 -34.26
N PRO A 291 -25.74 8.02 -34.87
CA PRO A 291 -24.88 9.10 -34.42
C PRO A 291 -25.17 9.51 -32.96
N THR A 292 -24.13 9.87 -32.24
CA THR A 292 -24.28 10.33 -30.87
C THR A 292 -23.95 11.81 -30.78
N HIS A 293 -24.35 12.43 -29.68
CA HIS A 293 -23.94 13.80 -29.39
C HIS A 293 -23.63 14.01 -27.93
N SER A 294 -22.52 14.71 -27.67
CA SER A 294 -22.25 15.29 -26.38
C SER A 294 -21.37 16.50 -26.60
N ILE A 295 -21.49 17.50 -25.75
CA ILE A 295 -20.53 18.60 -25.75
C ILE A 295 -19.13 18.04 -25.42
N ALA A 296 -19.07 16.99 -24.63
CA ALA A 296 -17.78 16.32 -24.32
C ALA A 296 -17.36 15.43 -25.48
N PRO A 297 -16.22 15.73 -26.12
CA PRO A 297 -15.87 15.03 -27.36
C PRO A 297 -15.72 13.53 -27.17
N GLY A 298 -15.25 13.12 -26.00
CA GLY A 298 -14.91 11.73 -25.75
C GLY A 298 -16.03 10.91 -25.11
N LEU A 299 -17.21 11.49 -24.98
CA LEU A 299 -18.39 10.70 -24.63
C LEU A 299 -19.21 10.40 -25.89
N ASP A 300 -18.53 10.05 -26.97
CA ASP A 300 -19.18 9.83 -28.27
C ASP A 300 -19.42 8.35 -28.60
N TYR A 301 -18.85 7.43 -27.81
CA TYR A 301 -18.90 6.02 -28.18
C TYR A 301 -20.37 5.59 -28.08
N PRO A 302 -20.90 4.93 -29.12
CA PRO A 302 -22.35 4.64 -29.23
C PRO A 302 -22.81 3.39 -28.47
N GLY A 303 -22.07 2.97 -27.46
CA GLY A 303 -22.45 1.85 -26.64
C GLY A 303 -21.77 1.98 -25.28
N VAL A 304 -21.78 0.89 -24.55
CA VAL A 304 -21.19 0.83 -23.25
C VAL A 304 -20.63 -0.57 -23.06
N GLY A 305 -19.57 -0.68 -22.26
CA GLY A 305 -18.96 -1.98 -22.02
C GLY A 305 -19.90 -2.95 -21.29
N PRO A 306 -19.69 -4.27 -21.50
CA PRO A 306 -20.59 -5.28 -20.99
C PRO A 306 -20.57 -5.37 -19.47
N GLU A 307 -19.46 -4.98 -18.83
CA GLU A 307 -19.40 -5.09 -17.37
C GLU A 307 -20.36 -4.07 -16.75
N HIS A 308 -20.52 -2.90 -17.39
CA HIS A 308 -21.48 -1.91 -16.90
C HIS A 308 -22.92 -2.37 -17.11
N ALA A 309 -23.17 -2.99 -18.27
CA ALA A 309 -24.49 -3.56 -18.52
C ALA A 309 -24.84 -4.54 -17.41
N TYR A 310 -23.86 -5.36 -17.04
CA TYR A 310 -24.02 -6.31 -15.96
C TYR A 310 -24.23 -5.63 -14.60
N LEU A 311 -23.37 -4.68 -14.26
CA LEU A 311 -23.53 -3.99 -12.96
C LEU A 311 -24.89 -3.30 -12.81
N LYS A 312 -25.39 -2.76 -13.91
CA LYS A 312 -26.71 -2.18 -13.93
C LYS A 312 -27.77 -3.25 -13.69
N LYS A 313 -27.67 -4.36 -14.42
CA LYS A 313 -28.64 -5.48 -14.27
C LYS A 313 -28.80 -5.88 -12.82
N ILE A 314 -27.67 -6.14 -12.15
CA ILE A 314 -27.69 -6.65 -10.79
C ILE A 314 -27.83 -5.53 -9.75
N GLN A 315 -28.01 -4.29 -10.23
CA GLN A 315 -28.18 -3.10 -9.39
C GLN A 315 -27.03 -2.85 -8.41
N ARG A 316 -25.84 -3.25 -8.80
CA ARG A 316 -24.66 -2.91 -8.02
C ARG A 316 -24.22 -1.47 -8.27
N ALA A 317 -24.45 -0.98 -9.48
CA ALA A 317 -24.23 0.42 -9.79
C ALA A 317 -25.50 1.03 -10.41
N GLU A 318 -25.63 2.33 -10.24
CA GLU A 318 -26.74 3.11 -10.80
C GLU A 318 -26.16 3.98 -11.89
N TYR A 319 -26.93 4.19 -12.95
CA TYR A 319 -26.48 4.98 -14.10
C TYR A 319 -27.47 6.09 -14.36
N VAL A 320 -26.93 7.31 -14.41
CA VAL A 320 -27.73 8.52 -14.54
C VAL A 320 -27.22 9.30 -15.76
N THR A 321 -27.88 10.41 -16.07
CA THR A 321 -27.43 11.28 -17.15
C THR A 321 -27.34 12.72 -16.66
N VAL A 322 -26.45 13.47 -17.28
CA VAL A 322 -26.29 14.90 -17.09
C VAL A 322 -26.25 15.54 -18.49
N THR A 323 -26.87 16.71 -18.63
CA THR A 323 -26.92 17.41 -19.91
C THR A 323 -25.66 18.23 -20.19
N ASP A 324 -25.47 18.60 -21.46
CA ASP A 324 -24.41 19.52 -21.88
C ASP A 324 -24.42 20.75 -20.96
N GLU A 325 -25.62 21.29 -20.73
CA GLU A 325 -25.74 22.54 -19.96
C GLU A 325 -25.24 22.36 -18.54
N GLU A 326 -25.62 21.26 -17.90
CA GLU A 326 -25.17 20.92 -16.55
C GLU A 326 -23.65 20.66 -16.49
N ALA A 327 -23.12 19.96 -17.50
CA ALA A 327 -21.68 19.72 -17.57
C ALA A 327 -20.92 21.02 -17.68
N LEU A 328 -21.40 21.91 -18.55
CA LEU A 328 -20.74 23.19 -18.78
CA LEU A 328 -20.74 23.16 -18.79
C LEU A 328 -20.74 24.01 -17.51
N LYS A 329 -21.85 24.00 -16.77
CA LYS A 329 -21.89 24.74 -15.51
C LYS A 329 -20.89 24.21 -14.52
N ALA A 330 -20.72 22.90 -14.50
CA ALA A 330 -19.73 22.31 -13.58
C ALA A 330 -18.28 22.61 -14.00
N PHE A 331 -18.02 22.62 -15.30
CA PHE A 331 -16.73 23.02 -15.85
C PHE A 331 -16.34 24.41 -15.34
N HIS A 332 -17.27 25.35 -15.44
CA HIS A 332 -17.01 26.71 -14.96
C HIS A 332 -16.87 26.76 -13.44
N GLU A 333 -17.73 26.04 -12.75
CA GLU A 333 -17.73 26.05 -11.30
C GLU A 333 -16.45 25.49 -10.72
N LEU A 334 -15.99 24.34 -11.20
CA LEU A 334 -14.77 23.76 -10.63
C LEU A 334 -13.56 24.66 -10.92
N SER A 335 -13.53 25.24 -12.12
CA SER A 335 -12.43 26.10 -12.51
C SER A 335 -12.31 27.28 -11.53
N ARG A 336 -13.41 27.97 -11.26
CA ARG A 336 -13.31 29.17 -10.45
C ARG A 336 -13.27 28.89 -8.96
N THR A 337 -13.81 27.75 -8.53
CA THR A 337 -13.90 27.45 -7.09
C THR A 337 -12.67 26.70 -6.54
N GLU A 338 -12.09 25.82 -7.35
CA GLU A 338 -10.91 25.04 -6.96
C GLU A 338 -9.66 25.28 -7.81
N GLY A 339 -9.76 26.04 -8.90
CA GLY A 339 -8.60 26.30 -9.76
C GLY A 339 -8.17 25.06 -10.53
N ILE A 340 -9.14 24.17 -10.77
CA ILE A 340 -8.94 22.97 -11.61
C ILE A 340 -9.91 23.02 -12.81
N ILE A 341 -9.37 23.09 -14.01
CA ILE A 341 -10.15 23.05 -15.22
C ILE A 341 -10.32 21.59 -15.63
N PRO A 342 -11.55 21.05 -15.50
CA PRO A 342 -11.76 19.65 -15.78
C PRO A 342 -11.99 19.40 -17.26
N ALA A 343 -11.75 18.18 -17.72
CA ALA A 343 -12.29 17.76 -19.02
C ALA A 343 -13.81 17.85 -19.04
N LEU A 344 -14.38 18.16 -20.19
CA LEU A 344 -15.84 18.19 -20.31
C LEU A 344 -16.47 16.83 -20.03
N GLU A 345 -15.75 15.75 -20.31
CA GLU A 345 -16.22 14.40 -19.93
C GLU A 345 -16.41 14.36 -18.39
N SER A 346 -15.32 14.70 -17.69
CA SER A 346 -15.27 14.62 -16.22
C SER A 346 -16.24 15.59 -15.58
N ALA A 347 -16.48 16.70 -16.26
CA ALA A 347 -17.44 17.68 -15.78
C ALA A 347 -18.86 17.08 -15.62
N HIS A 348 -19.18 16.05 -16.37
CA HIS A 348 -20.45 15.35 -16.20
C HIS A 348 -20.50 14.69 -14.80
N ALA A 349 -19.40 14.07 -14.37
CA ALA A 349 -19.32 13.49 -13.07
C ALA A 349 -19.36 14.53 -11.97
N VAL A 350 -18.64 15.62 -12.18
CA VAL A 350 -18.63 16.71 -11.22
C VAL A 350 -20.02 17.27 -11.04
N ALA A 351 -20.72 17.51 -12.15
CA ALA A 351 -22.10 18.00 -12.09
C ALA A 351 -23.01 17.11 -11.26
N TYR A 352 -22.97 15.80 -11.51
CA TYR A 352 -23.84 14.90 -10.75
C TYR A 352 -23.47 14.87 -9.27
N ALA A 353 -22.17 14.89 -8.95
CA ALA A 353 -21.71 14.82 -7.54
C ALA A 353 -22.14 16.05 -6.77
N MET A 354 -22.17 17.19 -7.44
CA MET A 354 -22.63 18.43 -6.83
C MET A 354 -24.10 18.33 -6.45
N LYS A 355 -24.90 17.73 -7.34
CA LYS A 355 -26.34 17.49 -7.05
C LYS A 355 -26.49 16.57 -5.87
N LEU A 356 -25.76 15.47 -5.90
CA LEU A 356 -25.85 14.44 -4.88
C LEU A 356 -25.39 14.95 -3.51
N ALA A 357 -24.31 15.73 -3.48
CA ALA A 357 -23.71 16.17 -2.22
C ALA A 357 -24.68 17.02 -1.38
N LYS A 358 -25.47 17.83 -2.06
CA LYS A 358 -26.46 18.69 -1.39
C LYS A 358 -27.40 17.92 -0.46
N GLU A 359 -27.74 16.70 -0.86
CA GLU A 359 -28.73 15.87 -0.17
C GLU A 359 -28.13 15.04 0.99
N MET A 360 -26.81 14.93 1.00
CA MET A 360 -26.13 13.99 1.88
C MET A 360 -25.64 14.72 3.11
N SER A 361 -25.37 13.99 4.17
CA SER A 361 -24.94 14.65 5.40
C SER A 361 -23.46 15.01 5.28
N ARG A 362 -23.04 15.94 6.13
CA ARG A 362 -21.72 16.52 6.03
C ARG A 362 -20.61 15.54 6.38
N ASP A 363 -20.94 14.46 7.09
CA ASP A 363 -19.96 13.43 7.40
C ASP A 363 -19.85 12.38 6.29
N GLU A 364 -20.71 12.43 5.28
CA GLU A 364 -20.63 11.46 4.18
C GLU A 364 -19.59 11.91 3.16
N ILE A 365 -19.13 10.97 2.33
CA ILE A 365 -17.99 11.17 1.44
C ILE A 365 -18.33 10.72 0.02
N ILE A 366 -18.04 11.60 -0.95
CA ILE A 366 -18.16 11.28 -2.37
C ILE A 366 -16.78 11.39 -2.99
N ILE A 367 -16.37 10.40 -3.75
CA ILE A 367 -15.17 10.52 -4.60
C ILE A 367 -15.65 10.62 -6.05
N VAL A 368 -15.20 11.67 -6.72
CA VAL A 368 -15.43 11.87 -8.14
C VAL A 368 -14.15 11.48 -8.88
N ASN A 369 -14.28 10.68 -9.93
CA ASN A 369 -13.14 10.42 -10.80
C ASN A 369 -12.96 11.56 -11.75
N LEU A 370 -11.93 12.40 -11.51
CA LEU A 370 -11.68 13.51 -12.43
C LEU A 370 -10.83 12.97 -13.59
N SER A 371 -11.50 12.41 -14.59
CA SER A 371 -10.84 11.55 -15.57
C SER A 371 -9.83 12.29 -16.45
N GLY A 372 -9.99 13.60 -16.61
CA GLY A 372 -9.03 14.36 -17.40
C GLY A 372 -9.07 15.84 -17.15
N ARG A 373 -8.11 16.53 -17.72
CA ARG A 373 -8.07 18.00 -17.66
CA ARG A 373 -8.02 18.00 -17.66
C ARG A 373 -8.74 18.63 -18.86
N GLY A 374 -9.11 19.91 -18.71
CA GLY A 374 -9.91 20.59 -19.69
C GLY A 374 -9.20 21.51 -20.68
N ASP A 375 -7.86 21.55 -20.67
CA ASP A 375 -7.10 22.39 -21.62
C ASP A 375 -7.56 22.14 -23.05
N LYS A 376 -7.75 20.87 -23.38
CA LYS A 376 -8.17 20.42 -24.70
C LYS A 376 -9.53 21.00 -25.10
N ASP A 377 -10.34 21.40 -24.11
CA ASP A 377 -11.73 21.80 -24.37
C ASP A 377 -11.93 23.31 -24.41
N LEU A 378 -10.86 24.09 -24.23
CA LEU A 378 -11.01 25.53 -24.10
C LEU A 378 -11.64 26.18 -25.34
N ASP A 379 -11.23 25.75 -26.54
CA ASP A 379 -11.83 26.27 -27.79
C ASP A 379 -13.33 26.02 -27.82
N ILE A 380 -13.74 24.80 -27.45
CA ILE A 380 -15.16 24.42 -27.42
C ILE A 380 -15.95 25.32 -26.45
N VAL A 381 -15.43 25.51 -25.26
CA VAL A 381 -16.13 26.25 -24.21
C VAL A 381 -16.15 27.76 -24.55
N LEU A 382 -15.12 28.23 -25.25
CA LEU A 382 -15.10 29.62 -25.74
C LEU A 382 -16.21 29.86 -26.75
N LYS A 383 -16.35 28.93 -27.70
CA LYS A 383 -17.36 29.03 -28.76
C LYS A 383 -18.78 29.07 -28.17
N VAL A 384 -19.01 28.30 -27.11
CA VAL A 384 -20.17 28.52 -26.24
C VAL A 384 -19.83 29.59 -25.22
N MET B 1 21.96 10.78 18.33
CA MET B 1 22.59 9.62 18.99
C MET B 1 22.50 9.60 20.51
N TRP B 2 22.10 10.72 21.14
CA TRP B 2 22.11 10.84 22.61
C TRP B 2 20.71 10.93 23.16
N PHE B 3 20.51 10.28 24.30
CA PHE B 3 19.30 10.45 25.10
C PHE B 3 19.78 10.98 26.41
N GLY B 4 19.76 12.30 26.54
CA GLY B 4 20.53 12.95 27.62
C GLY B 4 21.97 12.51 27.60
N GLU B 5 22.42 11.91 28.71
CA GLU B 5 23.80 11.48 28.88
C GLU B 5 24.11 10.06 28.42
N PHE B 6 23.16 9.41 27.72
CA PHE B 6 23.27 8.00 27.39
C PHE B 6 23.15 7.79 25.89
N GLY B 7 23.82 6.77 25.36
CA GLY B 7 23.74 6.45 23.95
C GLY B 7 25.09 6.53 23.27
N GLY B 8 25.14 7.23 22.14
CA GLY B 8 26.39 7.37 21.39
C GLY B 8 26.68 6.27 20.38
N GLN B 9 27.94 6.20 19.96
CA GLN B 9 28.33 5.41 18.84
C GLN B 9 29.77 4.93 19.07
N TYR B 10 29.94 4.04 20.04
CA TYR B 10 31.28 3.64 20.48
C TYR B 10 31.77 2.43 19.70
N VAL B 11 32.27 2.71 18.50
CA VAL B 11 32.65 1.68 17.54
C VAL B 11 34.03 2.01 17.01
N PRO B 12 34.74 0.99 16.49
CA PRO B 12 35.97 1.32 15.77
C PRO B 12 35.70 2.11 14.49
N GLU B 13 36.75 2.76 13.99
CA GLU B 13 36.69 3.57 12.77
C GLU B 13 36.09 2.80 11.59
N THR B 14 36.37 1.51 11.52
CA THR B 14 35.86 0.65 10.45
C THR B 14 34.32 0.63 10.36
N LEU B 15 33.63 0.98 11.44
CA LEU B 15 32.13 0.92 11.44
C LEU B 15 31.47 2.29 11.28
N ILE B 16 32.26 3.36 11.17
CA ILE B 16 31.67 4.68 11.03
C ILE B 16 30.93 4.84 9.69
N GLU B 17 31.53 4.36 8.59
CA GLU B 17 30.90 4.42 7.25
C GLU B 17 29.61 3.57 7.17
N PRO B 18 29.65 2.32 7.65
CA PRO B 18 28.40 1.56 7.62
C PRO B 18 27.28 2.23 8.42
N LEU B 19 27.59 2.80 9.57
CA LEU B 19 26.56 3.39 10.42
C LEU B 19 26.02 4.68 9.83
N LYS B 20 26.91 5.47 9.20
CA LYS B 20 26.48 6.67 8.47
C LYS B 20 25.51 6.32 7.33
N GLU B 21 25.82 5.27 6.60
CA GLU B 21 24.99 4.85 5.48
C GLU B 21 23.64 4.30 5.97
N LEU B 22 23.66 3.59 7.10
CA LEU B 22 22.40 3.09 7.70
C LEU B 22 21.53 4.28 8.16
N GLU B 23 22.15 5.25 8.80
CA GLU B 23 21.38 6.41 9.25
C GLU B 23 20.79 7.15 8.06
N LYS B 24 21.58 7.32 7.01
CA LYS B 24 21.14 7.98 5.76
C LYS B 24 19.95 7.24 5.16
N ALA B 25 20.06 5.92 5.07
CA ALA B 25 18.99 5.12 4.49
C ALA B 25 17.74 5.15 5.36
N TYR B 26 17.92 5.07 6.67
CA TYR B 26 16.77 5.15 7.56
C TYR B 26 16.03 6.48 7.43
N LYS B 27 16.77 7.58 7.30
CA LYS B 27 16.15 8.87 7.16
C LYS B 27 15.33 8.91 5.87
N ARG B 28 15.87 8.30 4.82
CA ARG B 28 15.26 8.27 3.48
C ARG B 28 13.99 7.41 3.45
N PHE B 29 13.98 6.31 4.19
CA PHE B 29 12.89 5.31 4.08
C PHE B 29 11.84 5.40 5.18
N LYS B 30 12.17 5.96 6.34
CA LYS B 30 11.29 5.88 7.49
C LYS B 30 9.90 6.50 7.26
N ASP B 31 9.84 7.56 6.47
CA ASP B 31 8.54 8.16 6.12
C ASP B 31 8.22 8.01 4.63
N ASP B 32 8.95 7.13 3.94
CA ASP B 32 8.72 6.86 2.53
C ASP B 32 7.42 6.08 2.35
N GLU B 33 6.56 6.52 1.42
CA GLU B 33 5.24 5.90 1.26
C GLU B 33 5.31 4.43 0.90
N GLU B 34 6.20 4.07 -0.02
CA GLU B 34 6.29 2.68 -0.51
C GLU B 34 6.93 1.76 0.53
N PHE B 35 7.98 2.24 1.20
CA PHE B 35 8.58 1.49 2.29
C PHE B 35 7.49 1.14 3.30
N ASN B 36 6.77 2.15 3.76
CA ASN B 36 5.76 1.97 4.78
C ASN B 36 4.57 1.14 4.28
N ARG B 37 4.20 1.29 3.00
CA ARG B 37 3.15 0.42 2.41
C ARG B 37 3.57 -1.04 2.55
N GLN B 38 4.78 -1.36 2.14
CA GLN B 38 5.25 -2.76 2.23
C GLN B 38 5.38 -3.22 3.68
N LEU B 39 5.93 -2.37 4.55
CA LEU B 39 6.08 -2.75 5.96
C LEU B 39 4.71 -3.10 6.55
N ASN B 40 3.73 -2.23 6.29
CA ASN B 40 2.40 -2.47 6.83
C ASN B 40 1.74 -3.70 6.22
N TYR B 41 2.06 -3.98 4.96
CA TYR B 41 1.49 -5.14 4.28
C TYR B 41 2.01 -6.40 4.95
N TYR B 42 3.32 -6.47 5.21
CA TYR B 42 3.87 -7.63 5.88
C TYR B 42 3.41 -7.75 7.33
N LEU B 43 3.34 -6.63 8.04
CA LEU B 43 2.87 -6.65 9.42
C LEU B 43 1.41 -7.14 9.50
N LYS B 44 0.59 -6.74 8.53
CA LYS B 44 -0.81 -7.19 8.51
C LYS B 44 -0.93 -8.66 8.09
N THR B 45 -0.45 -9.00 6.90
CA THR B 45 -0.85 -10.29 6.29
C THR B 45 0.05 -11.43 6.74
N TRP B 46 1.28 -11.11 7.14
CA TRP B 46 2.23 -12.16 7.60
C TRP B 46 2.31 -12.22 9.11
N ALA B 47 2.40 -11.05 9.77
CA ALA B 47 2.59 -11.05 11.22
C ALA B 47 1.28 -11.06 12.00
N GLY B 48 0.21 -10.61 11.36
CA GLY B 48 -1.13 -10.58 11.95
C GLY B 48 -1.45 -9.36 12.80
N ARG B 49 -0.83 -8.21 12.52
CA ARG B 49 -1.19 -6.99 13.20
C ARG B 49 -2.49 -6.45 12.66
N PRO B 50 -3.28 -5.72 13.48
CA PRO B 50 -3.01 -5.40 14.89
C PRO B 50 -3.29 -6.55 15.81
N THR B 51 -2.62 -6.60 16.93
CA THR B 51 -2.96 -7.53 17.98
C THR B 51 -4.03 -6.90 18.84
N PRO B 52 -4.86 -7.71 19.50
CA PRO B 52 -5.92 -7.16 20.31
C PRO B 52 -5.42 -6.62 21.65
N LEU B 53 -6.27 -5.83 22.28
CA LEU B 53 -6.12 -5.39 23.64
C LEU B 53 -7.19 -6.10 24.43
N TYR B 54 -6.78 -6.94 25.37
CA TYR B 54 -7.70 -7.85 26.09
C TYR B 54 -7.97 -7.41 27.52
N TYR B 55 -9.25 -7.33 27.90
CA TYR B 55 -9.61 -7.03 29.27
C TYR B 55 -9.57 -8.28 30.14
N ALA B 56 -8.59 -8.37 31.04
CA ALA B 56 -8.46 -9.55 31.89
C ALA B 56 -9.43 -9.44 33.04
N LYS B 57 -10.70 -9.72 32.77
CA LYS B 57 -11.77 -9.40 33.69
C LYS B 57 -11.70 -10.26 34.95
N ARG B 58 -11.46 -11.55 34.76
CA ARG B 58 -11.40 -12.50 35.90
C ARG B 58 -10.24 -12.16 36.82
N LEU B 59 -9.08 -11.85 36.23
CA LEU B 59 -7.89 -11.48 37.01
C LEU B 59 -8.12 -10.17 37.74
N THR B 60 -8.74 -9.20 37.05
CA THR B 60 -9.12 -7.94 37.66
C THR B 60 -10.01 -8.14 38.88
N GLU B 61 -11.12 -8.84 38.67
CA GLU B 61 -12.10 -9.00 39.74
C GLU B 61 -11.53 -9.80 40.92
N LYS B 62 -10.65 -10.75 40.64
CA LYS B 62 -10.02 -11.54 41.69
C LYS B 62 -9.16 -10.66 42.61
N ILE B 63 -8.43 -9.74 42.03
CA ILE B 63 -7.57 -8.84 42.80
C ILE B 63 -8.36 -7.74 43.49
N GLY B 64 -9.45 -7.30 42.86
CA GLY B 64 -10.34 -6.29 43.45
C GLY B 64 -9.89 -4.83 43.37
N GLY B 65 -8.88 -4.53 42.55
CA GLY B 65 -8.41 -3.14 42.39
C GLY B 65 -8.57 -2.67 40.95
N ALA B 66 -7.49 -2.15 40.39
CA ALA B 66 -7.52 -1.55 39.05
C ALA B 66 -7.87 -2.58 37.96
N LYS B 67 -8.47 -2.07 36.88
CA LYS B 67 -8.71 -2.87 35.68
C LYS B 67 -7.39 -3.20 35.01
N ILE B 68 -7.21 -4.46 34.62
CA ILE B 68 -5.99 -4.92 33.99
C ILE B 68 -6.28 -5.31 32.56
N TYR B 69 -5.69 -4.60 31.63
CA TYR B 69 -5.78 -4.91 30.22
C TYR B 69 -4.44 -5.46 29.75
N LEU B 70 -4.48 -6.37 28.77
CA LEU B 70 -3.27 -7.02 28.24
C LEU B 70 -3.15 -6.74 26.76
N LYS B 71 -2.04 -6.11 26.37
CA LYS B 71 -1.74 -5.90 24.98
C LYS B 71 -1.10 -7.15 24.42
N ARG B 72 -1.82 -7.81 23.51
CA ARG B 72 -1.56 -9.22 23.22
C ARG B 72 -0.48 -9.43 22.15
N GLU B 73 0.75 -9.01 22.42
CA GLU B 73 1.84 -9.30 21.49
C GLU B 73 2.20 -10.77 21.43
N ASP B 74 1.72 -11.55 22.39
CA ASP B 74 1.80 -13.02 22.32
C ASP B 74 1.15 -13.62 21.06
N LEU B 75 0.25 -12.86 20.43
CA LEU B 75 -0.43 -13.35 19.22
C LEU B 75 0.25 -12.98 17.89
N VAL B 76 1.31 -12.18 17.94
N VAL B 76 1.28 -12.16 17.91
CA VAL B 76 2.13 -11.90 16.74
CA VAL B 76 1.99 -11.87 16.65
C VAL B 76 2.67 -13.20 16.20
C VAL B 76 2.66 -13.16 16.19
N HIS B 77 2.79 -13.30 14.88
CA HIS B 77 3.47 -14.42 14.27
C HIS B 77 4.86 -14.64 14.87
N GLY B 78 5.10 -15.86 15.36
CA GLY B 78 6.35 -16.16 16.06
C GLY B 78 6.19 -16.17 17.56
N GLY B 79 5.14 -15.54 18.06
CA GLY B 79 4.84 -15.56 19.49
C GLY B 79 5.50 -14.48 20.33
N ALA B 80 6.14 -13.50 19.70
CA ALA B 80 6.78 -12.43 20.46
C ALA B 80 6.87 -11.14 19.64
N HIS B 81 6.91 -10.02 20.35
CA HIS B 81 7.01 -8.73 19.73
C HIS B 81 8.28 -8.56 18.89
N THR B 83 9.31 -9.95 16.39
CA THR B 83 8.98 -9.97 14.99
C THR B 83 8.79 -8.58 14.36
N ASN B 84 8.21 -7.63 15.09
CA ASN B 84 7.94 -6.29 14.58
C ASN B 84 9.23 -5.65 14.08
N ASN B 85 10.26 -5.72 14.90
CA ASN B 85 11.55 -5.16 14.59
C ASN B 85 12.29 -6.00 13.52
N ALA B 86 12.21 -7.31 13.60
CA ALA B 86 12.88 -8.17 12.62
C ALA B 86 12.38 -7.85 11.20
N ILE B 87 11.06 -7.75 11.04
CA ILE B 87 10.47 -7.37 9.73
C ILE B 87 10.95 -5.99 9.31
N GLY B 88 10.87 -5.02 10.22
CA GLY B 88 11.22 -3.66 9.89
C GLY B 88 12.66 -3.53 9.39
N GLN B 89 13.60 -4.11 10.13
CA GLN B 89 15.01 -4.00 9.74
C GLN B 89 15.35 -4.87 8.54
N ALA B 90 14.72 -6.03 8.43
CA ALA B 90 14.96 -6.86 7.26
C ALA B 90 14.47 -6.16 5.98
N LEU B 91 13.34 -5.46 6.08
CA LEU B 91 12.82 -4.76 4.92
C LEU B 91 13.68 -3.53 4.61
N LEU B 92 14.12 -2.85 5.66
CA LEU B 92 15.05 -1.75 5.47
C LEU B 92 16.31 -2.23 4.74
N ALA B 93 16.88 -3.34 5.19
CA ALA B 93 18.05 -3.94 4.54
C ALA B 93 17.80 -4.27 3.06
N LYS B 94 16.61 -4.82 2.75
CA LYS B 94 16.28 -5.13 1.38
C LYS B 94 16.16 -3.84 0.55
N PHE B 95 15.55 -2.81 1.11
CA PHE B 95 15.43 -1.52 0.42
C PHE B 95 16.80 -0.86 0.20
N MET B 96 17.76 -1.18 1.06
CA MET B 96 19.15 -0.76 0.90
C MET B 96 19.98 -1.61 -0.08
N GLY B 97 19.38 -2.68 -0.61
CA GLY B 97 20.06 -3.58 -1.55
C GLY B 97 20.89 -4.67 -0.89
N LYS B 98 20.71 -4.88 0.41
CA LYS B 98 21.47 -5.90 1.10
C LYS B 98 20.85 -7.26 0.77
N THR B 99 21.66 -8.32 0.78
CA THR B 99 21.18 -9.67 0.45
C THR B 99 21.32 -10.65 1.62
N ARG B 100 21.89 -10.17 2.72
CA ARG B 100 22.26 -11.02 3.84
C ARG B 100 21.95 -10.30 5.14
N LEU B 101 21.50 -11.07 6.13
CA LEU B 101 21.32 -10.60 7.50
C LEU B 101 22.23 -11.37 8.43
N ILE B 102 22.85 -10.67 9.37
CA ILE B 102 23.47 -11.29 10.53
C ILE B 102 22.87 -10.76 11.80
N ALA B 103 22.92 -11.58 12.84
CA ALA B 103 22.47 -11.21 14.16
C ALA B 103 23.19 -12.08 15.18
N GLU B 104 23.14 -11.66 16.44
CA GLU B 104 23.53 -12.54 17.57
C GLU B 104 22.33 -12.90 18.38
N THR B 105 22.41 -14.00 19.11
CA THR B 105 21.34 -14.39 19.98
C THR B 105 21.87 -15.14 21.19
N GLY B 106 21.14 -15.03 22.30
CA GLY B 106 21.49 -15.72 23.55
C GLY B 106 20.45 -16.77 23.87
N ALA B 107 19.21 -16.32 24.06
CA ALA B 107 18.10 -17.24 24.30
C ALA B 107 17.73 -17.96 23.02
N GLY B 108 18.10 -17.38 21.87
CA GLY B 108 17.67 -17.92 20.57
C GLY B 108 16.41 -17.24 20.03
N GLN B 109 15.79 -16.38 20.83
CA GLN B 109 14.50 -15.80 20.45
C GLN B 109 14.68 -14.75 19.32
N HIS B 110 15.70 -13.89 19.47
CA HIS B 110 16.02 -12.98 18.39
C HIS B 110 16.58 -13.67 17.15
N GLY B 111 17.34 -14.75 17.35
CA GLY B 111 17.81 -15.53 16.24
C GLY B 111 16.64 -16.06 15.40
N VAL B 112 15.64 -16.61 16.08
CA VAL B 112 14.46 -17.14 15.42
C VAL B 112 13.73 -16.01 14.69
N ALA B 113 13.54 -14.88 15.34
CA ALA B 113 12.80 -13.77 14.69
C ALA B 113 13.52 -13.29 13.44
N THR B 114 14.85 -13.24 13.53
CA THR B 114 15.66 -12.81 12.39
C THR B 114 15.56 -13.83 11.24
N ALA B 115 15.65 -15.10 11.58
CA ALA B 115 15.55 -16.17 10.59
C ALA B 115 14.20 -16.14 9.89
N MET B 116 13.14 -15.92 10.65
CA MET B 116 11.79 -15.84 10.06
C MET B 116 11.72 -14.70 9.06
N ALA B 117 12.18 -13.52 9.46
CA ALA B 117 12.10 -12.34 8.63
C ALA B 117 12.98 -12.48 7.38
N GLY B 118 14.16 -13.07 7.52
CA GLY B 118 15.00 -13.34 6.35
C GLY B 118 14.39 -14.33 5.37
N ALA B 119 13.72 -15.35 5.90
CA ALA B 119 13.03 -16.33 5.05
C ALA B 119 11.92 -15.64 4.26
N LEU B 120 11.13 -14.83 4.95
CA LEU B 120 10.07 -14.04 4.31
C LEU B 120 10.56 -13.23 3.11
N LEU B 121 11.66 -12.52 3.31
CA LEU B 121 12.14 -11.57 2.33
C LEU B 121 13.18 -12.15 1.37
N GLY B 122 13.52 -13.42 1.54
CA GLY B 122 14.43 -14.10 0.61
C GLY B 122 15.88 -13.72 0.80
N MET B 123 16.28 -13.48 2.04
CA MET B 123 17.64 -13.09 2.34
C MET B 123 18.40 -14.22 3.01
N LYS B 124 19.71 -14.27 2.80
CA LYS B 124 20.56 -15.17 3.55
C LYS B 124 20.65 -14.71 5.00
N VAL B 125 20.61 -15.66 5.95
CA VAL B 125 20.69 -15.35 7.38
C VAL B 125 21.75 -16.17 8.08
N ASP B 126 22.69 -15.49 8.73
CA ASP B 126 23.68 -16.12 9.60
C ASP B 126 23.52 -15.57 11.03
N ILE B 127 23.40 -16.48 12.00
CA ILE B 127 23.19 -16.12 13.39
C ILE B 127 24.39 -16.58 14.24
N TYR B 128 25.06 -15.63 14.90
CA TYR B 128 26.12 -15.93 15.85
C TYR B 128 25.55 -16.24 17.24
N MET B 129 25.99 -17.35 17.82
CA MET B 129 25.45 -17.80 19.10
C MET B 129 26.53 -18.49 19.89
N GLY B 130 26.71 -18.05 21.14
CA GLY B 130 27.69 -18.70 22.01
C GLY B 130 27.42 -20.18 22.20
N ALA B 131 28.49 -20.97 22.28
CA ALA B 131 28.36 -22.43 22.33
C ALA B 131 27.62 -22.90 23.59
N GLU B 132 27.78 -22.19 24.71
CA GLU B 132 26.98 -22.49 25.91
C GLU B 132 25.47 -22.31 25.65
N ASP B 133 25.14 -21.25 24.92
CA ASP B 133 23.75 -20.97 24.58
C ASP B 133 23.19 -21.97 23.56
N VAL B 134 24.02 -22.37 22.60
CA VAL B 134 23.65 -23.41 21.66
C VAL B 134 23.23 -24.70 22.38
N GLU B 135 24.01 -25.12 23.39
CA GLU B 135 23.69 -26.35 24.12
C GLU B 135 22.40 -26.21 24.95
N ARG B 136 22.14 -25.01 25.48
CA ARG B 136 20.98 -24.77 26.33
C ARG B 136 19.67 -24.56 25.55
N GLN B 137 19.78 -24.31 24.25
CA GLN B 137 18.62 -23.90 23.45
C GLN B 137 18.48 -24.75 22.20
N LYS B 138 18.35 -26.06 22.39
CA LYS B 138 18.38 -27.01 21.29
C LYS B 138 17.24 -26.72 20.31
N MET B 139 16.06 -26.40 20.84
CA MET B 139 14.88 -26.26 20.01
C MET B 139 14.90 -24.95 19.23
N ASN B 140 15.39 -23.87 19.83
CA ASN B 140 15.57 -22.62 19.06
C ASN B 140 16.64 -22.74 17.96
N VAL B 141 17.70 -23.49 18.23
CA VAL B 141 18.72 -23.77 17.20
C VAL B 141 18.12 -24.56 16.03
N PHE B 142 17.31 -25.55 16.35
CA PHE B 142 16.60 -26.27 15.32
C PHE B 142 15.64 -25.38 14.52
N ARG B 143 14.82 -24.58 15.23
CA ARG B 143 13.92 -23.61 14.58
C ARG B 143 14.68 -22.77 13.56
N MET B 144 15.83 -22.24 13.98
CA MET B 144 16.61 -21.37 13.10
C MET B 144 17.03 -22.09 11.83
N LYS B 145 17.51 -23.33 11.97
CA LYS B 145 17.89 -24.12 10.80
C LYS B 145 16.67 -24.51 9.91
N LEU B 146 15.56 -24.89 10.53
CA LEU B 146 14.30 -25.15 9.80
CA LEU B 146 14.32 -25.15 9.82
C LEU B 146 13.91 -23.97 8.92
N LEU B 147 14.12 -22.77 9.44
CA LEU B 147 13.81 -21.52 8.73
C LEU B 147 14.85 -21.10 7.69
N GLY B 148 15.92 -21.89 7.55
CA GLY B 148 16.87 -21.67 6.48
C GLY B 148 18.09 -20.87 6.88
N ALA B 149 18.19 -20.54 8.17
CA ALA B 149 19.31 -19.77 8.68
C ALA B 149 20.47 -20.70 9.03
N ASN B 150 21.67 -20.13 9.04
CA ASN B 150 22.87 -20.86 9.45
C ASN B 150 23.23 -20.39 10.85
N VAL B 151 23.38 -21.32 11.78
CA VAL B 151 23.79 -20.97 13.14
C VAL B 151 25.28 -21.18 13.27
N ILE B 152 25.99 -20.13 13.68
CA ILE B 152 27.44 -20.17 13.77
C ILE B 152 27.83 -20.14 15.24
N PRO B 153 28.21 -21.32 15.79
CA PRO B 153 28.61 -21.38 17.19
C PRO B 153 29.86 -20.55 17.45
N VAL B 154 29.88 -19.86 18.58
CA VAL B 154 30.99 -19.00 18.95
C VAL B 154 31.72 -19.61 20.15
N ASN B 155 32.95 -20.05 19.90
CA ASN B 155 33.73 -20.76 20.90
C ASN B 155 34.84 -19.91 21.50
N SER B 156 34.93 -18.66 21.08
CA SER B 156 35.90 -17.72 21.64
C SER B 156 35.42 -17.15 22.99
N GLY B 157 36.36 -16.63 23.79
CA GLY B 157 36.04 -16.04 25.08
C GLY B 157 35.33 -17.01 26.00
N SER B 158 34.23 -16.55 26.61
CA SER B 158 33.43 -17.36 27.52
C SER B 158 32.31 -18.15 26.81
N ARG B 159 32.26 -18.04 25.49
CA ARG B 159 31.29 -18.82 24.68
C ARG B 159 29.84 -18.44 24.99
N THR B 160 29.62 -17.16 25.27
CA THR B 160 28.29 -16.63 25.66
C THR B 160 27.90 -15.45 24.76
N LEU B 161 26.80 -14.78 25.12
CA LEU B 161 26.25 -13.70 24.31
C LEU B 161 27.29 -12.61 24.00
N LYS B 162 28.04 -12.16 25.01
CA LYS B 162 29.05 -11.12 24.77
C LYS B 162 30.06 -11.49 23.67
N ASP B 163 30.39 -12.78 23.57
CA ASP B 163 31.31 -13.24 22.53
C ASP B 163 30.66 -13.31 21.15
N ALA B 164 29.37 -13.67 21.10
CA ALA B 164 28.65 -13.63 19.85
C ALA B 164 28.52 -12.20 19.31
N ILE B 165 28.29 -11.23 20.20
CA ILE B 165 28.22 -9.81 19.81
C ILE B 165 29.53 -9.38 19.15
N ASN B 166 30.67 -9.72 19.76
CA ASN B 166 31.95 -9.34 19.19
C ASN B 166 32.22 -10.01 17.84
N GLU B 167 31.79 -11.27 17.67
CA GLU B 167 31.88 -11.96 16.38
C GLU B 167 31.00 -11.31 15.31
N ALA B 168 29.78 -10.92 15.68
CA ALA B 168 28.85 -10.30 14.73
C ALA B 168 29.42 -8.98 14.22
N LEU B 169 29.97 -8.19 15.13
CA LEU B 169 30.57 -6.92 14.76
C LEU B 169 31.74 -7.08 13.81
N ARG B 170 32.60 -8.05 14.09
CA ARG B 170 33.74 -8.32 13.22
C ARG B 170 33.28 -8.76 11.82
N ASP B 171 32.22 -9.57 11.77
CA ASP B 171 31.59 -9.94 10.51
C ASP B 171 31.14 -8.68 9.74
N TRP B 172 30.41 -7.79 10.42
CA TRP B 172 29.83 -6.63 9.75
C TRP B 172 30.88 -5.67 9.18
N VAL B 173 32.00 -5.53 9.90
CA VAL B 173 33.13 -4.72 9.42
C VAL B 173 33.56 -5.18 8.01
N ALA B 174 33.59 -6.49 7.79
CA ALA B 174 34.00 -7.05 6.52
C ALA B 174 32.88 -7.05 5.48
N THR B 175 31.63 -7.18 5.91
CA THR B 175 30.57 -7.60 4.99
C THR B 175 29.45 -6.57 4.78
N PHE B 176 29.60 -5.37 5.35
CA PHE B 176 28.48 -4.40 5.38
C PHE B 176 27.98 -3.98 4.00
N GLU B 177 28.80 -4.12 2.95
CA GLU B 177 28.38 -3.73 1.61
C GLU B 177 27.11 -4.49 1.18
N TYR B 178 26.98 -5.74 1.63
CA TYR B 178 25.85 -6.61 1.26
C TYR B 178 25.13 -7.23 2.47
N THR B 179 25.59 -6.91 3.69
CA THR B 179 25.02 -7.53 4.90
C THR B 179 24.48 -6.44 5.84
N HIS B 180 23.26 -6.62 6.33
CA HIS B 180 22.73 -5.80 7.40
C HIS B 180 22.87 -6.52 8.74
N TYR B 181 23.33 -5.80 9.75
CA TYR B 181 23.46 -6.33 11.09
C TYR B 181 22.17 -6.00 11.83
N LEU B 182 21.39 -7.04 12.14
CA LEU B 182 20.05 -6.85 12.67
C LEU B 182 20.07 -6.95 14.20
N ILE B 183 20.18 -5.80 14.83
CA ILE B 183 20.18 -5.73 16.29
C ILE B 183 18.75 -5.94 16.84
N GLY B 184 18.64 -6.71 17.92
CA GLY B 184 17.34 -7.20 18.35
C GLY B 184 16.65 -6.48 19.47
N SER B 185 17.28 -5.46 20.03
CA SER B 185 16.66 -4.65 21.07
C SER B 185 17.06 -3.20 20.89
N VAL B 186 16.60 -2.33 21.77
CA VAL B 186 16.89 -0.88 21.72
C VAL B 186 18.30 -0.55 22.26
N VAL B 187 19.28 -1.20 21.65
CA VAL B 187 20.66 -1.21 22.11
C VAL B 187 21.57 -1.07 20.92
N GLY B 188 22.87 -1.00 21.17
CA GLY B 188 23.82 -0.89 20.10
C GLY B 188 24.20 0.56 19.88
N PRO B 189 25.09 0.79 18.91
CA PRO B 189 25.45 2.15 18.54
C PRO B 189 24.30 2.82 17.81
N HIS B 190 24.16 4.14 17.93
CA HIS B 190 23.25 4.90 17.08
C HIS B 190 23.50 4.51 15.60
N PRO B 191 22.46 4.24 14.81
CA PRO B 191 21.07 4.65 15.05
C PRO B 191 20.14 3.50 15.53
N TYR B 192 20.72 2.42 16.01
CA TYR B 192 19.94 1.23 16.37
C TYR B 192 18.94 1.43 17.51
N PRO B 193 19.31 2.08 18.62
CA PRO B 193 18.26 2.30 19.64
C PRO B 193 17.04 3.06 19.14
N THR B 194 17.26 3.98 18.22
CA THR B 194 16.16 4.76 17.66
C THR B 194 15.34 3.94 16.68
N ILE B 195 16.02 3.23 15.78
CA ILE B 195 15.35 2.43 14.77
C ILE B 195 14.49 1.37 15.42
N VAL B 196 15.05 0.66 16.39
CA VAL B 196 14.29 -0.44 16.99
C VAL B 196 13.08 0.08 17.74
N ARG B 197 13.26 1.17 18.48
CA ARG B 197 12.10 1.79 19.14
C ARG B 197 11.06 2.20 18.13
N ASP B 198 11.47 2.79 17.01
CA ASP B 198 10.53 3.20 15.98
C ASP B 198 9.74 2.01 15.41
N PHE B 199 10.41 0.88 15.23
CA PHE B 199 9.74 -0.30 14.66
C PHE B 199 8.88 -1.01 15.69
N GLN B 200 9.03 -0.70 16.97
CA GLN B 200 8.15 -1.29 18.01
C GLN B 200 7.02 -0.38 18.46
N SER B 201 7.09 0.89 18.10
CA SER B 201 6.12 1.88 18.53
CA SER B 201 6.11 1.85 18.59
C SER B 201 4.68 1.61 18.05
N VAL B 202 4.56 0.79 17.01
CA VAL B 202 3.24 0.32 16.58
C VAL B 202 2.47 -0.30 17.76
N ILE B 203 3.16 -0.95 18.67
CA ILE B 203 2.49 -1.58 19.82
C ILE B 203 1.73 -0.53 20.64
N GLY B 204 2.41 0.56 20.96
CA GLY B 204 1.79 1.63 21.72
C GLY B 204 0.74 2.39 20.97
N ARG B 205 0.93 2.64 19.67
CA ARG B 205 -0.09 3.34 18.89
C ARG B 205 -1.37 2.54 18.83
N GLU B 206 -1.28 1.24 18.58
CA GLU B 206 -2.45 0.38 18.64
C GLU B 206 -3.10 0.41 20.03
N ALA B 207 -2.31 0.19 21.07
CA ALA B 207 -2.85 0.15 22.43
C ALA B 207 -3.58 1.44 22.79
N LYS B 208 -3.00 2.58 22.42
CA LYS B 208 -3.64 3.87 22.68
C LYS B 208 -5.03 3.94 22.05
N ALA B 209 -5.11 3.62 20.77
CA ALA B 209 -6.39 3.64 20.07
C ALA B 209 -7.35 2.64 20.72
N GLN B 210 -6.84 1.48 21.11
CA GLN B 210 -7.69 0.42 21.65
C GLN B 210 -8.22 0.76 23.04
N ILE B 211 -7.40 1.39 23.88
CA ILE B 211 -7.89 1.73 25.21
C ILE B 211 -8.88 2.92 25.17
N LEU B 212 -8.68 3.83 24.21
CA LEU B 212 -9.66 4.92 24.01
C LEU B 212 -11.01 4.36 23.54
N GLU B 213 -10.98 3.35 22.69
CA GLU B 213 -12.23 2.69 22.26
C GLU B 213 -12.92 1.97 23.42
N ALA B 214 -12.14 1.23 24.21
CA ALA B 214 -12.69 0.43 25.30
C ALA B 214 -13.17 1.26 26.49
N GLU B 215 -12.39 2.26 26.90
CA GLU B 215 -12.61 2.97 28.18
C GLU B 215 -12.78 4.48 28.07
N GLY B 216 -12.54 5.05 26.89
CA GLY B 216 -12.75 6.50 26.70
C GLY B 216 -11.68 7.37 27.36
N GLN B 217 -10.56 6.76 27.75
CA GLN B 217 -9.50 7.51 28.40
C GLN B 217 -8.18 6.75 28.30
N LEU B 218 -7.09 7.48 28.50
CA LEU B 218 -5.79 6.86 28.56
C LEU B 218 -5.63 6.09 29.86
N PRO B 219 -4.71 5.13 29.88
CA PRO B 219 -4.48 4.36 31.08
C PRO B 219 -3.82 5.16 32.17
N ASP B 220 -3.98 4.72 33.39
CA ASP B 220 -3.23 5.29 34.49
C ASP B 220 -1.78 4.82 34.52
N VAL B 221 -1.54 3.58 34.14
CA VAL B 221 -0.20 3.00 34.19
C VAL B 221 -0.02 2.05 33.01
N ILE B 222 1.17 2.01 32.45
CA ILE B 222 1.57 0.97 31.49
C ILE B 222 2.76 0.23 32.08
N VAL B 223 2.67 -1.10 32.10
CA VAL B 223 3.69 -1.95 32.69
C VAL B 223 4.26 -2.88 31.62
N ALA B 224 5.59 -2.93 31.52
CA ALA B 224 6.25 -3.80 30.55
C ALA B 224 7.55 -4.35 31.12
N CYS B 225 7.87 -5.61 30.82
CA CYS B 225 9.17 -6.14 31.18
C CYS B 225 10.30 -5.49 30.35
N VAL B 226 11.50 -5.48 30.91
CA VAL B 226 12.66 -4.79 30.34
C VAL B 226 13.83 -5.74 30.38
N GLY B 227 14.23 -6.20 29.20
CA GLY B 227 15.52 -6.79 28.99
C GLY B 227 16.45 -5.68 28.51
N GLY B 228 16.71 -5.68 27.21
CA GLY B 228 17.33 -4.54 26.56
C GLY B 228 16.38 -3.35 26.46
N GLY B 229 15.09 -3.65 26.33
CA GLY B 229 14.06 -2.63 26.49
C GLY B 229 13.12 -2.37 25.34
N SER B 230 13.14 -3.20 24.31
CA SER B 230 12.40 -2.91 23.11
C SER B 230 10.87 -3.05 23.22
N ASN B 231 10.36 -4.08 23.88
CA ASN B 231 8.90 -4.16 24.00
C ASN B 231 8.37 -3.03 24.87
N ALA B 232 9.16 -2.63 25.86
CA ALA B 232 8.76 -1.55 26.74
C ALA B 232 8.78 -0.21 26.00
N MET B 233 9.86 0.08 25.27
CA MET B 233 9.88 1.33 24.49
C MET B 233 8.76 1.36 23.46
N GLY B 234 8.42 0.20 22.88
CA GLY B 234 7.35 0.14 21.89
C GLY B 234 6.01 0.55 22.43
N ILE B 235 5.68 0.05 23.59
CA ILE B 235 4.41 0.45 24.21
C ILE B 235 4.46 1.81 24.94
N PHE B 236 5.62 2.16 25.51
CA PHE B 236 5.77 3.44 26.21
C PHE B 236 5.73 4.64 25.28
N TYR B 237 6.43 4.56 24.15
CA TYR B 237 6.86 5.76 23.40
C TYR B 237 5.69 6.65 23.00
N PRO B 238 4.58 6.07 22.53
CA PRO B 238 3.46 6.93 22.13
C PRO B 238 2.75 7.62 23.30
N PHE B 239 3.04 7.21 24.53
CA PHE B 239 2.46 7.83 25.72
C PHE B 239 3.40 8.77 26.47
N VAL B 240 4.65 8.89 26.02
CA VAL B 240 5.64 9.68 26.76
C VAL B 240 5.17 11.12 27.00
N ASN B 241 4.55 11.72 25.98
CA ASN B 241 4.06 13.10 26.09
C ASN B 241 2.63 13.23 26.69
N ASP B 242 2.04 12.10 27.11
CA ASP B 242 0.83 12.11 27.94
C ASP B 242 1.19 12.04 29.42
N LYS B 243 1.31 13.22 30.02
CA LYS B 243 1.97 13.36 31.31
C LYS B 243 1.34 12.58 32.44
N LYS B 244 0.04 12.31 32.36
CA LYS B 244 -0.66 11.61 33.43
C LYS B 244 -0.52 10.09 33.36
N VAL B 245 0.05 9.58 32.27
CA VAL B 245 0.22 8.12 32.12
C VAL B 245 1.52 7.70 32.75
N LYS B 246 1.45 6.91 33.81
CA LYS B 246 2.64 6.39 34.48
CA LYS B 246 2.63 6.40 34.48
C LYS B 246 3.21 5.24 33.66
N LEU B 247 4.54 5.18 33.60
CA LEU B 247 5.27 4.15 32.85
C LEU B 247 6.16 3.37 33.81
N VAL B 248 5.99 2.06 33.84
CA VAL B 248 6.75 1.20 34.75
C VAL B 248 7.42 0.07 33.95
N GLY B 249 8.75 0.00 34.06
CA GLY B 249 9.56 -1.05 33.46
C GLY B 249 9.97 -2.05 34.53
N VAL B 250 9.84 -3.34 34.22
CA VAL B 250 10.09 -4.40 35.18
C VAL B 250 11.29 -5.23 34.75
N GLU B 251 12.37 -5.17 35.53
CA GLU B 251 13.58 -5.94 35.25
C GLU B 251 13.56 -7.26 36.01
N ALA B 252 14.41 -8.16 35.58
CA ALA B 252 14.56 -9.48 36.19
C ALA B 252 15.33 -9.43 37.51
N GLY B 253 14.61 -9.68 38.60
CA GLY B 253 15.22 -9.80 39.92
C GLY B 253 15.84 -11.15 40.19
N GLY B 254 15.63 -12.13 39.31
CA GLY B 254 16.30 -13.44 39.44
C GLY B 254 16.03 -14.14 40.76
N LYS B 255 17.10 -14.54 41.44
CA LYS B 255 16.98 -15.15 42.76
C LYS B 255 16.87 -14.13 43.89
N GLY B 256 16.83 -12.85 43.53
CA GLY B 256 16.86 -11.79 44.51
C GLY B 256 17.99 -10.83 44.22
N LEU B 257 17.75 -9.55 44.45
CA LEU B 257 18.78 -8.56 44.21
C LEU B 257 20.01 -8.75 45.10
N GLU B 258 19.83 -9.32 46.29
CA GLU B 258 20.96 -9.56 47.19
C GLU B 258 21.65 -10.92 46.92
N SER B 259 21.11 -11.71 46.02
CA SER B 259 21.70 -13.03 45.70
C SER B 259 22.90 -12.95 44.75
N GLY B 260 23.02 -11.85 44.02
CA GLY B 260 23.97 -11.78 42.88
C GLY B 260 23.58 -12.66 41.69
N LYS B 261 22.32 -13.06 41.62
CA LYS B 261 21.81 -13.81 40.47
C LYS B 261 20.58 -13.09 39.93
N HIS B 262 20.81 -12.10 39.07
CA HIS B 262 19.71 -11.31 38.50
C HIS B 262 20.15 -10.66 37.20
N SER B 263 19.27 -9.88 36.60
CA SER B 263 19.61 -9.15 35.38
C SER B 263 19.09 -7.73 35.42
N ALA B 264 19.13 -7.11 36.59
CA ALA B 264 18.55 -5.78 36.78
C ALA B 264 19.60 -4.66 36.59
N SER B 265 19.84 -4.31 35.33
CA SER B 265 20.91 -3.36 34.99
C SER B 265 20.61 -1.95 35.47
N LEU B 266 19.39 -1.47 35.27
CA LEU B 266 19.03 -0.13 35.76
C LEU B 266 19.10 -0.06 37.27
N ASN B 267 18.60 -1.08 37.94
CA ASN B 267 18.53 -1.06 39.39
C ASN B 267 19.92 -1.18 40.01
N ALA B 268 20.74 -2.07 39.48
CA ALA B 268 21.99 -2.46 40.16
C ALA B 268 23.25 -2.36 39.29
N GLY B 269 23.12 -1.90 38.05
CA GLY B 269 24.26 -1.78 37.17
C GLY B 269 24.97 -0.46 37.33
N GLN B 270 26.06 -0.30 36.58
CA GLN B 270 26.82 0.95 36.54
C GLN B 270 26.92 1.47 35.11
N VAL B 271 27.13 2.77 34.99
CA VAL B 271 27.18 3.42 33.67
C VAL B 271 28.53 3.14 33.02
N GLY B 272 28.52 2.72 31.76
CA GLY B 272 29.74 2.35 31.06
C GLY B 272 29.47 2.05 29.61
N VAL B 273 30.50 1.67 28.87
CA VAL B 273 30.36 1.35 27.45
C VAL B 273 30.36 -0.14 27.22
N PHE B 274 29.33 -0.63 26.51
CA PHE B 274 29.30 -2.01 26.00
C PHE B 274 28.35 -2.02 24.81
N HIS B 275 28.68 -2.83 23.81
CA HIS B 275 27.81 -2.99 22.62
C HIS B 275 27.65 -1.65 21.92
N GLY B 276 28.67 -0.81 22.01
CA GLY B 276 28.71 0.40 21.22
C GLY B 276 27.87 1.54 21.80
N MET B 277 27.40 1.39 23.05
CA MET B 277 26.57 2.40 23.67
C MET B 277 27.03 2.70 25.11
N LEU B 278 26.73 3.93 25.56
CA LEU B 278 26.88 4.34 26.94
C LEU B 278 25.53 4.20 27.65
N SER B 279 25.48 3.29 28.61
CA SER B 279 24.26 2.99 29.35
C SER B 279 24.61 2.19 30.61
N TYR B 280 23.60 1.64 31.31
CA TYR B 280 23.85 0.85 32.52
C TYR B 280 24.10 -0.59 32.13
N PHE B 281 25.16 -1.18 32.68
N PHE B 281 25.16 -1.18 32.67
CA PHE B 281 25.52 -2.57 32.43
CA PHE B 281 25.43 -2.59 32.47
C PHE B 281 25.87 -3.24 33.76
C PHE B 281 25.99 -3.26 33.71
N LEU B 282 25.77 -4.56 33.79
CA LEU B 282 26.12 -5.32 34.97
C LEU B 282 27.56 -5.74 34.83
N GLN B 283 28.40 -5.30 35.76
CA GLN B 283 29.86 -5.41 35.63
C GLN B 283 30.56 -5.84 36.92
N GLY B 287 34.76 -3.20 35.19
CA GLY B 287 34.58 -3.04 33.75
C GLY B 287 34.19 -4.33 33.03
N GLN B 288 34.51 -5.48 33.65
CA GLN B 288 34.16 -6.78 33.09
C GLN B 288 32.67 -7.06 33.20
N ILE B 289 32.04 -7.40 32.08
CA ILE B 289 30.64 -7.85 32.03
C ILE B 289 30.42 -9.02 33.01
N LYS B 290 29.44 -8.85 33.91
CA LYS B 290 29.09 -9.90 34.88
C LYS B 290 28.09 -10.86 34.27
N PRO B 291 28.20 -12.15 34.61
CA PRO B 291 27.15 -13.07 34.20
C PRO B 291 25.80 -12.67 34.82
N THR B 292 24.72 -12.85 34.07
CA THR B 292 23.42 -12.49 34.56
C THR B 292 22.58 -13.74 34.69
N HIS B 293 21.44 -13.61 35.36
CA HIS B 293 20.53 -14.70 35.50
C HIS B 293 19.10 -14.22 35.51
N SER B 294 18.23 -15.01 34.88
CA SER B 294 16.79 -14.91 35.05
C SER B 294 16.18 -16.23 34.65
N ILE B 295 15.09 -16.61 35.28
CA ILE B 295 14.27 -17.73 34.80
C ILE B 295 13.76 -17.50 33.38
N ALA B 296 13.54 -16.23 33.04
CA ALA B 296 13.14 -15.86 31.68
C ALA B 296 14.35 -15.76 30.76
N PRO B 297 14.46 -16.68 29.77
CA PRO B 297 15.71 -16.73 28.98
C PRO B 297 16.06 -15.43 28.25
N GLY B 298 15.04 -14.64 27.91
CA GLY B 298 15.23 -13.44 27.12
C GLY B 298 15.53 -12.17 27.92
N LEU B 299 15.54 -12.28 29.25
CA LEU B 299 15.94 -11.18 30.11
C LEU B 299 17.39 -11.29 30.57
N ASP B 300 18.20 -12.06 29.82
CA ASP B 300 19.65 -12.26 30.08
C ASP B 300 20.63 -11.15 29.60
N TYR B 301 20.19 -10.17 28.80
CA TYR B 301 21.13 -9.16 28.27
C TYR B 301 21.71 -8.37 29.45
N PRO B 302 23.06 -8.20 29.49
CA PRO B 302 23.65 -7.61 30.69
C PRO B 302 23.54 -6.10 30.79
N GLY B 303 22.89 -5.47 29.83
CA GLY B 303 22.65 -4.04 29.90
C GLY B 303 21.21 -3.66 29.65
N VAL B 304 21.02 -2.43 29.23
CA VAL B 304 19.73 -1.88 28.97
C VAL B 304 19.92 -0.72 28.02
N GLY B 305 18.92 -0.49 27.17
CA GLY B 305 18.96 0.57 26.19
C GLY B 305 19.10 1.97 26.80
N PRO B 306 19.79 2.86 26.08
CA PRO B 306 20.05 4.21 26.62
C PRO B 306 18.79 5.06 26.80
N GLU B 307 17.75 4.80 26.00
CA GLU B 307 16.51 5.57 26.14
C GLU B 307 15.80 5.29 27.47
N HIS B 308 15.93 4.06 27.97
CA HIS B 308 15.46 3.72 29.32
C HIS B 308 16.31 4.38 30.41
N ALA B 309 17.62 4.35 30.25
CA ALA B 309 18.50 5.04 31.19
C ALA B 309 18.06 6.52 31.32
N TYR B 310 17.76 7.12 30.18
CA TYR B 310 17.31 8.51 30.13
C TYR B 310 15.97 8.70 30.78
N LEU B 311 14.98 7.86 30.43
CA LEU B 311 13.67 7.98 31.04
C LEU B 311 13.74 7.82 32.56
N LYS B 312 14.63 6.94 33.03
CA LYS B 312 14.83 6.78 34.46
C LYS B 312 15.39 8.06 35.09
N LYS B 313 16.41 8.61 34.46
CA LYS B 313 17.12 9.80 34.97
C LYS B 313 16.14 10.96 35.14
N ILE B 314 15.30 11.21 34.13
CA ILE B 314 14.36 12.33 34.19
C ILE B 314 13.08 11.98 34.93
N GLN B 315 12.98 10.74 35.42
CA GLN B 315 11.86 10.27 36.24
C GLN B 315 10.55 10.24 35.47
N ARG B 316 10.63 10.08 34.17
CA ARG B 316 9.45 9.87 33.36
C ARG B 316 8.96 8.44 33.51
N ALA B 317 9.87 7.49 33.71
CA ALA B 317 9.48 6.09 33.93
C ALA B 317 10.11 5.60 35.22
N GLU B 318 9.40 4.73 35.92
CA GLU B 318 9.91 4.05 37.13
C GLU B 318 10.34 2.65 36.74
N TYR B 319 11.45 2.20 37.31
CA TYR B 319 11.91 0.84 37.05
C TYR B 319 11.99 0.02 38.34
N VAL B 320 11.40 -1.16 38.27
CA VAL B 320 11.25 -2.02 39.42
C VAL B 320 11.80 -3.40 39.07
N THR B 321 11.80 -4.31 40.03
CA THR B 321 12.21 -5.70 39.77
C THR B 321 11.19 -6.67 40.31
N VAL B 322 11.13 -7.84 39.67
CA VAL B 322 10.30 -8.94 40.11
C VAL B 322 11.17 -10.19 40.07
N THR B 323 11.04 -11.06 41.09
CA THR B 323 11.89 -12.25 41.18
C THR B 323 11.37 -13.39 40.28
N ASP B 324 12.25 -14.37 40.05
CA ASP B 324 11.88 -15.62 39.39
C ASP B 324 10.60 -16.19 39.98
N GLU B 325 10.55 -16.26 41.32
CA GLU B 325 9.41 -16.89 42.00
C GLU B 325 8.11 -16.13 41.71
N GLU B 326 8.18 -14.82 41.74
CA GLU B 326 7.01 -14.00 41.48
C GLU B 326 6.56 -14.13 40.02
N ALA B 327 7.53 -14.19 39.11
CA ALA B 327 7.23 -14.35 37.70
C ALA B 327 6.55 -15.71 37.46
N LEU B 328 7.10 -16.76 38.05
CA LEU B 328 6.53 -18.10 37.90
C LEU B 328 5.11 -18.11 38.44
N LYS B 329 4.90 -17.48 39.59
CA LYS B 329 3.54 -17.45 40.16
C LYS B 329 2.59 -16.81 39.17
N ALA B 330 3.01 -15.73 38.51
CA ALA B 330 2.12 -15.02 37.59
C ALA B 330 1.90 -15.84 36.28
N PHE B 331 2.92 -16.57 35.84
CA PHE B 331 2.84 -17.50 34.72
C PHE B 331 1.67 -18.47 34.98
N HIS B 332 1.62 -19.00 36.19
CA HIS B 332 0.58 -19.96 36.52
C HIS B 332 -0.77 -19.30 36.69
N GLU B 333 -0.77 -18.13 37.32
CA GLU B 333 -2.00 -17.42 37.58
C GLU B 333 -2.72 -17.02 36.28
N LEU B 334 -1.98 -16.45 35.33
CA LEU B 334 -2.60 -15.98 34.11
C LEU B 334 -3.12 -17.18 33.31
N SER B 335 -2.35 -18.26 33.30
CA SER B 335 -2.76 -19.47 32.57
C SER B 335 -4.11 -19.97 33.09
N ARG B 336 -4.28 -20.09 34.40
N ARG B 336 -4.23 -20.08 34.42
CA ARG B 336 -5.49 -20.72 34.91
CA ARG B 336 -5.44 -20.65 35.07
C ARG B 336 -6.67 -19.75 35.07
C ARG B 336 -6.64 -19.73 34.97
N THR B 337 -6.39 -18.44 35.11
CA THR B 337 -7.44 -17.46 35.35
C THR B 337 -8.00 -16.88 34.04
N GLU B 338 -7.15 -16.73 33.03
CA GLU B 338 -7.56 -16.14 31.76
C GLU B 338 -7.37 -17.09 30.55
N GLY B 339 -6.72 -18.23 30.75
CA GLY B 339 -6.47 -19.16 29.65
C GLY B 339 -5.41 -18.66 28.68
N ILE B 340 -4.49 -17.83 29.18
CA ILE B 340 -3.38 -17.28 28.38
C ILE B 340 -2.07 -17.68 29.08
N ILE B 341 -1.26 -18.50 28.41
CA ILE B 341 0.02 -18.86 28.94
C ILE B 341 1.04 -17.83 28.45
N PRO B 342 1.59 -17.01 29.36
CA PRO B 342 2.49 -15.94 28.96
C PRO B 342 3.93 -16.41 28.85
N ALA B 343 4.74 -15.68 28.08
CA ALA B 343 6.20 -15.86 28.13
C ALA B 343 6.68 -15.54 29.55
N LEU B 344 7.70 -16.27 30.01
CA LEU B 344 8.27 -15.99 31.33
C LEU B 344 8.78 -14.55 31.45
N GLU B 345 9.26 -14.00 30.34
CA GLU B 345 9.61 -12.57 30.30
C GLU B 345 8.40 -11.72 30.69
N SER B 346 7.31 -11.90 29.93
CA SER B 346 6.09 -11.12 30.09
C SER B 346 5.49 -11.34 31.48
N ALA B 347 5.66 -12.55 32.01
CA ALA B 347 5.17 -12.86 33.35
C ALA B 347 5.75 -11.94 34.44
N HIS B 348 6.94 -11.37 34.19
CA HIS B 348 7.48 -10.38 35.10
C HIS B 348 6.56 -9.14 35.17
N ALA B 349 6.10 -8.68 34.02
CA ALA B 349 5.19 -7.56 33.95
C ALA B 349 3.83 -7.88 34.58
N VAL B 350 3.32 -9.07 34.30
CA VAL B 350 2.04 -9.48 34.87
C VAL B 350 2.13 -9.51 36.39
N ALA B 351 3.22 -10.08 36.92
CA ALA B 351 3.44 -10.13 38.35
C ALA B 351 3.43 -8.74 38.97
N TYR B 352 4.17 -7.80 38.39
CA TYR B 352 4.18 -6.47 38.94
C TYR B 352 2.82 -5.82 38.87
N ALA B 353 2.14 -5.99 37.74
CA ALA B 353 0.83 -5.36 37.55
C ALA B 353 -0.21 -5.87 38.55
N MET B 354 -0.10 -7.14 38.92
CA MET B 354 -0.98 -7.74 39.91
C MET B 354 -0.76 -7.11 41.30
N LYS B 355 0.49 -6.83 41.63
CA LYS B 355 0.82 -6.16 42.90
C LYS B 355 0.28 -4.74 42.91
N LEU B 356 0.55 -4.03 41.82
CA LEU B 356 0.15 -2.65 41.69
C LEU B 356 -1.37 -2.47 41.66
N ALA B 357 -2.07 -3.37 40.95
CA ALA B 357 -3.52 -3.27 40.82
C ALA B 357 -4.22 -3.28 42.18
N LYS B 358 -3.72 -4.09 43.10
CA LYS B 358 -4.31 -4.19 44.44
C LYS B 358 -4.29 -2.87 45.22
N GLU B 359 -3.32 -2.02 44.92
CA GLU B 359 -3.14 -0.73 45.60
C GLU B 359 -3.87 0.40 44.90
N MET B 360 -4.60 0.10 43.83
CA MET B 360 -5.22 1.11 43.02
C MET B 360 -6.74 0.97 43.07
N SER B 361 -7.44 2.00 42.61
CA SER B 361 -8.88 2.02 42.65
C SER B 361 -9.50 1.25 41.48
N ARG B 362 -10.74 0.81 41.64
CA ARG B 362 -11.40 -0.02 40.64
C ARG B 362 -11.66 0.72 39.32
N ASP B 363 -11.71 2.03 39.36
CA ASP B 363 -11.91 2.82 38.14
C ASP B 363 -10.60 3.14 37.40
N GLU B 364 -9.45 2.78 37.97
CA GLU B 364 -8.17 3.02 37.32
C GLU B 364 -7.80 1.85 36.42
N ILE B 365 -6.88 2.10 35.50
CA ILE B 365 -6.61 1.21 34.38
C ILE B 365 -5.11 0.98 34.27
N ILE B 366 -4.73 -0.28 34.16
CA ILE B 366 -3.37 -0.68 33.87
C ILE B 366 -3.37 -1.42 32.53
N ILE B 367 -2.45 -1.06 31.65
CA ILE B 367 -2.19 -1.89 30.47
C ILE B 367 -0.84 -2.57 30.66
N VAL B 368 -0.84 -3.90 30.56
CA VAL B 368 0.37 -4.70 30.60
C VAL B 368 0.75 -5.07 29.18
N ASN B 369 2.01 -4.91 28.80
CA ASN B 369 2.44 -5.43 27.53
C ASN B 369 2.75 -6.92 27.63
N LEU B 370 1.88 -7.75 27.08
CA LEU B 370 2.12 -9.18 27.09
C LEU B 370 3.01 -9.52 25.90
N SER B 371 4.34 -9.40 26.11
CA SER B 371 5.31 -9.36 25.02
C SER B 371 5.41 -10.67 24.23
N GLY B 372 5.07 -11.77 24.87
CA GLY B 372 5.09 -13.05 24.18
C GLY B 372 4.29 -14.14 24.85
N ARG B 373 4.14 -15.24 24.11
CA ARG B 373 3.49 -16.45 24.66
CA ARG B 373 3.50 -16.46 24.59
C ARG B 373 4.50 -17.39 25.26
N GLY B 374 3.99 -18.27 26.11
CA GLY B 374 4.82 -19.14 26.92
C GLY B 374 5.05 -20.57 26.46
N ASP B 375 4.59 -20.91 25.26
CA ASP B 375 4.77 -22.28 24.73
C ASP B 375 6.23 -22.67 24.77
N LYS B 376 7.09 -21.72 24.43
CA LYS B 376 8.54 -21.91 24.40
C LYS B 376 9.11 -22.25 25.77
N ASP B 377 8.40 -21.88 26.85
CA ASP B 377 8.90 -22.03 28.21
C ASP B 377 8.37 -23.27 28.92
N LEU B 378 7.51 -24.05 28.27
CA LEU B 378 6.87 -25.16 28.96
C LEU B 378 7.89 -26.16 29.47
N ASP B 379 8.91 -26.41 28.66
CA ASP B 379 9.96 -27.37 29.05
C ASP B 379 10.68 -26.93 30.32
N ILE B 380 11.07 -25.66 30.37
CA ILE B 380 11.68 -25.08 31.57
C ILE B 380 10.76 -25.18 32.78
N VAL B 381 9.48 -24.85 32.61
CA VAL B 381 8.57 -24.79 33.75
C VAL B 381 8.24 -26.22 34.24
N LEU B 382 8.15 -27.17 33.31
CA LEU B 382 7.94 -28.59 33.67
C LEU B 382 9.19 -29.15 34.34
N LYS B 383 10.37 -28.80 33.82
CA LYS B 383 11.63 -29.33 34.39
C LYS B 383 11.86 -28.78 35.79
N VAL B 384 11.47 -27.52 36.03
CA VAL B 384 11.45 -26.96 37.37
C VAL B 384 10.54 -27.77 38.28
N SER B 385 9.36 -28.11 37.80
CA SER B 385 8.39 -28.83 38.63
C SER B 385 8.88 -30.24 39.04
N GLY B 386 9.93 -30.75 38.36
CA GLY B 386 10.58 -32.02 38.73
C GLY B 386 11.64 -31.88 39.82
N ASN B 387 12.06 -30.65 40.10
CA ASN B 387 13.09 -30.40 41.11
C ASN B 387 12.60 -30.81 42.50
N VAL B 388 13.54 -31.24 43.34
CA VAL B 388 13.19 -31.81 44.67
C VAL B 388 12.33 -30.83 45.54
N LEU B 389 12.65 -29.53 45.50
CA LEU B 389 11.96 -28.54 46.32
C LEU B 389 10.53 -28.20 45.85
N GLU B 390 10.22 -28.54 44.59
CA GLU B 390 8.91 -28.24 44.00
C GLU B 390 7.74 -28.98 44.71
N HIS B 391 7.92 -30.26 45.01
CA HIS B 391 6.88 -31.11 45.63
C HIS B 391 5.52 -30.44 45.75
N MET C 1 -30.55 -33.70 11.30
CA MET C 1 -29.51 -34.66 11.78
C MET C 1 -28.80 -35.46 10.72
N TRP C 2 -29.29 -35.41 9.49
CA TRP C 2 -28.81 -36.24 8.41
C TRP C 2 -28.20 -35.38 7.33
N PHE C 3 -27.10 -35.84 6.75
CA PHE C 3 -26.54 -35.27 5.54
C PHE C 3 -26.57 -36.39 4.51
N GLY C 4 -27.63 -36.39 3.71
CA GLY C 4 -28.01 -37.62 3.00
C GLY C 4 -28.27 -38.74 3.97
N GLU C 5 -27.62 -39.87 3.75
CA GLU C 5 -27.76 -41.03 4.62
C GLU C 5 -26.79 -41.02 5.80
N PHE C 6 -25.97 -39.96 5.93
CA PHE C 6 -24.92 -39.94 6.95
C PHE C 6 -25.31 -39.04 8.12
N GLY C 7 -24.91 -39.42 9.31
CA GLY C 7 -25.20 -38.64 10.50
C GLY C 7 -25.98 -39.41 11.54
N GLY C 8 -27.07 -38.80 12.01
CA GLY C 8 -27.93 -39.42 13.00
C GLY C 8 -27.58 -39.21 14.46
N GLN C 9 -28.24 -39.99 15.32
CA GLN C 9 -27.98 -39.99 16.78
C GLN C 9 -27.95 -41.39 17.35
N TYR C 10 -26.86 -42.11 17.11
CA TYR C 10 -26.74 -43.52 17.51
C TYR C 10 -26.20 -43.63 18.90
N VAL C 11 -27.08 -43.36 19.86
CA VAL C 11 -26.73 -43.29 21.26
C VAL C 11 -27.77 -44.08 22.06
N PRO C 12 -27.41 -44.51 23.28
CA PRO C 12 -28.43 -45.10 24.17
C PRO C 12 -29.50 -44.07 24.55
N GLU C 13 -30.68 -44.55 24.93
CA GLU C 13 -31.83 -43.67 25.18
C GLU C 13 -31.50 -42.60 26.22
N THR C 14 -30.59 -42.93 27.14
CA THR C 14 -30.17 -42.01 28.20
C THR C 14 -29.58 -40.70 27.67
N LEU C 15 -29.15 -40.69 26.40
CA LEU C 15 -28.54 -39.46 25.82
C LEU C 15 -29.52 -38.65 24.97
N ILE C 16 -30.74 -39.16 24.80
CA ILE C 16 -31.73 -38.44 24.00
C ILE C 16 -32.07 -37.13 24.68
N GLU C 17 -32.27 -37.15 25.99
CA GLU C 17 -32.65 -35.96 26.74
C GLU C 17 -31.57 -34.85 26.66
N PRO C 18 -30.31 -35.17 27.01
CA PRO C 18 -29.25 -34.15 26.87
C PRO C 18 -29.11 -33.58 25.44
N LEU C 19 -29.20 -34.44 24.42
CA LEU C 19 -29.08 -33.97 23.04
C LEU C 19 -30.26 -33.08 22.63
N LYS C 20 -31.49 -33.44 23.01
CA LYS C 20 -32.65 -32.59 22.75
C LYS C 20 -32.48 -31.22 23.40
N GLU C 21 -32.00 -31.18 24.63
CA GLU C 21 -31.86 -29.93 25.34
C GLU C 21 -30.74 -29.09 24.71
N LEU C 22 -29.70 -29.75 24.24
CA LEU C 22 -28.63 -29.06 23.52
C LEU C 22 -29.14 -28.47 22.19
N GLU C 23 -29.89 -29.25 21.43
CA GLU C 23 -30.40 -28.75 20.15
C GLU C 23 -31.34 -27.54 20.34
N LYS C 24 -32.18 -27.60 21.37
CA LYS C 24 -33.14 -26.53 21.63
C LYS C 24 -32.41 -25.25 22.02
N ALA C 25 -31.39 -25.36 22.86
CA ALA C 25 -30.58 -24.22 23.26
C ALA C 25 -29.83 -23.62 22.06
N TYR C 26 -29.24 -24.49 21.24
CA TYR C 26 -28.53 -24.02 20.07
C TYR C 26 -29.45 -23.26 19.10
N LYS C 27 -30.63 -23.81 18.82
CA LYS C 27 -31.61 -23.11 17.98
C LYS C 27 -31.94 -21.71 18.55
N ARG C 28 -32.06 -21.62 19.86
CA ARG C 28 -32.43 -20.37 20.52
C ARG C 28 -31.29 -19.34 20.48
N PHE C 29 -30.05 -19.79 20.60
CA PHE C 29 -28.95 -18.85 20.79
C PHE C 29 -28.12 -18.55 19.55
N LYS C 30 -28.16 -19.42 18.56
CA LYS C 30 -27.24 -19.33 17.44
C LYS C 30 -27.34 -18.02 16.67
N ASP C 31 -28.55 -17.45 16.58
CA ASP C 31 -28.72 -16.15 15.94
C ASP C 31 -29.16 -15.06 16.92
N ASP C 32 -28.99 -15.33 18.22
CA ASP C 32 -29.34 -14.38 19.26
C ASP C 32 -28.33 -13.24 19.30
N GLU C 33 -28.81 -12.02 19.35
CA GLU C 33 -27.94 -10.84 19.32
C GLU C 33 -26.90 -10.83 20.45
N GLU C 34 -27.34 -11.05 21.68
CA GLU C 34 -26.43 -11.02 22.82
C GLU C 34 -25.41 -12.16 22.76
N PHE C 35 -25.87 -13.38 22.47
CA PHE C 35 -24.93 -14.51 22.32
C PHE C 35 -23.83 -14.19 21.28
N ASN C 36 -24.22 -13.66 20.13
CA ASN C 36 -23.25 -13.39 19.08
C ASN C 36 -22.36 -12.19 19.42
N ARG C 37 -22.90 -11.21 20.16
CA ARG C 37 -22.07 -10.11 20.64
C ARG C 37 -20.98 -10.64 21.55
N GLN C 38 -21.33 -11.49 22.50
CA GLN C 38 -20.30 -12.05 23.39
C GLN C 38 -19.30 -12.95 22.65
N LEU C 39 -19.81 -13.80 21.75
CA LEU C 39 -18.94 -14.66 20.97
C LEU C 39 -17.93 -13.85 20.16
N ASN C 40 -18.39 -12.81 19.49
CA ASN C 40 -17.51 -12.01 18.66
C ASN C 40 -16.53 -11.25 19.53
N TYR C 41 -16.96 -10.82 20.73
CA TYR C 41 -16.09 -10.14 21.66
C TYR C 41 -14.90 -11.04 22.09
N TYR C 42 -15.18 -12.28 22.43
CA TYR C 42 -14.11 -13.22 22.82
C TYR C 42 -13.27 -13.61 21.63
N LEU C 43 -13.91 -13.85 20.48
CA LEU C 43 -13.14 -14.17 19.30
C LEU C 43 -12.16 -13.06 18.89
N LYS C 44 -12.59 -11.81 19.01
CA LYS C 44 -11.75 -10.67 18.70
C LYS C 44 -10.65 -10.44 19.75
N THR C 45 -11.06 -10.22 20.99
CA THR C 45 -10.13 -9.67 21.99
C THR C 45 -9.25 -10.74 22.62
N TRP C 46 -9.76 -11.96 22.71
CA TRP C 46 -9.03 -13.04 23.33
C TRP C 46 -8.37 -13.96 22.30
N ALA C 47 -9.10 -14.35 21.25
CA ALA C 47 -8.55 -15.26 20.25
C ALA C 47 -7.76 -14.58 19.13
N GLY C 48 -8.01 -13.29 18.93
CA GLY C 48 -7.31 -12.57 17.88
C GLY C 48 -7.87 -12.67 16.46
N ARG C 49 -9.16 -12.92 16.32
CA ARG C 49 -9.80 -12.87 15.01
C ARG C 49 -10.06 -11.41 14.60
N PRO C 50 -10.00 -11.09 13.31
CA PRO C 50 -9.81 -12.03 12.20
C PRO C 50 -8.35 -12.39 12.02
N THR C 51 -8.12 -13.57 11.48
CA THR C 51 -6.77 -13.96 11.08
C THR C 51 -6.55 -13.50 9.65
N PRO C 52 -5.29 -13.22 9.29
CA PRO C 52 -5.06 -12.72 7.93
C PRO C 52 -5.11 -13.78 6.86
N LEU C 53 -5.21 -13.33 5.61
CA LEU C 53 -5.08 -14.19 4.44
C LEU C 53 -3.80 -13.78 3.73
N TYR C 54 -2.82 -14.68 3.71
CA TYR C 54 -1.47 -14.31 3.32
C TYR C 54 -1.13 -14.87 1.94
N TYR C 55 -0.63 -14.01 1.05
CA TYR C 55 -0.17 -14.46 -0.26
C TYR C 55 1.22 -15.00 -0.15
N ALA C 56 1.38 -16.30 -0.35
CA ALA C 56 2.71 -16.92 -0.32
C ALA C 56 3.39 -16.70 -1.68
N LYS C 57 3.92 -15.50 -1.87
CA LYS C 57 4.45 -15.08 -3.16
C LYS C 57 5.70 -15.85 -3.58
N ARG C 58 6.61 -16.06 -2.63
N ARG C 58 6.61 -16.08 -2.64
CA ARG C 58 7.86 -16.76 -2.94
CA ARG C 58 7.86 -16.77 -2.98
C ARG C 58 7.57 -18.22 -3.33
C ARG C 58 7.58 -18.23 -3.33
N LEU C 59 6.73 -18.88 -2.55
CA LEU C 59 6.34 -20.27 -2.82
C LEU C 59 5.62 -20.38 -4.17
N THR C 60 4.76 -19.40 -4.44
CA THR C 60 4.05 -19.31 -5.70
C THR C 60 5.00 -19.18 -6.89
N GLU C 61 5.96 -18.27 -6.80
CA GLU C 61 6.89 -17.98 -7.89
C GLU C 61 7.79 -19.20 -8.15
N LYS C 62 8.21 -19.86 -7.07
CA LYS C 62 9.06 -21.06 -7.20
C LYS C 62 8.35 -22.16 -7.98
N ILE C 63 7.09 -22.37 -7.69
CA ILE C 63 6.34 -23.44 -8.32
C ILE C 63 5.95 -23.08 -9.75
N GLY C 64 5.63 -21.81 -10.00
CA GLY C 64 5.46 -21.30 -11.36
C GLY C 64 4.07 -21.46 -11.95
N GLY C 65 3.08 -21.78 -11.11
CA GLY C 65 1.67 -21.85 -11.54
C GLY C 65 0.78 -20.95 -10.69
N ALA C 66 -0.30 -21.52 -10.14
CA ALA C 66 -1.35 -20.70 -9.50
C ALA C 66 -0.84 -19.99 -8.25
N LYS C 67 -1.50 -18.88 -7.92
CA LYS C 67 -1.23 -18.16 -6.69
C LYS C 67 -1.66 -18.99 -5.51
N ILE C 68 -0.79 -19.11 -4.49
CA ILE C 68 -1.12 -19.83 -3.27
C ILE C 68 -1.30 -18.86 -2.11
N TYR C 69 -2.52 -18.79 -1.60
CA TYR C 69 -2.84 -17.99 -0.43
C TYR C 69 -3.02 -18.93 0.78
N LEU C 70 -2.66 -18.44 1.95
CA LEU C 70 -2.79 -19.20 3.19
C LEU C 70 -3.72 -18.46 4.15
N LYS C 71 -4.79 -19.14 4.58
CA LYS C 71 -5.66 -18.60 5.62
C LYS C 71 -5.03 -18.95 6.95
N ARG C 72 -4.60 -17.91 7.67
CA ARG C 72 -3.66 -18.06 8.75
C ARG C 72 -4.32 -18.39 10.12
N GLU C 73 -4.92 -19.57 10.23
CA GLU C 73 -5.46 -20.01 11.49
C GLU C 73 -4.37 -20.36 12.48
N ASP C 74 -3.14 -20.53 11.99
CA ASP C 74 -1.97 -20.68 12.84
C ASP C 74 -1.77 -19.50 13.80
N LEU C 75 -2.37 -18.36 13.46
CA LEU C 75 -2.27 -17.16 14.32
C LEU C 75 -3.35 -17.02 15.38
N VAL C 76 -4.36 -17.90 15.38
N VAL C 76 -4.38 -17.87 15.38
CA VAL C 76 -5.36 -17.90 16.47
CA VAL C 76 -5.37 -17.77 16.45
C VAL C 76 -4.67 -18.15 17.80
C VAL C 76 -4.77 -18.21 17.79
N HIS C 77 -5.20 -17.57 18.87
CA HIS C 77 -4.73 -17.90 20.20
C HIS C 77 -4.75 -19.39 20.46
N GLY C 78 -3.58 -19.93 20.84
CA GLY C 78 -3.40 -21.35 21.04
C GLY C 78 -2.73 -22.05 19.88
N GLY C 79 -2.77 -21.45 18.70
CA GLY C 79 -2.03 -21.93 17.55
C GLY C 79 -2.81 -22.87 16.65
N ALA C 80 -4.12 -22.96 16.83
CA ALA C 80 -4.94 -23.87 16.00
C ALA C 80 -6.37 -23.41 15.92
N HIS C 81 -7.00 -23.74 14.81
CA HIS C 81 -8.41 -23.41 14.59
C HIS C 81 -9.36 -23.97 15.63
N THR C 83 -9.62 -23.59 18.58
CA THR C 83 -10.06 -22.57 19.51
C THR C 83 -11.42 -21.98 19.15
N ASN C 84 -11.69 -21.81 17.86
CA ASN C 84 -12.96 -21.17 17.44
C ASN C 84 -14.17 -21.97 17.99
N ASN C 85 -14.10 -23.29 17.87
CA ASN C 85 -15.16 -24.17 18.34
C ASN C 85 -15.18 -24.31 19.88
N ALA C 86 -14.02 -24.36 20.51
CA ALA C 86 -13.96 -24.42 21.98
C ALA C 86 -14.64 -23.21 22.62
N ILE C 87 -14.38 -22.02 22.06
CA ILE C 87 -14.99 -20.80 22.57
C ILE C 87 -16.50 -20.86 22.34
N GLY C 88 -16.91 -21.15 21.11
CA GLY C 88 -18.33 -21.14 20.76
C GLY C 88 -19.12 -22.10 21.66
N GLN C 89 -18.65 -23.32 21.81
CA GLN C 89 -19.37 -24.30 22.64
C GLN C 89 -19.28 -23.99 24.13
N ALA C 90 -18.14 -23.49 24.62
CA ALA C 90 -18.04 -23.16 26.03
C ALA C 90 -18.99 -22.03 26.38
N LEU C 91 -19.12 -21.06 25.47
CA LEU C 91 -20.01 -19.94 25.70
C LEU C 91 -21.46 -20.42 25.63
N LEU C 92 -21.75 -21.29 24.67
CA LEU C 92 -23.10 -21.87 24.58
C LEU C 92 -23.46 -22.55 25.90
N ALA C 93 -22.51 -23.34 26.44
CA ALA C 93 -22.68 -24.00 27.73
C ALA C 93 -22.97 -22.99 28.84
N LYS C 94 -22.21 -21.90 28.88
CA LYS C 94 -22.43 -20.89 29.90
C LYS C 94 -23.83 -20.27 29.75
N PHE C 95 -24.25 -20.01 28.51
CA PHE C 95 -25.59 -19.48 28.29
C PHE C 95 -26.68 -20.48 28.69
N MET C 96 -26.36 -21.78 28.62
CA MET C 96 -27.29 -22.85 29.06
C MET C 96 -27.30 -23.05 30.58
N GLY C 97 -26.42 -22.32 31.28
CA GLY C 97 -26.33 -22.41 32.72
C GLY C 97 -25.41 -23.51 33.23
N LYS C 98 -24.56 -24.06 32.35
CA LYS C 98 -23.63 -25.11 32.76
C LYS C 98 -22.42 -24.49 33.44
N THR C 99 -21.79 -25.26 34.31
CA THR C 99 -20.66 -24.81 35.09
C THR C 99 -19.42 -25.65 34.85
N ARG C 100 -19.56 -26.72 34.05
CA ARG C 100 -18.49 -27.69 33.84
C ARG C 100 -18.43 -28.15 32.37
N LEU C 101 -17.22 -28.28 31.84
CA LEU C 101 -16.98 -28.83 30.51
C LEU C 101 -16.28 -30.16 30.66
N ILE C 102 -16.68 -31.13 29.85
CA ILE C 102 -15.88 -32.36 29.66
C ILE C 102 -15.57 -32.54 28.20
N ALA C 103 -14.47 -33.25 27.92
CA ALA C 103 -14.11 -33.57 26.54
C ALA C 103 -13.22 -34.76 26.56
N GLU C 104 -13.03 -35.36 25.39
CA GLU C 104 -12.00 -36.39 25.22
C GLU C 104 -10.91 -35.85 24.31
N THR C 105 -9.74 -36.45 24.38
CA THR C 105 -8.65 -36.03 23.51
C THR C 105 -7.69 -37.19 23.29
N GLY C 106 -7.14 -37.25 22.08
CA GLY C 106 -6.13 -38.26 21.71
C GLY C 106 -4.75 -37.64 21.60
N ALA C 107 -4.62 -36.71 20.67
CA ALA C 107 -3.39 -35.94 20.52
C ALA C 107 -3.16 -34.98 21.69
N GLY C 108 -4.23 -34.63 22.41
CA GLY C 108 -4.16 -33.57 23.42
C GLY C 108 -4.48 -32.16 22.94
N GLN C 109 -4.63 -31.98 21.63
CA GLN C 109 -4.84 -30.66 21.05
C GLN C 109 -6.23 -30.13 21.34
N HIS C 110 -7.22 -31.00 21.26
CA HIS C 110 -8.56 -30.58 21.66
C HIS C 110 -8.69 -30.44 23.16
N GLY C 111 -7.96 -31.25 23.90
CA GLY C 111 -7.94 -31.09 25.35
C GLY C 111 -7.42 -29.72 25.74
N VAL C 112 -6.33 -29.30 25.10
CA VAL C 112 -5.77 -27.98 25.39
C VAL C 112 -6.78 -26.87 25.01
N ALA C 113 -7.41 -26.98 23.84
CA ALA C 113 -8.34 -25.94 23.40
C ALA C 113 -9.51 -25.80 24.39
N THR C 114 -10.03 -26.95 24.82
CA THR C 114 -11.14 -26.98 25.79
C THR C 114 -10.70 -26.39 27.12
N ALA C 115 -9.52 -26.77 27.58
CA ALA C 115 -8.98 -26.20 28.81
C ALA C 115 -8.83 -24.69 28.74
N MET C 116 -8.39 -24.18 27.61
CA MET C 116 -8.20 -22.73 27.44
C MET C 116 -9.53 -22.01 27.52
N ALA C 117 -10.54 -22.52 26.81
CA ALA C 117 -11.82 -21.85 26.78
C ALA C 117 -12.52 -21.95 28.14
N GLY C 118 -12.36 -23.08 28.83
CA GLY C 118 -12.93 -23.22 30.18
C GLY C 118 -12.29 -22.24 31.16
N ALA C 119 -10.98 -22.05 31.04
CA ALA C 119 -10.31 -21.08 31.89
C ALA C 119 -10.82 -19.67 31.60
N LEU C 120 -10.94 -19.32 30.32
CA LEU C 120 -11.48 -18.02 29.92
C LEU C 120 -12.81 -17.76 30.60
N LEU C 121 -13.67 -18.77 30.58
CA LEU C 121 -15.06 -18.54 30.98
C LEU C 121 -15.36 -18.99 32.41
N GLY C 122 -14.32 -19.35 33.16
CA GLY C 122 -14.47 -19.70 34.57
C GLY C 122 -15.24 -20.98 34.83
N MET C 123 -15.04 -21.97 33.95
CA MET C 123 -15.72 -23.26 34.07
C MET C 123 -14.75 -24.34 34.54
N LYS C 124 -15.27 -25.31 35.28
CA LYS C 124 -14.51 -26.48 35.62
C LYS C 124 -14.30 -27.30 34.34
N VAL C 125 -13.11 -27.88 34.18
CA VAL C 125 -12.83 -28.66 32.98
C VAL C 125 -12.22 -29.99 33.37
N ASP C 126 -12.85 -31.08 32.92
CA ASP C 126 -12.28 -32.44 33.07
C ASP C 126 -12.08 -33.06 31.68
N ILE C 127 -10.87 -33.53 31.40
CA ILE C 127 -10.52 -34.06 30.06
C ILE C 127 -10.20 -35.54 30.20
N TYR C 128 -10.92 -36.37 29.46
CA TYR C 128 -10.66 -37.80 29.44
C TYR C 128 -9.66 -38.12 28.35
N MET C 129 -8.66 -38.92 28.69
CA MET C 129 -7.58 -39.21 27.78
C MET C 129 -7.06 -40.63 28.06
N GLY C 130 -7.09 -41.49 27.04
CA GLY C 130 -6.53 -42.83 27.17
C GLY C 130 -5.14 -42.82 27.77
N ALA C 131 -4.88 -43.73 28.73
CA ALA C 131 -3.57 -43.71 29.40
C ALA C 131 -2.41 -43.88 28.41
N GLU C 132 -2.63 -44.64 27.34
CA GLU C 132 -1.63 -44.75 26.29
C GLU C 132 -1.33 -43.39 25.64
N ASP C 133 -2.35 -42.56 25.48
CA ASP C 133 -2.16 -41.23 24.93
C ASP C 133 -1.55 -40.25 25.93
N VAL C 134 -1.93 -40.37 27.19
CA VAL C 134 -1.33 -39.57 28.22
C VAL C 134 0.20 -39.77 28.19
N GLU C 135 0.63 -41.03 28.07
CA GLU C 135 2.07 -41.37 27.96
C GLU C 135 2.78 -40.68 26.78
N ARG C 136 2.10 -40.58 25.64
CA ARG C 136 2.72 -40.05 24.41
C ARG C 136 2.67 -38.53 24.31
N GLN C 137 1.84 -37.89 25.12
CA GLN C 137 1.57 -36.45 25.00
C GLN C 137 1.81 -35.74 26.32
N LYS C 138 2.98 -35.97 26.88
CA LYS C 138 3.29 -35.46 28.22
C LYS C 138 3.23 -33.93 28.29
N MET C 139 3.65 -33.23 27.24
CA MET C 139 3.59 -31.79 27.23
C MET C 139 2.17 -31.23 27.12
N ASN C 140 1.32 -31.85 26.29
CA ASN C 140 -0.06 -31.39 26.21
C ASN C 140 -0.81 -31.64 27.52
N VAL C 141 -0.48 -32.73 28.20
CA VAL C 141 -1.06 -33.00 29.51
C VAL C 141 -0.65 -31.92 30.53
N PHE C 142 0.63 -31.55 30.51
CA PHE C 142 1.09 -30.46 31.35
C PHE C 142 0.40 -29.13 31.01
N ARG C 143 0.28 -28.81 29.72
CA ARG C 143 -0.45 -27.61 29.26
CA ARG C 143 -0.44 -27.60 29.28
C ARG C 143 -1.84 -27.57 29.88
N MET C 144 -2.58 -28.67 29.74
CA MET C 144 -3.93 -28.73 30.28
C MET C 144 -3.96 -28.47 31.77
N LYS C 145 -3.01 -29.05 32.51
CA LYS C 145 -2.93 -28.83 33.96
C LYS C 145 -2.62 -27.38 34.29
N LEU C 146 -1.71 -26.77 33.51
CA LEU C 146 -1.35 -25.37 33.69
CA LEU C 146 -1.36 -25.34 33.68
C LEU C 146 -2.58 -24.46 33.53
N LEU C 147 -3.47 -24.84 32.61
CA LEU C 147 -4.70 -24.08 32.30
C LEU C 147 -5.85 -24.36 33.27
N GLY C 148 -5.60 -25.19 34.27
CA GLY C 148 -6.57 -25.44 35.35
C GLY C 148 -7.45 -26.64 35.15
N ALA C 149 -7.22 -27.38 34.07
CA ALA C 149 -8.04 -28.56 33.76
C ALA C 149 -7.51 -29.79 34.51
N ASN C 150 -8.41 -30.73 34.74
CA ASN C 150 -8.07 -32.00 35.36
C ASN C 150 -8.02 -33.04 34.25
N VAL C 151 -6.86 -33.66 34.05
CA VAL C 151 -6.75 -34.71 33.03
C VAL C 151 -6.99 -36.05 33.69
N ILE C 152 -7.99 -36.77 33.20
CA ILE C 152 -8.33 -38.07 33.77
C ILE C 152 -7.85 -39.20 32.86
N PRO C 153 -6.82 -39.95 33.31
CA PRO C 153 -6.36 -41.07 32.50
C PRO C 153 -7.39 -42.17 32.45
N VAL C 154 -7.67 -42.65 31.26
CA VAL C 154 -8.61 -43.74 31.07
C VAL C 154 -7.81 -45.04 30.92
N ASN C 155 -7.92 -45.88 31.95
CA ASN C 155 -7.07 -47.08 32.09
C ASN C 155 -7.83 -48.34 31.67
N SER C 156 -9.07 -48.16 31.19
CA SER C 156 -9.92 -49.29 30.77
C SER C 156 -9.79 -49.56 29.28
N GLY C 157 -10.33 -50.70 28.85
CA GLY C 157 -10.26 -51.11 27.44
C GLY C 157 -8.84 -51.13 26.93
N SER C 158 -8.64 -50.52 25.76
CA SER C 158 -7.32 -50.43 25.11
C SER C 158 -6.56 -49.16 25.49
N ARG C 159 -7.13 -48.37 26.41
CA ARG C 159 -6.50 -47.17 26.95
C ARG C 159 -6.21 -46.13 25.87
N THR C 160 -7.14 -46.01 24.92
CA THR C 160 -6.95 -45.14 23.73
C THR C 160 -8.18 -44.26 23.55
N LEU C 161 -8.25 -43.56 22.43
CA LEU C 161 -9.28 -42.55 22.23
C LEU C 161 -10.69 -43.13 22.37
N LYS C 162 -10.92 -44.31 21.76
CA LYS C 162 -12.22 -44.98 21.86
C LYS C 162 -12.69 -45.12 23.32
N ASP C 163 -11.74 -45.41 24.22
CA ASP C 163 -12.08 -45.61 25.62
C ASP C 163 -12.38 -44.30 26.32
N ALA C 164 -11.64 -43.25 25.95
CA ALA C 164 -11.94 -41.92 26.46
C ALA C 164 -13.31 -41.38 26.01
N ILE C 165 -13.67 -41.65 24.76
CA ILE C 165 -14.99 -41.30 24.24
C ILE C 165 -16.08 -41.98 25.08
N ASN C 166 -15.90 -43.26 25.35
CA ASN C 166 -16.88 -44.01 26.13
C ASN C 166 -17.02 -43.45 27.54
N GLU C 167 -15.91 -43.06 28.17
CA GLU C 167 -15.96 -42.51 29.51
C GLU C 167 -16.58 -41.14 29.53
N ALA C 168 -16.26 -40.32 28.53
CA ALA C 168 -16.86 -39.00 28.45
C ALA C 168 -18.38 -39.11 28.31
N LEU C 169 -18.82 -40.02 27.46
CA LEU C 169 -20.25 -40.24 27.27
C LEU C 169 -20.95 -40.70 28.55
N ARG C 170 -20.32 -41.65 29.25
CA ARG C 170 -20.83 -42.11 30.55
C ARG C 170 -20.94 -40.98 31.57
N ASP C 171 -19.92 -40.11 31.61
CA ASP C 171 -19.94 -38.94 32.48
C ASP C 171 -21.14 -38.05 32.13
N TRP C 172 -21.28 -37.72 30.85
CA TRP C 172 -22.30 -36.76 30.42
C TRP C 172 -23.73 -37.24 30.75
N VAL C 173 -23.97 -38.55 30.60
CA VAL C 173 -25.25 -39.18 31.01
C VAL C 173 -25.58 -38.84 32.46
N ALA C 174 -24.55 -38.90 33.32
CA ALA C 174 -24.71 -38.65 34.75
C ALA C 174 -24.76 -37.15 35.11
N THR C 175 -24.09 -36.29 34.32
CA THR C 175 -23.79 -34.93 34.78
C THR C 175 -24.34 -33.80 33.88
N PHE C 176 -25.14 -34.15 32.86
CA PHE C 176 -25.54 -33.17 31.85
C PHE C 176 -26.33 -31.95 32.39
N GLU C 177 -26.95 -32.08 33.56
CA GLU C 177 -27.63 -30.93 34.20
C GLU C 177 -26.72 -29.71 34.38
N TYR C 178 -25.43 -29.94 34.71
CA TYR C 178 -24.48 -28.85 34.93
C TYR C 178 -23.23 -28.95 34.03
N THR C 179 -23.16 -29.98 33.19
CA THR C 179 -21.95 -30.26 32.38
C THR C 179 -22.28 -30.25 30.89
N HIS C 180 -21.44 -29.59 30.09
CA HIS C 180 -21.49 -29.67 28.64
C HIS C 180 -20.38 -30.57 28.12
N TYR C 181 -20.74 -31.50 27.24
CA TYR C 181 -19.78 -32.33 26.54
C TYR C 181 -19.31 -31.60 25.27
N LEU C 182 -18.04 -31.16 25.26
CA LEU C 182 -17.52 -30.33 24.21
C LEU C 182 -16.79 -31.18 23.18
N ILE C 183 -17.51 -31.55 22.12
CA ILE C 183 -16.91 -32.34 21.04
C ILE C 183 -16.05 -31.47 20.14
N GLY C 184 -14.92 -31.99 19.69
CA GLY C 184 -13.88 -31.17 19.09
C GLY C 184 -13.77 -31.16 17.60
N SER C 185 -14.62 -31.93 16.91
CA SER C 185 -14.66 -31.90 15.44
C SER C 185 -16.08 -32.06 14.99
N VAL C 186 -16.28 -32.08 13.69
CA VAL C 186 -17.63 -32.17 13.08
C VAL C 186 -18.13 -33.60 13.11
N VAL C 187 -18.08 -34.19 14.31
CA VAL C 187 -18.37 -35.60 14.54
C VAL C 187 -19.30 -35.73 15.72
N GLY C 188 -19.74 -36.96 15.98
CA GLY C 188 -20.61 -37.21 17.08
C GLY C 188 -22.07 -37.23 16.66
N PRO C 189 -22.96 -37.46 17.61
CA PRO C 189 -24.38 -37.44 17.29
C PRO C 189 -24.85 -36.03 17.00
N HIS C 190 -25.87 -35.89 16.17
CA HIS C 190 -26.57 -34.59 16.03
C HIS C 190 -26.96 -34.07 17.43
N PRO C 191 -26.69 -32.78 17.73
CA PRO C 191 -26.44 -31.70 16.75
C PRO C 191 -24.95 -31.28 16.58
N TYR C 192 -24.03 -32.12 17.05
CA TYR C 192 -22.63 -31.71 17.09
C TYR C 192 -21.97 -31.45 15.71
N PRO C 193 -22.15 -32.33 14.72
CA PRO C 193 -21.54 -32.01 13.40
C PRO C 193 -21.98 -30.65 12.83
N THR C 194 -23.21 -30.26 13.11
CA THR C 194 -23.73 -28.97 12.64
C THR C 194 -23.21 -27.79 13.47
N ILE C 195 -23.23 -27.95 14.80
CA ILE C 195 -22.73 -26.92 15.70
C ILE C 195 -21.25 -26.60 15.46
N VAL C 196 -20.44 -27.66 15.34
CA VAL C 196 -19.00 -27.44 15.17
C VAL C 196 -18.73 -26.78 13.81
N ARG C 197 -19.42 -27.22 12.78
CA ARG C 197 -19.24 -26.61 11.45
C ARG C 197 -19.66 -25.13 11.53
N ASP C 198 -20.73 -24.85 12.23
CA ASP C 198 -21.20 -23.48 12.37
C ASP C 198 -20.20 -22.61 13.10
N PHE C 199 -19.55 -23.14 14.13
CA PHE C 199 -18.57 -22.34 14.89
C PHE C 199 -17.22 -22.24 14.19
N GLN C 200 -17.01 -22.99 13.09
CA GLN C 200 -15.78 -22.88 12.33
C GLN C 200 -15.96 -22.12 11.03
N SER C 201 -17.22 -21.83 10.67
CA SER C 201 -17.53 -21.17 9.39
C SER C 201 -17.02 -19.75 9.30
N VAL C 202 -16.69 -19.16 10.44
CA VAL C 202 -16.04 -17.87 10.47
C VAL C 202 -14.76 -17.88 9.60
N ILE C 203 -14.06 -19.01 9.58
CA ILE C 203 -12.85 -19.11 8.80
C ILE C 203 -13.19 -18.81 7.35
N GLY C 204 -14.16 -19.52 6.79
CA GLY C 204 -14.53 -19.32 5.39
C GLY C 204 -15.12 -17.96 5.09
N ARG C 205 -15.93 -17.43 6.02
CA ARG C 205 -16.54 -16.10 5.81
C ARG C 205 -15.43 -15.05 5.75
N GLU C 206 -14.44 -15.15 6.63
CA GLU C 206 -13.34 -14.19 6.58
C GLU C 206 -12.58 -14.35 5.26
N ALA C 207 -12.22 -15.60 4.94
CA ALA C 207 -11.40 -15.88 3.76
C ALA C 207 -12.07 -15.38 2.49
N LYS C 208 -13.39 -15.56 2.40
CA LYS C 208 -14.10 -15.11 1.22
C LYS C 208 -14.00 -13.60 1.07
N ALA C 209 -14.28 -12.85 2.14
CA ALA C 209 -14.17 -11.40 2.09
C ALA C 209 -12.73 -10.98 1.82
N GLN C 210 -11.76 -11.70 2.39
CA GLN C 210 -10.35 -11.36 2.19
C GLN C 210 -9.85 -11.60 0.77
N ILE C 211 -10.30 -12.69 0.14
CA ILE C 211 -9.83 -12.98 -1.22
C ILE C 211 -10.53 -12.04 -2.22
N LEU C 212 -11.77 -11.67 -1.96
CA LEU C 212 -12.42 -10.67 -2.80
C LEU C 212 -11.70 -9.30 -2.69
N GLU C 213 -11.28 -8.95 -1.49
N GLU C 213 -11.28 -8.93 -1.49
CA GLU C 213 -10.51 -7.71 -1.27
CA GLU C 213 -10.50 -7.69 -1.33
C GLU C 213 -9.16 -7.73 -2.01
C GLU C 213 -9.18 -7.76 -2.10
N ALA C 214 -8.46 -8.86 -1.93
CA ALA C 214 -7.09 -8.97 -2.45
C ALA C 214 -7.05 -9.15 -3.95
N GLU C 215 -7.99 -9.93 -4.49
CA GLU C 215 -7.94 -10.39 -5.88
C GLU C 215 -9.19 -10.07 -6.72
N GLY C 216 -10.24 -9.57 -6.09
CA GLY C 216 -11.49 -9.22 -6.81
C GLY C 216 -12.24 -10.42 -7.36
N GLN C 217 -11.92 -11.63 -6.88
CA GLN C 217 -12.66 -12.84 -7.30
C GLN C 217 -12.53 -13.98 -6.30
N LEU C 218 -13.44 -14.93 -6.43
CA LEU C 218 -13.40 -16.10 -5.58
C LEU C 218 -12.22 -16.99 -5.99
N PRO C 219 -11.76 -17.86 -5.09
CA PRO C 219 -10.66 -18.79 -5.42
C PRO C 219 -11.10 -19.87 -6.39
N ASP C 220 -10.15 -20.43 -7.12
CA ASP C 220 -10.44 -21.58 -7.98
C ASP C 220 -10.53 -22.86 -7.20
N VAL C 221 -9.72 -22.95 -6.13
CA VAL C 221 -9.68 -24.11 -5.28
C VAL C 221 -9.43 -23.73 -3.84
N ILE C 222 -10.11 -24.43 -2.91
CA ILE C 222 -9.78 -24.38 -1.48
C ILE C 222 -9.32 -25.75 -1.03
N VAL C 223 -8.16 -25.79 -0.36
CA VAL C 223 -7.55 -27.03 0.11
C VAL C 223 -7.40 -27.03 1.65
N ALA C 224 -7.86 -28.09 2.28
CA ALA C 224 -7.79 -28.19 3.73
C ALA C 224 -7.51 -29.63 4.11
N CYS C 225 -6.74 -29.82 5.18
CA CYS C 225 -6.55 -31.17 5.73
C CYS C 225 -7.78 -31.63 6.50
N VAL C 226 -7.96 -32.94 6.55
CA VAL C 226 -9.13 -33.53 7.14
C VAL C 226 -8.73 -34.57 8.17
N GLY C 227 -9.04 -34.27 9.43
CA GLY C 227 -9.05 -35.27 10.48
C GLY C 227 -10.49 -35.74 10.55
N GLY C 228 -11.16 -35.36 11.62
CA GLY C 228 -12.61 -35.43 11.66
C GLY C 228 -13.30 -34.50 10.69
N GLY C 229 -12.67 -33.36 10.39
CA GLY C 229 -13.17 -32.51 9.30
C GLY C 229 -13.54 -31.08 9.63
N SER C 230 -13.24 -30.60 10.85
CA SER C 230 -13.77 -29.29 11.28
C SER C 230 -13.11 -28.06 10.61
N ASN C 231 -11.78 -28.05 10.47
CA ASN C 231 -11.15 -26.90 9.80
C ASN C 231 -11.54 -26.87 8.32
N ALA C 232 -11.71 -28.05 7.71
CA ALA C 232 -12.13 -28.11 6.32
C ALA C 232 -13.58 -27.65 6.14
N MET C 233 -14.50 -28.12 6.99
CA MET C 233 -15.88 -27.60 6.89
C MET C 233 -15.93 -26.10 7.15
N GLY C 234 -15.11 -25.60 8.07
CA GLY C 234 -15.15 -24.18 8.42
C GLY C 234 -14.79 -23.32 7.22
N ILE C 235 -13.77 -23.72 6.48
CA ILE C 235 -13.38 -22.94 5.32
C ILE C 235 -14.22 -23.26 4.08
N PHE C 236 -14.67 -24.52 3.95
CA PHE C 236 -15.53 -24.93 2.81
C PHE C 236 -16.89 -24.27 2.84
N TYR C 237 -17.54 -24.28 4.01
CA TYR C 237 -19.01 -24.13 4.09
C TYR C 237 -19.51 -22.88 3.37
N PRO C 238 -18.86 -21.72 3.60
CA PRO C 238 -19.40 -20.51 2.95
C PRO C 238 -19.22 -20.48 1.44
N PHE C 239 -18.46 -21.42 0.88
CA PHE C 239 -18.26 -21.48 -0.58
C PHE C 239 -19.07 -22.58 -1.25
N VAL C 240 -19.82 -23.36 -0.47
CA VAL C 240 -20.45 -24.58 -1.02
C VAL C 240 -21.41 -24.22 -2.17
N ASN C 241 -22.11 -23.11 -2.04
CA ASN C 241 -23.02 -22.66 -3.11
C ASN C 241 -22.39 -21.77 -4.17
N ASP C 242 -21.07 -21.56 -4.08
CA ASP C 242 -20.32 -20.98 -5.18
C ASP C 242 -19.80 -22.13 -6.05
N LYS C 243 -20.53 -22.42 -7.12
CA LYS C 243 -20.43 -23.72 -7.80
C LYS C 243 -19.07 -23.96 -8.44
N LYS C 244 -18.40 -22.89 -8.88
CA LYS C 244 -17.13 -23.03 -9.58
C LYS C 244 -15.90 -23.06 -8.64
N VAL C 245 -16.13 -22.93 -7.34
CA VAL C 245 -15.04 -23.05 -6.38
C VAL C 245 -14.85 -24.54 -6.03
N LYS C 246 -13.73 -25.12 -6.44
CA LYS C 246 -13.41 -26.49 -6.11
C LYS C 246 -13.04 -26.60 -4.64
N LEU C 247 -13.45 -27.70 -4.02
CA LEU C 247 -13.12 -27.99 -2.63
C LEU C 247 -12.37 -29.31 -2.51
N VAL C 248 -11.18 -29.28 -1.89
CA VAL C 248 -10.34 -30.45 -1.75
C VAL C 248 -9.99 -30.68 -0.28
N GLY C 249 -10.38 -31.83 0.23
CA GLY C 249 -9.99 -32.26 1.55
C GLY C 249 -8.85 -33.24 1.44
N VAL C 250 -7.88 -33.11 2.34
CA VAL C 250 -6.63 -33.92 2.27
C VAL C 250 -6.46 -34.76 3.54
N GLU C 251 -6.58 -36.09 3.38
CA GLU C 251 -6.46 -37.03 4.50
C GLU C 251 -5.02 -37.51 4.62
N ALA C 252 -4.69 -38.03 5.79
CA ALA C 252 -3.39 -38.59 6.08
C ALA C 252 -3.17 -39.92 5.39
N GLY C 253 -2.20 -39.96 4.46
CA GLY C 253 -1.79 -41.20 3.79
C GLY C 253 -0.78 -42.01 4.59
N GLY C 254 -0.15 -41.37 5.58
CA GLY C 254 0.74 -42.07 6.49
C GLY C 254 1.95 -42.63 5.76
N LYS C 255 2.17 -43.92 5.93
CA LYS C 255 3.27 -44.63 5.26
C LYS C 255 2.82 -45.16 3.89
N GLY C 256 1.58 -44.83 3.50
CA GLY C 256 1.07 -45.22 2.21
C GLY C 256 -0.22 -45.97 2.41
N LEU C 257 -1.13 -45.79 1.47
CA LEU C 257 -2.44 -46.43 1.57
C LEU C 257 -2.35 -47.94 1.57
N GLU C 258 -1.39 -48.48 0.83
CA GLU C 258 -1.20 -49.92 0.73
C GLU C 258 -0.52 -50.51 1.98
N SER C 259 0.15 -49.65 2.75
CA SER C 259 0.91 -50.09 3.94
C SER C 259 0.04 -50.45 5.14
N GLY C 260 -1.23 -50.06 5.11
CA GLY C 260 -2.11 -50.17 6.27
C GLY C 260 -1.87 -49.18 7.41
N LYS C 261 -0.87 -48.29 7.27
CA LYS C 261 -0.53 -47.32 8.32
C LYS C 261 -0.91 -45.92 7.84
N HIS C 262 -2.17 -45.55 8.03
CA HIS C 262 -2.68 -44.28 7.53
C HIS C 262 -3.89 -43.88 8.35
N SER C 263 -4.48 -42.74 8.02
CA SER C 263 -5.74 -42.32 8.67
C SER C 263 -6.72 -41.74 7.66
N ALA C 264 -6.83 -42.42 6.53
CA ALA C 264 -7.64 -41.97 5.40
C ALA C 264 -8.98 -42.71 5.37
N SER C 265 -9.96 -42.20 6.12
CA SER C 265 -11.26 -42.90 6.28
C SER C 265 -12.11 -42.78 5.03
N LEU C 266 -12.12 -41.62 4.39
CA LEU C 266 -12.91 -41.45 3.16
C LEU C 266 -12.33 -42.25 2.00
N ASN C 267 -11.00 -42.23 1.87
CA ASN C 267 -10.34 -42.92 0.74
C ASN C 267 -10.27 -44.44 0.94
N ALA C 268 -10.11 -44.89 2.18
CA ALA C 268 -9.79 -46.31 2.46
C ALA C 268 -10.70 -46.97 3.51
N GLY C 269 -11.65 -46.21 4.04
CA GLY C 269 -12.52 -46.72 5.07
C GLY C 269 -13.83 -47.21 4.48
N GLN C 270 -14.77 -47.50 5.36
CA GLN C 270 -16.06 -48.05 4.96
C GLN C 270 -17.16 -47.41 5.83
N VAL C 271 -18.41 -47.53 5.44
CA VAL C 271 -19.51 -47.03 6.26
CA VAL C 271 -19.47 -47.02 6.28
C VAL C 271 -19.58 -47.84 7.55
N GLY C 272 -19.89 -47.16 8.64
CA GLY C 272 -20.03 -47.78 9.93
C GLY C 272 -20.66 -46.81 10.91
N VAL C 273 -20.84 -47.29 12.13
CA VAL C 273 -21.37 -46.46 13.21
C VAL C 273 -20.35 -46.39 14.37
N PHE C 274 -20.00 -45.18 14.80
CA PHE C 274 -19.08 -44.97 15.89
C PHE C 274 -19.31 -43.55 16.38
N HIS C 275 -19.16 -43.31 17.68
CA HIS C 275 -19.30 -41.98 18.27
C HIS C 275 -20.69 -41.39 18.02
N GLY C 276 -21.68 -42.26 17.87
CA GLY C 276 -23.04 -41.81 17.75
C GLY C 276 -23.43 -41.36 16.34
N MET C 277 -22.58 -41.62 15.35
CA MET C 277 -22.88 -41.22 13.97
C MET C 277 -22.62 -42.35 12.98
N LEU C 278 -23.37 -42.30 11.89
CA LEU C 278 -23.14 -43.14 10.72
C LEU C 278 -22.32 -42.34 9.71
N SER C 279 -21.12 -42.82 9.41
CA SER C 279 -20.20 -42.12 8.52
C SER C 279 -19.14 -43.12 8.06
N TYR C 280 -18.04 -42.63 7.50
CA TYR C 280 -16.91 -43.49 7.11
C TYR C 280 -15.92 -43.63 8.26
N PHE C 281 -15.53 -44.87 8.54
CA PHE C 281 -14.63 -45.20 9.61
C PHE C 281 -13.57 -46.20 9.15
N LEU C 282 -12.44 -46.21 9.85
CA LEU C 282 -11.45 -47.26 9.69
C LEU C 282 -11.70 -48.33 10.73
N GLN C 283 -12.28 -49.43 10.27
CA GLN C 283 -12.80 -50.49 11.14
C GLN C 283 -12.27 -51.82 10.62
N ASP C 284 -11.97 -52.73 11.53
CA ASP C 284 -11.52 -54.07 11.10
C ASP C 284 -12.72 -54.95 10.75
N GLU C 285 -12.44 -56.22 10.44
CA GLU C 285 -13.46 -57.12 9.94
C GLU C 285 -14.49 -57.53 11.00
N GLU C 286 -14.15 -57.32 12.28
CA GLU C 286 -15.07 -57.56 13.38
C GLU C 286 -15.78 -56.28 13.83
N GLY C 287 -15.67 -55.21 13.04
CA GLY C 287 -16.39 -53.96 13.28
C GLY C 287 -15.74 -53.06 14.32
N GLN C 288 -14.52 -53.40 14.73
CA GLN C 288 -13.82 -52.65 15.79
C GLN C 288 -12.94 -51.58 15.18
N ILE C 289 -13.00 -50.39 15.75
CA ILE C 289 -12.19 -49.26 15.31
C ILE C 289 -10.72 -49.70 15.21
N LYS C 290 -10.06 -49.38 14.10
CA LYS C 290 -8.62 -49.65 13.93
C LYS C 290 -7.78 -48.51 14.49
N PRO C 291 -6.58 -48.85 15.01
CA PRO C 291 -5.57 -47.80 15.20
C PRO C 291 -5.21 -47.11 13.88
N THR C 292 -4.93 -45.82 13.98
CA THR C 292 -4.56 -45.01 12.83
C THR C 292 -3.12 -44.58 12.96
N HIS C 293 -2.53 -44.17 11.84
CA HIS C 293 -1.21 -43.59 11.86
C HIS C 293 -1.12 -42.37 10.97
N SER C 294 -0.47 -41.34 11.49
CA SER C 294 0.00 -40.22 10.69
C SER C 294 1.17 -39.59 11.43
N ILE C 295 2.11 -39.01 10.70
CA ILE C 295 3.13 -38.19 11.32
C ILE C 295 2.46 -37.02 12.07
N ALA C 296 1.30 -36.58 11.57
CA ALA C 296 0.57 -35.47 12.22
C ALA C 296 -0.27 -36.01 13.38
N PRO C 297 0.04 -35.60 14.62
CA PRO C 297 -0.64 -36.24 15.77
C PRO C 297 -2.17 -36.07 15.77
N GLY C 298 -2.65 -34.96 15.21
CA GLY C 298 -4.06 -34.63 15.26
C GLY C 298 -4.87 -35.14 14.07
N LEU C 299 -4.22 -35.86 13.16
CA LEU C 299 -4.96 -36.56 12.10
C LEU C 299 -5.20 -38.04 12.48
N ASP C 300 -5.53 -38.29 13.75
CA ASP C 300 -5.63 -39.65 14.31
C ASP C 300 -7.05 -40.15 14.47
N TYR C 301 -8.05 -39.27 14.36
CA TYR C 301 -9.43 -39.70 14.56
C TYR C 301 -9.75 -40.77 13.50
N PRO C 302 -10.37 -41.89 13.92
CA PRO C 302 -10.53 -43.03 12.98
C PRO C 302 -11.76 -42.96 12.09
N GLY C 303 -12.23 -41.77 11.81
CA GLY C 303 -13.38 -41.59 10.95
C GLY C 303 -13.38 -40.17 10.46
N VAL C 304 -14.50 -39.79 9.87
CA VAL C 304 -14.68 -38.46 9.32
C VAL C 304 -16.12 -38.07 9.58
N GLY C 305 -16.35 -36.77 9.70
CA GLY C 305 -17.70 -36.26 9.92
C GLY C 305 -18.65 -36.55 8.77
N PRO C 306 -19.95 -36.66 9.07
CA PRO C 306 -20.93 -37.06 8.07
C PRO C 306 -21.14 -36.03 6.95
N GLU C 307 -20.89 -34.75 7.21
CA GLU C 307 -21.07 -33.76 6.14
C GLU C 307 -20.04 -33.94 5.02
N HIS C 308 -18.84 -34.39 5.38
CA HIS C 308 -17.82 -34.70 4.38
C HIS C 308 -18.21 -35.98 3.60
N ALA C 309 -18.71 -36.98 4.30
CA ALA C 309 -19.21 -38.19 3.62
C ALA C 309 -20.25 -37.79 2.55
N TYR C 310 -21.14 -36.87 2.93
CA TYR C 310 -22.15 -36.34 2.01
C TYR C 310 -21.57 -35.53 0.86
N LEU C 311 -20.65 -34.62 1.19
CA LEU C 311 -20.02 -33.82 0.13
C LEU C 311 -19.28 -34.69 -0.88
N LYS C 312 -18.63 -35.75 -0.40
CA LYS C 312 -18.00 -36.71 -1.29
C LYS C 312 -19.03 -37.43 -2.16
N LYS C 313 -20.12 -37.88 -1.56
CA LYS C 313 -21.15 -38.62 -2.31
C LYS C 313 -21.71 -37.80 -3.48
N ILE C 314 -22.00 -36.53 -3.24
CA ILE C 314 -22.58 -35.67 -4.28
C ILE C 314 -21.53 -35.03 -5.17
N GLN C 315 -20.27 -35.38 -4.91
CA GLN C 315 -19.12 -34.91 -5.67
C GLN C 315 -18.94 -33.38 -5.63
N ARG C 316 -19.38 -32.78 -4.53
CA ARG C 316 -19.16 -31.34 -4.31
C ARG C 316 -17.74 -31.07 -3.83
N ALA C 317 -17.16 -32.01 -3.10
CA ALA C 317 -15.75 -31.92 -2.69
C ALA C 317 -15.03 -33.22 -3.10
N GLU C 318 -13.77 -33.07 -3.49
CA GLU C 318 -12.87 -34.18 -3.76
C GLU C 318 -11.98 -34.42 -2.53
N TYR C 319 -11.68 -35.69 -2.26
CA TYR C 319 -10.85 -36.04 -1.13
C TYR C 319 -9.65 -36.87 -1.56
N VAL C 320 -8.48 -36.38 -1.20
CA VAL C 320 -7.22 -36.96 -1.62
C VAL C 320 -6.39 -37.33 -0.38
N THR C 321 -5.25 -37.98 -0.60
CA THR C 321 -4.30 -38.26 0.48
C THR C 321 -2.93 -37.74 0.16
N VAL C 322 -2.17 -37.46 1.21
CA VAL C 322 -0.79 -37.03 1.13
C VAL C 322 -0.02 -37.88 2.14
N THR C 323 1.16 -38.36 1.79
CA THR C 323 1.95 -39.21 2.69
C THR C 323 2.65 -38.40 3.81
N ASP C 324 3.12 -39.10 4.85
CA ASP C 324 4.03 -38.51 5.85
C ASP C 324 5.17 -37.79 5.17
N GLU C 325 5.81 -38.48 4.20
CA GLU C 325 7.02 -37.93 3.57
C GLU C 325 6.70 -36.62 2.82
N GLU C 326 5.55 -36.58 2.15
CA GLU C 326 5.12 -35.38 1.44
C GLU C 326 4.77 -34.22 2.38
N ALA C 327 4.10 -34.54 3.49
CA ALA C 327 3.79 -33.54 4.53
C ALA C 327 5.07 -32.96 5.17
N LEU C 328 6.01 -33.83 5.50
CA LEU C 328 7.30 -33.38 6.03
C LEU C 328 8.03 -32.45 5.04
N LYS C 329 8.04 -32.81 3.76
CA LYS C 329 8.71 -31.95 2.76
C LYS C 329 8.05 -30.58 2.68
N ALA C 330 6.73 -30.55 2.79
CA ALA C 330 6.00 -29.29 2.81
C ALA C 330 6.20 -28.49 4.10
N PHE C 331 6.37 -29.20 5.23
CA PHE C 331 6.68 -28.55 6.52
C PHE C 331 8.00 -27.78 6.39
N HIS C 332 9.01 -28.43 5.83
CA HIS C 332 10.31 -27.80 5.60
C HIS C 332 10.25 -26.67 4.57
N GLU C 333 9.52 -26.89 3.48
CA GLU C 333 9.49 -25.93 2.37
C GLU C 333 8.81 -24.62 2.79
N LEU C 334 7.67 -24.72 3.47
CA LEU C 334 7.00 -23.49 3.91
C LEU C 334 7.85 -22.72 4.94
N SER C 335 8.49 -23.45 5.85
CA SER C 335 9.34 -22.81 6.83
C SER C 335 10.46 -22.01 6.17
N ARG C 336 11.16 -22.64 5.21
CA ARG C 336 12.33 -22.04 4.56
C ARG C 336 11.93 -20.94 3.53
N THR C 337 10.76 -21.06 2.94
CA THR C 337 10.40 -20.24 1.80
C THR C 337 9.57 -19.01 2.23
N GLU C 338 8.72 -19.18 3.24
CA GLU C 338 7.83 -18.10 3.72
C GLU C 338 8.05 -17.71 5.18
N GLY C 339 8.90 -18.45 5.90
CA GLY C 339 9.13 -18.18 7.31
C GLY C 339 7.94 -18.47 8.19
N ILE C 340 7.11 -19.41 7.75
CA ILE C 340 5.96 -19.89 8.52
C ILE C 340 6.13 -21.37 8.77
N ILE C 341 6.22 -21.75 10.05
CA ILE C 341 6.30 -23.17 10.43
C ILE C 341 4.87 -23.70 10.66
N PRO C 342 4.41 -24.56 9.74
CA PRO C 342 3.01 -25.02 9.81
C PRO C 342 2.88 -26.23 10.73
N ALA C 343 1.71 -26.44 11.30
CA ALA C 343 1.42 -27.72 11.94
C ALA C 343 1.59 -28.86 10.91
N LEU C 344 2.03 -30.02 11.38
CA LEU C 344 2.13 -31.18 10.48
C LEU C 344 0.79 -31.55 9.84
N GLU C 345 -0.31 -31.33 10.57
CA GLU C 345 -1.65 -31.52 10.02
C GLU C 345 -1.80 -30.64 8.76
N SER C 346 -1.56 -29.34 8.95
CA SER C 346 -1.75 -28.35 7.88
C SER C 346 -0.77 -28.57 6.71
N ALA C 347 0.39 -29.10 7.03
CA ALA C 347 1.41 -29.38 6.02
C ALA C 347 0.90 -30.39 4.98
N HIS C 348 -0.06 -31.21 5.35
CA HIS C 348 -0.70 -32.09 4.37
C HIS C 348 -1.41 -31.26 3.30
N ALA C 349 -2.15 -30.24 3.74
CA ALA C 349 -2.84 -29.33 2.82
C ALA C 349 -1.85 -28.57 1.95
N VAL C 350 -0.79 -28.06 2.56
CA VAL C 350 0.22 -27.33 1.84
C VAL C 350 0.86 -28.21 0.76
N ALA C 351 1.16 -29.45 1.12
CA ALA C 351 1.78 -30.39 0.18
C ALA C 351 0.91 -30.61 -1.04
N TYR C 352 -0.37 -30.84 -0.80
CA TYR C 352 -1.26 -31.01 -1.92
C TYR C 352 -1.41 -29.75 -2.79
N ALA C 353 -1.61 -28.59 -2.16
CA ALA C 353 -1.71 -27.34 -2.92
C ALA C 353 -0.49 -27.10 -3.81
N MET C 354 0.70 -27.46 -3.33
CA MET C 354 1.93 -27.32 -4.09
C MET C 354 1.94 -28.15 -5.36
N LYS C 355 1.40 -29.37 -5.27
CA LYS C 355 1.25 -30.22 -6.47
C LYS C 355 0.26 -29.62 -7.46
N LEU C 356 -0.90 -29.24 -6.94
CA LEU C 356 -2.00 -28.72 -7.75
C LEU C 356 -1.63 -27.41 -8.44
N ALA C 357 -0.94 -26.52 -7.72
CA ALA C 357 -0.56 -25.23 -8.26
C ALA C 357 0.26 -25.38 -9.55
N LYS C 358 1.13 -26.39 -9.59
CA LYS C 358 2.04 -26.58 -10.72
C LYS C 358 1.29 -26.80 -12.03
N GLU C 359 0.07 -27.34 -11.94
CA GLU C 359 -0.74 -27.71 -13.10
C GLU C 359 -1.65 -26.57 -13.58
N MET C 360 -1.70 -25.48 -12.82
CA MET C 360 -2.71 -24.44 -13.02
C MET C 360 -2.04 -23.18 -13.58
N SER C 361 -2.81 -22.29 -14.21
CA SER C 361 -2.24 -21.08 -14.79
C SER C 361 -1.97 -20.04 -13.71
N ARG C 362 -1.16 -19.06 -14.06
CA ARG C 362 -0.58 -18.17 -13.07
C ARG C 362 -1.62 -17.19 -12.53
N ASP C 363 -2.74 -17.06 -13.24
CA ASP C 363 -3.80 -16.15 -12.84
C ASP C 363 -4.80 -16.82 -11.89
N GLU C 364 -4.74 -18.15 -11.77
CA GLU C 364 -5.66 -18.89 -10.91
C GLU C 364 -5.22 -18.80 -9.43
N ILE C 365 -6.13 -19.18 -8.54
CA ILE C 365 -5.99 -18.91 -7.10
C ILE C 365 -6.36 -20.15 -6.27
N ILE C 366 -5.43 -20.58 -5.42
CA ILE C 366 -5.69 -21.60 -4.39
C ILE C 366 -5.62 -20.95 -3.02
N ILE C 367 -6.63 -21.18 -2.18
CA ILE C 367 -6.55 -20.89 -0.75
C ILE C 367 -6.35 -22.19 0.04
N VAL C 368 -5.28 -22.23 0.81
CA VAL C 368 -5.00 -23.34 1.73
C VAL C 368 -5.38 -22.91 3.15
N ASN C 369 -6.16 -23.73 3.85
CA ASN C 369 -6.39 -23.49 5.28
C ASN C 369 -5.17 -23.90 6.08
N LEU C 370 -4.42 -22.92 6.58
CA LEU C 370 -3.27 -23.24 7.43
C LEU C 370 -3.78 -23.40 8.87
N SER C 371 -4.24 -24.62 9.16
CA SER C 371 -5.05 -24.86 10.36
C SER C 371 -4.32 -24.63 11.70
N GLY C 372 -3.00 -24.75 11.69
CA GLY C 372 -2.24 -24.56 12.90
C GLY C 372 -0.77 -24.27 12.64
N ARG C 373 -0.10 -23.82 13.69
CA ARG C 373 1.35 -23.63 13.67
CA ARG C 373 1.34 -23.61 13.71
C ARG C 373 2.06 -24.87 14.14
N GLY C 374 3.33 -24.97 13.76
CA GLY C 374 4.12 -26.16 14.01
C GLY C 374 5.07 -26.18 15.20
N ASP C 375 5.02 -25.19 16.08
CA ASP C 375 5.88 -25.20 17.29
C ASP C 375 5.75 -26.51 18.04
N LYS C 376 4.50 -26.98 18.16
CA LYS C 376 4.17 -28.21 18.87
C LYS C 376 4.86 -29.46 18.29
N ASP C 377 5.26 -29.37 17.02
CA ASP C 377 5.74 -30.54 16.25
C ASP C 377 7.25 -30.59 16.12
N LEU C 378 7.94 -29.61 16.71
CA LEU C 378 9.37 -29.52 16.50
C LEU C 378 10.11 -30.77 16.99
N ASP C 379 9.72 -31.30 18.14
CA ASP C 379 10.37 -32.55 18.66
C ASP C 379 10.27 -33.70 17.68
N ILE C 380 9.05 -33.90 17.20
CA ILE C 380 8.73 -34.93 16.20
C ILE C 380 9.59 -34.78 14.97
N VAL C 381 9.66 -33.55 14.46
CA VAL C 381 10.30 -33.33 13.20
C VAL C 381 11.82 -33.48 13.37
N LEU C 382 12.33 -33.04 14.50
CA LEU C 382 13.76 -33.22 14.82
C LEU C 382 14.12 -34.71 14.93
N LYS C 383 13.26 -35.51 15.55
CA LYS C 383 13.50 -36.98 15.71
C LYS C 383 13.57 -37.70 14.37
N VAL C 384 12.65 -37.37 13.48
CA VAL C 384 12.74 -37.81 12.09
C VAL C 384 13.54 -36.78 11.30
N MET D 1 19.96 40.63 -0.07
CA MET D 1 19.76 41.87 -0.87
C MET D 1 20.46 41.68 -2.23
N TRP D 2 21.75 41.35 -2.18
CA TRP D 2 22.59 41.28 -3.37
C TRP D 2 23.11 39.87 -3.59
N PHE D 3 23.47 39.61 -4.84
CA PHE D 3 24.24 38.44 -5.21
C PHE D 3 25.46 38.97 -5.96
N GLY D 4 26.61 39.01 -5.28
CA GLY D 4 27.70 39.89 -5.68
C GLY D 4 27.20 41.31 -5.74
N GLU D 5 27.39 41.98 -6.88
CA GLU D 5 26.86 43.32 -7.09
C GLU D 5 25.41 43.35 -7.56
N PHE D 6 24.88 42.19 -7.91
CA PHE D 6 23.61 42.13 -8.62
C PHE D 6 22.44 42.06 -7.64
N GLY D 7 21.27 42.43 -8.12
CA GLY D 7 20.06 42.36 -7.32
C GLY D 7 19.75 43.71 -6.73
N GLY D 8 19.61 43.77 -5.41
CA GLY D 8 19.29 45.01 -4.74
C GLY D 8 17.82 45.40 -4.81
N GLN D 9 17.57 46.68 -4.62
CA GLN D 9 16.25 47.16 -4.33
C GLN D 9 16.16 48.62 -4.77
N TYR D 10 16.21 48.85 -6.09
CA TYR D 10 16.32 50.21 -6.64
C TYR D 10 14.94 50.69 -7.06
N VAL D 11 14.23 51.22 -6.09
CA VAL D 11 12.81 51.54 -6.24
C VAL D 11 12.50 52.91 -5.64
N PRO D 12 11.37 53.50 -6.06
CA PRO D 12 10.89 54.74 -5.42
C PRO D 12 10.54 54.52 -3.96
N GLU D 13 10.55 55.61 -3.17
CA GLU D 13 10.33 55.51 -1.72
C GLU D 13 8.97 54.88 -1.39
N THR D 14 8.00 55.08 -2.27
CA THR D 14 6.68 54.48 -2.15
C THR D 14 6.70 52.94 -1.99
N LEU D 15 7.69 52.27 -2.57
CA LEU D 15 7.72 50.79 -2.53
C LEU D 15 8.52 50.23 -1.34
N ILE D 16 9.21 51.11 -0.60
CA ILE D 16 10.04 50.65 0.51
C ILE D 16 9.23 49.97 1.61
N GLU D 17 8.14 50.60 2.03
CA GLU D 17 7.27 50.06 3.07
C GLU D 17 6.67 48.69 2.69
N PRO D 18 6.10 48.56 1.49
CA PRO D 18 5.58 47.21 1.18
C PRO D 18 6.66 46.12 1.07
N LEU D 19 7.83 46.48 0.55
CA LEU D 19 8.91 45.51 0.44
C LEU D 19 9.45 45.12 1.79
N LYS D 20 9.60 46.08 2.69
CA LYS D 20 10.02 45.80 4.06
C LYS D 20 9.04 44.87 4.79
N GLU D 21 7.74 45.13 4.66
N GLU D 21 7.75 45.16 4.67
CA GLU D 21 6.73 44.26 5.30
CA GLU D 21 6.67 44.30 5.21
C GLU D 21 6.70 42.86 4.66
C GLU D 21 6.81 42.88 4.68
N LEU D 22 7.00 42.78 3.37
CA LEU D 22 7.08 41.45 2.70
C LEU D 22 8.27 40.68 3.23
N GLU D 23 9.41 41.36 3.31
CA GLU D 23 10.62 40.72 3.82
C GLU D 23 10.42 40.23 5.26
N LYS D 24 9.78 41.04 6.10
CA LYS D 24 9.53 40.68 7.49
C LYS D 24 8.59 39.46 7.60
N ALA D 25 7.53 39.46 6.81
CA ALA D 25 6.62 38.32 6.74
C ALA D 25 7.31 37.05 6.26
N TYR D 26 8.13 37.16 5.21
CA TYR D 26 8.83 35.98 4.71
C TYR D 26 9.78 35.38 5.75
N LYS D 27 10.53 36.24 6.46
CA LYS D 27 11.38 35.79 7.56
C LYS D 27 10.54 35.05 8.62
N ARG D 28 9.35 35.54 8.88
CA ARG D 28 8.50 34.96 9.91
C ARG D 28 7.97 33.59 9.51
N PHE D 29 7.62 33.43 8.23
CA PHE D 29 6.84 32.26 7.81
C PHE D 29 7.65 31.17 7.08
N LYS D 30 8.79 31.53 6.51
CA LYS D 30 9.53 30.62 5.62
C LYS D 30 9.88 29.29 6.29
N ASP D 31 10.16 29.31 7.60
CA ASP D 31 10.48 28.09 8.34
C ASP D 31 9.41 27.75 9.38
N ASP D 32 8.27 28.41 9.29
CA ASP D 32 7.16 28.19 10.22
C ASP D 32 6.52 26.84 9.94
N GLU D 33 6.26 26.07 11.00
CA GLU D 33 5.79 24.70 10.85
C GLU D 33 4.43 24.61 10.16
N GLU D 34 3.50 25.48 10.55
CA GLU D 34 2.17 25.46 9.97
C GLU D 34 2.17 25.95 8.51
N PHE D 35 2.92 27.02 8.21
CA PHE D 35 3.02 27.52 6.82
C PHE D 35 3.51 26.41 5.92
N ASN D 36 4.59 25.73 6.35
CA ASN D 36 5.17 24.68 5.53
C ASN D 36 4.28 23.45 5.42
N ARG D 37 3.56 23.12 6.50
CA ARG D 37 2.61 22.01 6.45
C ARG D 37 1.54 22.28 5.39
N GLN D 38 1.00 23.49 5.38
CA GLN D 38 -0.02 23.81 4.38
C GLN D 38 0.55 23.88 2.98
N LEU D 39 1.73 24.47 2.85
CA LEU D 39 2.37 24.57 1.53
C LEU D 39 2.56 23.15 0.94
N ASN D 40 3.11 22.26 1.74
CA ASN D 40 3.38 20.91 1.27
C ASN D 40 2.11 20.15 0.98
N TYR D 41 1.04 20.42 1.75
CA TYR D 41 -0.30 19.82 1.52
C TYR D 41 -0.84 20.22 0.14
N TYR D 42 -0.80 21.50 -0.16
CA TYR D 42 -1.29 21.96 -1.45
C TYR D 42 -0.39 21.46 -2.59
N LEU D 43 0.93 21.52 -2.40
CA LEU D 43 1.82 21.00 -3.43
C LEU D 43 1.55 19.51 -3.72
N LYS D 44 1.24 18.73 -2.68
CA LYS D 44 0.98 17.32 -2.90
C LYS D 44 -0.38 17.07 -3.54
N THR D 45 -1.44 17.53 -2.89
CA THR D 45 -2.79 17.07 -3.26
C THR D 45 -3.43 17.88 -4.40
N TRP D 46 -3.01 19.13 -4.58
CA TRP D 46 -3.52 19.95 -5.68
C TRP D 46 -2.55 20.01 -6.84
N ALA D 47 -1.27 20.22 -6.58
CA ALA D 47 -0.30 20.38 -7.67
C ALA D 47 0.27 19.06 -8.18
N GLY D 48 0.22 18.04 -7.33
CA GLY D 48 0.70 16.71 -7.70
C GLY D 48 2.17 16.45 -7.51
N ARG D 49 2.83 17.17 -6.61
CA ARG D 49 4.23 16.89 -6.29
C ARG D 49 4.33 15.66 -5.41
N PRO D 50 5.41 14.88 -5.52
CA PRO D 50 6.57 15.12 -6.36
C PRO D 50 6.32 14.75 -7.81
N THR D 51 6.97 15.43 -8.70
CA THR D 51 7.03 15.01 -10.09
C THR D 51 8.14 14.00 -10.30
N PRO D 52 8.00 13.13 -11.31
CA PRO D 52 9.01 12.09 -11.48
C PRO D 52 10.28 12.60 -12.15
N LEU D 53 11.34 11.80 -12.00
CA LEU D 53 12.55 11.92 -12.80
C LEU D 53 12.58 10.76 -13.78
N TYR D 54 12.59 11.09 -15.08
CA TYR D 54 12.37 10.10 -16.13
C TYR D 54 13.64 9.86 -16.95
N TYR D 55 14.05 8.60 -17.07
CA TYR D 55 15.22 8.26 -17.89
C TYR D 55 14.80 8.13 -19.35
N ALA D 56 15.20 9.12 -20.17
CA ALA D 56 14.89 9.10 -21.58
C ALA D 56 15.82 8.09 -22.32
N LYS D 57 15.51 6.81 -22.16
CA LYS D 57 16.38 5.73 -22.64
C LYS D 57 16.50 5.73 -24.16
N ARG D 58 15.38 5.92 -24.87
CA ARG D 58 15.43 5.92 -26.33
C ARG D 58 16.21 7.10 -26.89
N LEU D 59 16.00 8.27 -26.33
CA LEU D 59 16.74 9.46 -26.74
C LEU D 59 18.23 9.29 -26.44
N THR D 60 18.53 8.76 -25.27
CA THR D 60 19.90 8.54 -24.85
C THR D 60 20.61 7.59 -25.83
N GLU D 61 19.94 6.50 -26.20
CA GLU D 61 20.56 5.50 -27.06
C GLU D 61 20.67 5.98 -28.50
N LYS D 62 19.71 6.79 -28.95
CA LYS D 62 19.78 7.38 -30.27
C LYS D 62 21.03 8.27 -30.41
N ILE D 63 21.27 9.11 -29.42
CA ILE D 63 22.39 10.05 -29.45
C ILE D 63 23.72 9.32 -29.22
N GLY D 64 23.71 8.31 -28.37
CA GLY D 64 24.86 7.39 -28.23
C GLY D 64 25.95 7.89 -27.28
N GLY D 65 25.62 8.85 -26.42
CA GLY D 65 26.56 9.34 -25.39
C GLY D 65 26.00 9.24 -23.98
N ALA D 66 25.98 10.37 -23.27
CA ALA D 66 25.56 10.39 -21.86
C ALA D 66 24.07 10.08 -21.69
N LYS D 67 23.73 9.56 -20.50
CA LYS D 67 22.34 9.38 -20.11
C LYS D 67 21.66 10.72 -19.97
N ILE D 68 20.46 10.80 -20.54
CA ILE D 68 19.61 11.95 -20.37
C ILE D 68 18.41 11.62 -19.51
N TYR D 69 18.35 12.26 -18.35
CA TYR D 69 17.19 12.22 -17.45
C TYR D 69 16.41 13.52 -17.56
N LEU D 70 15.08 13.41 -17.43
CA LEU D 70 14.19 14.59 -17.50
C LEU D 70 13.46 14.76 -16.18
N LYS D 71 13.62 15.91 -15.56
CA LYS D 71 12.82 16.25 -14.37
C LYS D 71 11.47 16.80 -14.83
N ARG D 72 10.42 16.05 -14.51
CA ARG D 72 9.15 16.16 -15.22
C ARG D 72 8.23 17.26 -14.61
N GLU D 73 8.69 18.50 -14.59
CA GLU D 73 7.80 19.59 -14.20
C GLU D 73 6.59 19.80 -15.14
N ASP D 74 6.67 19.25 -16.34
CA ASP D 74 5.53 19.22 -17.27
C ASP D 74 4.30 18.55 -16.68
N LEU D 75 4.52 17.72 -15.66
CA LEU D 75 3.40 17.02 -14.99
C LEU D 75 2.76 17.75 -13.82
N VAL D 76 3.32 18.88 -13.40
N VAL D 76 3.31 18.86 -13.37
CA VAL D 76 2.73 19.72 -12.35
CA VAL D 76 2.69 19.57 -12.25
C VAL D 76 1.34 20.17 -12.81
C VAL D 76 1.39 20.21 -12.77
N HIS D 77 0.40 20.31 -11.89
CA HIS D 77 -0.90 20.90 -12.21
C HIS D 77 -0.73 22.24 -12.92
N GLY D 78 -1.34 22.37 -14.10
CA GLY D 78 -1.20 23.57 -14.93
C GLY D 78 -0.16 23.43 -16.03
N GLY D 79 0.71 22.45 -15.90
CA GLY D 79 1.62 22.05 -16.97
C GLY D 79 2.96 22.78 -16.97
N ALA D 80 3.25 23.50 -15.89
CA ALA D 80 4.52 24.24 -15.80
C ALA D 80 4.94 24.44 -14.36
N HIS D 81 6.24 24.59 -14.16
CA HIS D 81 6.81 24.78 -12.84
C HIS D 81 6.32 26.09 -12.16
N THR D 83 3.61 27.04 -11.27
CA THR D 83 2.69 26.70 -10.19
C THR D 83 3.35 26.63 -8.81
N ASN D 84 4.59 26.18 -8.73
CA ASN D 84 5.19 25.99 -7.41
C ASN D 84 5.28 27.35 -6.69
N ASN D 85 5.71 28.37 -7.45
CA ASN D 85 5.90 29.72 -6.91
C ASN D 85 4.56 30.41 -6.71
N ALA D 86 3.62 30.17 -7.61
CA ALA D 86 2.30 30.78 -7.47
C ALA D 86 1.66 30.38 -6.14
N ILE D 87 1.67 29.07 -5.87
CA ILE D 87 1.14 28.56 -4.62
C ILE D 87 1.89 29.15 -3.41
N GLY D 88 3.23 29.08 -3.43
CA GLY D 88 4.05 29.58 -2.32
C GLY D 88 3.71 31.02 -1.96
N GLN D 89 3.69 31.89 -2.97
CA GLN D 89 3.43 33.32 -2.72
C GLN D 89 1.97 33.62 -2.40
N ALA D 90 1.05 32.90 -3.04
CA ALA D 90 -0.35 33.11 -2.75
C ALA D 90 -0.63 32.71 -1.31
N LEU D 91 -0.03 31.62 -0.85
CA LEU D 91 -0.22 31.16 0.54
C LEU D 91 0.50 32.09 1.53
N LEU D 92 1.68 32.55 1.16
CA LEU D 92 2.34 33.59 1.95
C LEU D 92 1.43 34.80 2.13
N ALA D 93 0.82 35.24 1.03
CA ALA D 93 -0.08 36.39 1.08
C ALA D 93 -1.25 36.12 2.03
N LYS D 94 -1.81 34.92 1.97
CA LYS D 94 -2.91 34.54 2.86
C LYS D 94 -2.45 34.56 4.32
N PHE D 95 -1.27 34.03 4.60
CA PHE D 95 -0.75 34.05 5.98
C PHE D 95 -0.48 35.49 6.47
N MET D 96 -0.19 36.39 5.53
CA MET D 96 -0.03 37.83 5.82
C MET D 96 -1.36 38.55 6.05
N GLY D 97 -2.47 37.86 5.82
CA GLY D 97 -3.79 38.47 5.96
C GLY D 97 -4.31 39.17 4.72
N LYS D 98 -3.63 38.96 3.58
CA LYS D 98 -4.05 39.61 2.33
C LYS D 98 -5.25 38.88 1.73
N THR D 99 -6.04 39.60 0.94
CA THR D 99 -7.24 39.03 0.32
C THR D 99 -7.21 39.09 -1.21
N ARG D 100 -6.19 39.71 -1.75
CA ARG D 100 -6.12 39.97 -3.17
C ARG D 100 -4.69 39.77 -3.68
N LEU D 101 -4.58 39.19 -4.89
CA LEU D 101 -3.34 39.08 -5.63
C LEU D 101 -3.40 39.93 -6.88
N ILE D 102 -2.31 40.62 -7.17
CA ILE D 102 -2.07 41.17 -8.49
C ILE D 102 -0.79 40.63 -9.08
N ALA D 103 -0.70 40.68 -10.40
CA ALA D 103 0.47 40.21 -11.11
C ALA D 103 0.45 40.86 -12.46
N GLU D 104 1.59 40.83 -13.13
CA GLU D 104 1.67 41.18 -14.54
C GLU D 104 1.97 39.93 -15.35
N THR D 105 1.63 39.98 -16.62
CA THR D 105 1.96 38.86 -17.50
C THR D 105 2.19 39.36 -18.93
N GLY D 106 3.17 38.76 -19.62
CA GLY D 106 3.38 38.96 -21.07
C GLY D 106 2.78 37.84 -21.91
N ALA D 107 3.36 36.65 -21.80
CA ALA D 107 2.86 35.48 -22.54
C ALA D 107 1.49 35.06 -22.04
N GLY D 108 1.19 35.39 -20.78
CA GLY D 108 -0.05 34.96 -20.17
C GLY D 108 0.14 33.78 -19.24
N GLN D 109 1.34 33.20 -19.23
CA GLN D 109 1.59 31.96 -18.50
C GLN D 109 1.63 32.20 -16.99
N HIS D 110 2.29 33.27 -16.57
CA HIS D 110 2.28 33.62 -15.18
C HIS D 110 0.91 34.13 -14.73
N GLY D 111 0.20 34.81 -15.60
CA GLY D 111 -1.15 35.23 -15.27
C GLY D 111 -2.06 34.03 -14.97
N VAL D 112 -1.95 32.99 -15.78
CA VAL D 112 -2.73 31.78 -15.54
C VAL D 112 -2.32 31.11 -14.24
N ALA D 113 -1.02 31.00 -14.00
CA ALA D 113 -0.55 30.36 -12.77
C ALA D 113 -1.06 31.11 -11.52
N THR D 114 -1.02 32.43 -11.58
CA THR D 114 -1.49 33.30 -10.50
C THR D 114 -3.02 33.13 -10.32
N ALA D 115 -3.75 33.12 -11.43
CA ALA D 115 -5.20 32.91 -11.36
C ALA D 115 -5.55 31.56 -10.72
N MET D 116 -4.80 30.51 -11.08
CA MET D 116 -5.06 29.18 -10.52
C MET D 116 -4.86 29.16 -9.02
N ALA D 117 -3.74 29.73 -8.56
CA ALA D 117 -3.43 29.71 -7.14
C ALA D 117 -4.44 30.56 -6.34
N GLY D 118 -4.81 31.70 -6.91
CA GLY D 118 -5.82 32.54 -6.32
C GLY D 118 -7.17 31.82 -6.19
N ALA D 119 -7.54 31.07 -7.21
CA ALA D 119 -8.79 30.29 -7.17
C ALA D 119 -8.72 29.24 -6.04
N LEU D 120 -7.61 28.52 -5.97
CA LEU D 120 -7.35 27.55 -4.91
C LEU D 120 -7.58 28.13 -3.54
N LEU D 121 -7.03 29.31 -3.29
CA LEU D 121 -7.00 29.87 -1.94
C LEU D 121 -8.14 30.88 -1.67
N GLY D 122 -9.02 31.09 -2.63
CA GLY D 122 -10.20 31.97 -2.44
C GLY D 122 -9.82 33.43 -2.42
N MET D 123 -8.87 33.80 -3.23
CA MET D 123 -8.37 35.17 -3.23
C MET D 123 -8.80 35.87 -4.49
N LYS D 124 -9.05 37.18 -4.38
CA LYS D 124 -9.35 38.00 -5.55
C LYS D 124 -8.07 38.11 -6.38
N VAL D 125 -8.20 38.01 -7.70
CA VAL D 125 -7.04 38.09 -8.59
C VAL D 125 -7.27 39.11 -9.70
N ASP D 126 -6.40 40.11 -9.75
CA ASP D 126 -6.35 41.04 -10.89
C ASP D 126 -5.02 40.89 -11.62
N ILE D 127 -5.08 40.70 -12.94
CA ILE D 127 -3.87 40.56 -13.73
C ILE D 127 -3.71 41.72 -14.71
N TYR D 128 -2.57 42.40 -14.61
CA TYR D 128 -2.22 43.45 -15.55
C TYR D 128 -1.50 42.88 -16.77
N MET D 129 -1.93 43.31 -17.95
CA MET D 129 -1.39 42.78 -19.18
C MET D 129 -1.38 43.88 -20.26
N GLY D 130 -0.25 44.11 -20.90
CA GLY D 130 -0.19 45.07 -21.99
C GLY D 130 -1.25 44.75 -23.04
N ALA D 131 -1.98 45.77 -23.50
CA ALA D 131 -3.05 45.57 -24.50
C ALA D 131 -2.60 44.78 -25.73
N GLU D 132 -1.36 44.98 -26.18
CA GLU D 132 -0.85 44.23 -27.33
C GLU D 132 -0.64 42.74 -26.99
N ASP D 133 -0.27 42.46 -25.75
CA ASP D 133 -0.14 41.08 -25.31
C ASP D 133 -1.51 40.42 -25.11
N VAL D 134 -2.50 41.22 -24.71
CA VAL D 134 -3.87 40.74 -24.62
C VAL D 134 -4.37 40.26 -25.99
N GLU D 135 -4.20 41.10 -27.01
CA GLU D 135 -4.65 40.76 -28.37
C GLU D 135 -3.97 39.48 -28.90
N ARG D 136 -2.71 39.27 -28.52
CA ARG D 136 -1.90 38.18 -29.07
C ARG D 136 -1.96 36.90 -28.23
N GLN D 137 -2.76 36.91 -27.16
CA GLN D 137 -2.86 35.75 -26.24
C GLN D 137 -4.32 35.46 -25.85
N LYS D 138 -5.20 35.35 -26.84
CA LYS D 138 -6.64 35.16 -26.60
C LYS D 138 -6.96 33.98 -25.67
N MET D 139 -6.22 32.88 -25.82
CA MET D 139 -6.50 31.67 -25.03
C MET D 139 -6.10 31.82 -23.57
N ASN D 140 -4.92 32.40 -23.32
CA ASN D 140 -4.51 32.60 -21.93
C ASN D 140 -5.40 33.60 -21.21
N VAL D 141 -5.86 34.63 -21.93
CA VAL D 141 -6.83 35.58 -21.36
C VAL D 141 -8.14 34.88 -20.96
N PHE D 142 -8.66 34.04 -21.84
CA PHE D 142 -9.87 33.29 -21.54
C PHE D 142 -9.67 32.40 -20.30
N ARG D 143 -8.54 31.71 -20.28
CA ARG D 143 -8.19 30.81 -19.20
CA ARG D 143 -8.19 30.80 -19.19
C ARG D 143 -8.15 31.53 -17.85
N MET D 144 -7.52 32.70 -17.82
CA MET D 144 -7.50 33.47 -16.59
C MET D 144 -8.90 33.84 -16.11
N LYS D 145 -9.75 34.25 -17.04
CA LYS D 145 -11.15 34.57 -16.70
C LYS D 145 -11.96 33.35 -16.24
N LEU D 146 -11.73 32.20 -16.86
CA LEU D 146 -12.37 30.96 -16.47
CA LEU D 146 -12.36 30.94 -16.46
C LEU D 146 -12.03 30.59 -15.01
N LEU D 147 -10.80 30.90 -14.62
CA LEU D 147 -10.29 30.67 -13.26
C LEU D 147 -10.74 31.75 -12.26
N GLY D 148 -11.49 32.73 -12.74
CA GLY D 148 -12.10 33.73 -11.87
C GLY D 148 -11.31 35.01 -11.72
N ALA D 149 -10.21 35.15 -12.46
CA ALA D 149 -9.39 36.36 -12.39
C ALA D 149 -9.97 37.42 -13.31
N ASN D 150 -9.65 38.67 -13.01
CA ASN D 150 -9.94 39.75 -13.93
C ASN D 150 -8.67 40.18 -14.61
N VAL D 151 -8.74 40.39 -15.90
CA VAL D 151 -7.61 40.83 -16.69
C VAL D 151 -7.78 42.33 -16.98
N ILE D 152 -6.79 43.12 -16.61
CA ILE D 152 -6.81 44.55 -16.78
C ILE D 152 -5.84 44.94 -17.90
N PRO D 153 -6.38 45.28 -19.10
CA PRO D 153 -5.49 45.70 -20.18
C PRO D 153 -4.77 47.01 -19.86
N VAL D 154 -3.49 47.07 -20.19
CA VAL D 154 -2.74 48.29 -20.03
C VAL D 154 -2.56 48.95 -21.39
N ASN D 155 -3.20 50.11 -21.56
CA ASN D 155 -3.24 50.82 -22.84
C ASN D 155 -2.23 51.97 -22.93
N SER D 156 -1.56 52.24 -21.82
CA SER D 156 -0.65 53.39 -21.72
C SER D 156 0.72 53.02 -22.30
N GLY D 157 1.39 54.02 -22.88
CA GLY D 157 2.74 53.86 -23.39
C GLY D 157 2.83 52.84 -24.50
N SER D 158 3.70 51.85 -24.29
CA SER D 158 4.00 50.84 -25.32
C SER D 158 2.99 49.69 -25.35
N ARG D 159 2.12 49.62 -24.33
CA ARG D 159 1.09 48.57 -24.23
C ARG D 159 1.69 47.16 -24.18
N THR D 160 2.85 47.03 -23.53
CA THR D 160 3.56 45.76 -23.44
C THR D 160 3.86 45.42 -21.97
N LEU D 161 4.67 44.37 -21.76
CA LEU D 161 5.06 43.92 -20.42
C LEU D 161 5.64 45.05 -19.51
N LYS D 162 6.57 45.85 -20.04
CA LYS D 162 7.18 46.92 -19.25
C LYS D 162 6.12 47.85 -18.64
N ASP D 163 5.07 48.10 -19.42
CA ASP D 163 3.98 48.98 -19.00
C ASP D 163 3.09 48.29 -17.96
N ALA D 164 2.88 46.98 -18.12
CA ALA D 164 2.07 46.26 -17.15
C ALA D 164 2.77 46.18 -15.80
N ILE D 165 4.09 46.03 -15.82
CA ILE D 165 4.90 46.05 -14.61
C ILE D 165 4.67 47.37 -13.89
N ASN D 166 4.74 48.48 -14.62
CA ASN D 166 4.56 49.81 -14.03
C ASN D 166 3.17 49.99 -13.40
N GLU D 167 2.14 49.45 -14.06
CA GLU D 167 0.76 49.59 -13.56
C GLU D 167 0.54 48.71 -12.34
N ALA D 168 1.08 47.50 -12.38
CA ALA D 168 1.01 46.61 -11.22
C ALA D 168 1.69 47.24 -10.01
N LEU D 169 2.86 47.83 -10.24
CA LEU D 169 3.63 48.45 -9.16
C LEU D 169 2.89 49.63 -8.55
N ARG D 170 2.27 50.43 -9.41
CA ARG D 170 1.42 51.53 -8.94
C ARG D 170 0.24 51.07 -8.07
N ASP D 171 -0.44 50.02 -8.51
CA ASP D 171 -1.55 49.42 -7.78
C ASP D 171 -1.07 48.96 -6.39
N TRP D 172 0.07 48.28 -6.35
CA TRP D 172 0.57 47.71 -5.12
C TRP D 172 0.88 48.81 -4.11
N VAL D 173 1.51 49.89 -4.57
CA VAL D 173 1.79 51.04 -3.70
C VAL D 173 0.49 51.51 -3.02
N ALA D 174 -0.61 51.49 -3.76
CA ALA D 174 -1.90 51.98 -3.25
C ALA D 174 -2.62 50.97 -2.36
N THR D 175 -2.45 49.67 -2.65
CA THR D 175 -3.32 48.63 -2.09
C THR D 175 -2.62 47.54 -1.23
N PHE D 176 -1.32 47.71 -0.97
CA PHE D 176 -0.51 46.64 -0.37
C PHE D 176 -1.00 46.19 1.02
N GLU D 177 -1.76 47.04 1.72
CA GLU D 177 -2.37 46.62 2.98
C GLU D 177 -3.15 45.31 2.85
N TYR D 178 -3.84 45.11 1.72
CA TYR D 178 -4.66 43.90 1.51
C TYR D 178 -4.32 43.11 0.24
N THR D 179 -3.35 43.60 -0.53
CA THR D 179 -2.95 43.00 -1.82
C THR D 179 -1.49 42.56 -1.80
N HIS D 180 -1.24 41.35 -2.30
CA HIS D 180 0.13 40.91 -2.59
C HIS D 180 0.43 41.01 -4.09
N TYR D 181 1.60 41.52 -4.42
CA TYR D 181 2.08 41.58 -5.79
C TYR D 181 2.89 40.32 -6.07
N LEU D 182 2.34 39.47 -6.92
CA LEU D 182 2.91 38.13 -7.11
C LEU D 182 3.85 38.11 -8.31
N ILE D 183 5.15 38.22 -8.06
CA ILE D 183 6.15 38.21 -9.12
C ILE D 183 6.42 36.78 -9.56
N GLY D 184 6.54 36.56 -10.87
CA GLY D 184 6.56 35.22 -11.43
C GLY D 184 7.90 34.59 -11.77
N SER D 185 8.98 35.33 -11.60
CA SER D 185 10.30 34.75 -11.80
C SER D 185 11.27 35.32 -10.76
N VAL D 186 12.52 34.91 -10.84
CA VAL D 186 13.54 35.24 -9.86
C VAL D 186 14.11 36.64 -10.12
N VAL D 187 13.20 37.60 -10.19
CA VAL D 187 13.47 38.93 -10.66
C VAL D 187 12.74 39.93 -9.76
N GLY D 188 12.96 41.21 -10.00
CA GLY D 188 12.34 42.23 -9.18
C GLY D 188 13.25 42.67 -8.06
N PRO D 189 12.79 43.62 -7.24
CA PRO D 189 13.55 44.02 -6.08
C PRO D 189 13.58 42.94 -5.02
N HIS D 190 14.64 42.89 -4.23
CA HIS D 190 14.67 42.11 -3.01
C HIS D 190 13.40 42.38 -2.22
N PRO D 191 12.73 41.34 -1.72
CA PRO D 191 13.24 39.98 -1.56
C PRO D 191 12.76 38.99 -2.64
N TYR D 192 12.20 39.45 -3.73
CA TYR D 192 11.53 38.54 -4.68
C TYR D 192 12.45 37.48 -5.31
N PRO D 193 13.67 37.87 -5.75
CA PRO D 193 14.54 36.84 -6.33
C PRO D 193 14.84 35.70 -5.37
N THR D 194 14.96 36.02 -4.08
CA THR D 194 15.20 35.01 -3.07
C THR D 194 13.96 34.17 -2.81
N ILE D 195 12.81 34.83 -2.62
CA ILE D 195 11.56 34.12 -2.37
C ILE D 195 11.23 33.16 -3.50
N VAL D 196 11.36 33.60 -4.75
CA VAL D 196 10.91 32.78 -5.87
C VAL D 196 11.86 31.57 -6.00
N ARG D 197 13.15 31.81 -5.85
CA ARG D 197 14.09 30.71 -5.86
C ARG D 197 13.80 29.69 -4.73
N ASP D 198 13.50 30.19 -3.54
CA ASP D 198 13.14 29.32 -2.43
C ASP D 198 11.89 28.45 -2.74
N PHE D 199 10.88 29.04 -3.38
CA PHE D 199 9.67 28.28 -3.73
C PHE D 199 9.85 27.36 -4.93
N GLN D 200 10.96 27.47 -5.65
CA GLN D 200 11.23 26.54 -6.78
C GLN D 200 12.27 25.48 -6.43
N SER D 201 12.98 25.65 -5.31
CA SER D 201 14.10 24.77 -4.97
CA SER D 201 14.10 24.77 -4.97
C SER D 201 13.65 23.35 -4.64
N VAL D 202 12.36 23.17 -4.39
CA VAL D 202 11.79 21.82 -4.26
C VAL D 202 12.09 20.97 -5.51
N ILE D 203 12.11 21.60 -6.69
CA ILE D 203 12.48 20.85 -7.91
C ILE D 203 13.83 20.15 -7.77
N GLY D 204 14.84 20.91 -7.39
CA GLY D 204 16.16 20.35 -7.24
C GLY D 204 16.30 19.37 -6.10
N ARG D 205 15.63 19.63 -4.98
CA ARG D 205 15.71 18.70 -3.85
C ARG D 205 15.11 17.34 -4.24
N GLU D 206 13.99 17.36 -4.95
CA GLU D 206 13.40 16.11 -5.44
C GLU D 206 14.36 15.44 -6.43
N ALA D 207 14.87 16.23 -7.38
CA ALA D 207 15.74 15.68 -8.41
C ALA D 207 16.98 15.04 -7.85
N LYS D 208 17.57 15.66 -6.82
CA LYS D 208 18.73 15.08 -6.13
C LYS D 208 18.42 13.76 -5.51
N ALA D 209 17.32 13.69 -4.77
CA ALA D 209 16.91 12.41 -4.17
C ALA D 209 16.66 11.37 -5.24
N GLN D 210 16.05 11.79 -6.34
CA GLN D 210 15.64 10.86 -7.39
C GLN D 210 16.79 10.34 -8.20
N ILE D 211 17.81 11.16 -8.43
CA ILE D 211 18.97 10.67 -9.17
C ILE D 211 19.84 9.76 -8.30
N LEU D 212 19.91 10.06 -7.02
CA LEU D 212 20.62 9.17 -6.09
C LEU D 212 19.93 7.79 -6.02
N GLU D 213 18.60 7.78 -6.00
CA GLU D 213 17.85 6.51 -6.05
C GLU D 213 18.08 5.75 -7.38
N ALA D 214 18.02 6.46 -8.49
CA ALA D 214 18.08 5.86 -9.82
C ALA D 214 19.48 5.40 -10.20
N GLU D 215 20.49 6.20 -9.85
CA GLU D 215 21.85 5.98 -10.35
C GLU D 215 22.92 5.89 -9.26
N GLY D 216 22.55 6.16 -8.01
CA GLY D 216 23.48 6.05 -6.89
C GLY D 216 24.56 7.11 -6.86
N GLN D 217 24.35 8.20 -7.57
CA GLN D 217 25.31 9.28 -7.59
C GLN D 217 24.65 10.57 -8.05
N LEU D 218 25.37 11.67 -7.92
CA LEU D 218 24.93 12.97 -8.42
C LEU D 218 25.18 13.04 -9.92
N PRO D 219 24.44 13.91 -10.62
CA PRO D 219 24.62 14.08 -12.06
C PRO D 219 25.93 14.77 -12.39
N ASP D 220 26.40 14.57 -13.61
CA ASP D 220 27.52 15.32 -14.11
C ASP D 220 27.13 16.76 -14.49
N VAL D 221 25.94 16.93 -15.05
CA VAL D 221 25.47 18.24 -15.55
C VAL D 221 23.98 18.35 -15.29
N ILE D 222 23.53 19.57 -14.99
CA ILE D 222 22.12 19.93 -14.98
C ILE D 222 21.91 21.03 -15.99
N VAL D 223 20.90 20.85 -16.84
CA VAL D 223 20.62 21.79 -17.92
C VAL D 223 19.20 22.29 -17.77
N ALA D 224 19.01 23.61 -17.86
CA ALA D 224 17.70 24.21 -17.75
C ALA D 224 17.59 25.43 -18.62
N CYS D 225 16.42 25.68 -19.18
CA CYS D 225 16.20 26.92 -19.92
C CYS D 225 16.08 28.10 -18.95
N VAL D 226 16.45 29.28 -19.44
CA VAL D 226 16.46 30.50 -18.66
C VAL D 226 15.72 31.60 -19.39
N GLY D 227 14.58 32.01 -18.82
CA GLY D 227 13.96 33.27 -19.16
C GLY D 227 14.40 34.28 -18.10
N GLY D 228 13.53 34.54 -17.14
CA GLY D 228 13.92 35.23 -15.92
C GLY D 228 14.80 34.39 -15.03
N GLY D 229 14.58 33.09 -15.04
CA GLY D 229 15.51 32.15 -14.41
C GLY D 229 14.97 31.28 -13.29
N SER D 230 13.65 31.25 -13.07
CA SER D 230 13.11 30.55 -11.91
C SER D 230 13.19 29.00 -11.99
N ASN D 231 12.89 28.39 -13.14
CA ASN D 231 12.95 26.91 -13.17
C ASN D 231 14.41 26.47 -13.08
N ALA D 232 15.32 27.28 -13.65
CA ALA D 232 16.73 26.98 -13.56
C ALA D 232 17.26 27.13 -12.14
N MET D 233 16.93 28.23 -11.44
CA MET D 233 17.34 28.35 -10.02
C MET D 233 16.75 27.27 -9.15
N GLY D 234 15.51 26.88 -9.43
CA GLY D 234 14.88 25.85 -8.62
C GLY D 234 15.60 24.50 -8.67
N ILE D 235 16.05 24.11 -9.86
CA ILE D 235 16.79 22.86 -10.01
C ILE D 235 18.28 23.00 -9.69
N PHE D 236 18.87 24.16 -9.98
CA PHE D 236 20.30 24.39 -9.70
C PHE D 236 20.58 24.47 -8.18
N TYR D 237 19.74 25.20 -7.44
CA TYR D 237 20.13 25.72 -6.13
C TYR D 237 20.59 24.62 -5.16
N PRO D 238 19.88 23.50 -5.09
CA PRO D 238 20.31 22.47 -4.15
C PRO D 238 21.63 21.80 -4.51
N PHE D 239 22.12 22.00 -5.74
CA PHE D 239 23.40 21.42 -6.19
C PHE D 239 24.56 22.42 -6.23
N VAL D 240 24.31 23.68 -5.88
CA VAL D 240 25.36 24.70 -6.01
C VAL D 240 26.62 24.35 -5.23
N ASN D 241 26.47 23.75 -4.05
CA ASN D 241 27.63 23.38 -3.23
C ASN D 241 28.13 21.97 -3.52
N ASP D 242 27.57 21.30 -4.53
CA ASP D 242 28.09 20.02 -4.99
C ASP D 242 29.06 20.27 -6.11
N LYS D 243 30.34 20.31 -5.80
CA LYS D 243 31.31 21.06 -6.62
C LYS D 243 31.47 20.47 -8.02
N LYS D 244 31.28 19.17 -8.16
CA LYS D 244 31.49 18.52 -9.44
C LYS D 244 30.23 18.45 -10.31
N VAL D 245 29.11 19.00 -9.84
CA VAL D 245 27.92 19.08 -10.67
C VAL D 245 28.01 20.35 -11.51
N LYS D 246 28.09 20.18 -12.81
CA LYS D 246 28.08 21.33 -13.72
CA LYS D 246 28.07 21.32 -13.73
C LYS D 246 26.64 21.82 -13.91
N LEU D 247 26.50 23.13 -14.03
CA LEU D 247 25.23 23.79 -14.19
C LEU D 247 25.25 24.61 -15.47
N VAL D 248 24.28 24.36 -16.33
CA VAL D 248 24.18 25.05 -17.61
C VAL D 248 22.78 25.62 -17.79
N GLY D 249 22.71 26.93 -17.99
CA GLY D 249 21.49 27.64 -18.31
C GLY D 249 21.43 27.96 -19.80
N VAL D 250 20.28 27.74 -20.42
CA VAL D 250 20.11 27.90 -21.84
C VAL D 250 19.14 29.05 -22.13
N GLU D 251 19.64 30.10 -22.80
CA GLU D 251 18.82 31.26 -23.15
C GLU D 251 18.32 31.14 -24.60
N ALA D 252 17.30 31.90 -24.91
CA ALA D 252 16.73 31.94 -26.26
C ALA D 252 17.61 32.69 -27.24
N GLY D 253 18.16 31.96 -28.20
CA GLY D 253 18.92 32.55 -29.32
C GLY D 253 18.06 33.05 -30.46
N GLY D 254 16.77 32.73 -30.44
CA GLY D 254 15.83 33.34 -31.38
C GLY D 254 16.18 33.06 -32.83
N LYS D 255 16.20 34.12 -33.64
CA LYS D 255 16.60 33.99 -35.03
C LYS D 255 18.11 34.02 -35.19
N GLY D 256 18.85 34.05 -34.06
CA GLY D 256 20.30 34.15 -34.06
C GLY D 256 20.76 35.36 -33.25
N LEU D 257 21.89 35.21 -32.56
CA LEU D 257 22.41 36.32 -31.77
C LEU D 257 22.79 37.52 -32.64
N GLU D 258 23.25 37.25 -33.86
CA GLU D 258 23.61 38.33 -34.82
C GLU D 258 22.37 39.08 -35.35
N SER D 259 21.21 38.43 -35.29
CA SER D 259 20.00 38.96 -35.92
C SER D 259 19.30 40.06 -35.10
N GLY D 260 19.70 40.25 -33.85
CA GLY D 260 18.97 41.15 -32.94
C GLY D 260 17.50 40.78 -32.78
N LYS D 261 17.21 39.48 -32.84
CA LYS D 261 15.87 38.96 -32.56
C LYS D 261 16.07 37.72 -31.68
N HIS D 262 16.27 37.97 -30.40
CA HIS D 262 16.56 36.92 -29.42
C HIS D 262 16.22 37.43 -28.02
N SER D 263 16.46 36.61 -27.01
CA SER D 263 16.20 37.04 -25.62
C SER D 263 17.33 36.55 -24.69
N ALA D 264 18.56 36.67 -25.17
CA ALA D 264 19.73 36.16 -24.49
C ALA D 264 20.40 37.27 -23.71
N SER D 265 19.84 37.59 -22.54
CA SER D 265 20.29 38.72 -21.72
C SER D 265 21.69 38.51 -21.14
N LEU D 266 21.97 37.32 -20.62
CA LEU D 266 23.32 37.04 -20.09
C LEU D 266 24.38 37.06 -21.18
N ASN D 267 24.07 36.48 -22.34
CA ASN D 267 25.07 36.34 -23.39
CA ASN D 267 25.02 36.34 -23.44
C ASN D 267 25.29 37.67 -24.14
N ALA D 268 24.24 38.49 -24.27
CA ALA D 268 24.32 39.65 -25.15
C ALA D 268 23.72 40.93 -24.57
N GLY D 269 23.28 40.88 -23.32
CA GLY D 269 22.70 42.04 -22.66
C GLY D 269 23.77 42.86 -21.97
N GLN D 270 23.34 43.92 -21.33
CA GLN D 270 24.24 44.85 -20.63
C GLN D 270 23.74 44.99 -19.19
N VAL D 271 24.66 45.22 -18.27
CA VAL D 271 24.30 45.41 -16.87
C VAL D 271 23.59 46.75 -16.70
N GLY D 272 22.47 46.74 -15.98
CA GLY D 272 21.69 47.95 -15.71
C GLY D 272 20.53 47.70 -14.77
N VAL D 273 19.72 48.72 -14.54
CA VAL D 273 18.63 48.64 -13.59
C VAL D 273 17.30 48.62 -14.31
N PHE D 274 16.49 47.63 -13.99
CA PHE D 274 15.08 47.54 -14.42
C PHE D 274 14.35 46.65 -13.43
N HIS D 275 13.03 46.85 -13.30
CA HIS D 275 12.21 46.05 -12.38
C HIS D 275 12.78 46.12 -10.97
N GLY D 276 13.36 47.27 -10.62
CA GLY D 276 13.95 47.47 -9.32
C GLY D 276 15.17 46.65 -8.96
N MET D 277 15.84 46.06 -9.95
CA MET D 277 17.07 45.26 -9.69
C MET D 277 18.20 45.63 -10.64
N LEU D 278 19.45 45.41 -10.20
CA LEU D 278 20.59 45.45 -11.08
C LEU D 278 20.89 44.06 -11.60
N SER D 279 20.83 43.91 -12.92
CA SER D 279 21.14 42.63 -13.58
C SER D 279 21.48 42.86 -15.05
N TYR D 280 21.52 41.81 -15.84
CA TYR D 280 21.67 41.94 -17.29
C TYR D 280 20.31 42.13 -17.94
N PHE D 281 20.23 43.11 -18.84
CA PHE D 281 19.01 43.45 -19.56
C PHE D 281 19.34 43.73 -21.02
N LEU D 282 18.39 43.46 -21.90
CA LEU D 282 18.56 43.83 -23.30
C LEU D 282 17.98 45.23 -23.52
N GLN D 283 18.85 46.17 -23.87
CA GLN D 283 18.46 47.58 -23.93
C GLN D 283 19.05 48.29 -25.14
N ASP D 284 18.57 49.51 -25.40
CA ASP D 284 19.13 50.38 -26.45
C ASP D 284 20.46 50.95 -25.99
N GLY D 287 19.12 53.19 -24.07
CA GLY D 287 19.09 52.94 -22.64
C GLY D 287 17.76 52.35 -22.16
N GLN D 288 16.80 52.25 -23.07
CA GLN D 288 15.49 51.67 -22.76
C GLN D 288 15.51 50.16 -22.99
N ILE D 289 14.54 49.47 -22.42
CA ILE D 289 14.30 48.07 -22.73
C ILE D 289 14.00 47.92 -24.21
N LYS D 290 14.70 46.99 -24.88
CA LYS D 290 14.48 46.65 -26.29
C LYS D 290 13.60 45.40 -26.37
N PRO D 291 12.63 45.36 -27.31
CA PRO D 291 11.79 44.16 -27.37
C PRO D 291 12.59 42.92 -27.66
N THR D 292 12.10 41.80 -27.17
CA THR D 292 12.80 40.54 -27.26
C THR D 292 12.04 39.63 -28.23
N HIS D 293 12.68 38.53 -28.60
CA HIS D 293 12.02 37.52 -29.43
C HIS D 293 12.47 36.13 -29.04
N SER D 294 11.51 35.20 -29.00
CA SER D 294 11.79 33.78 -29.05
C SER D 294 10.56 33.09 -29.56
N ILE D 295 10.77 31.99 -30.25
CA ILE D 295 9.64 31.15 -30.65
C ILE D 295 8.87 30.68 -29.39
N ALA D 296 9.58 30.57 -28.27
CA ALA D 296 8.95 30.21 -26.99
C ALA D 296 8.38 31.43 -26.30
N PRO D 297 7.05 31.48 -26.11
CA PRO D 297 6.45 32.68 -25.56
C PRO D 297 7.01 33.12 -24.23
N GLY D 298 7.34 32.17 -23.38
CA GLY D 298 7.72 32.44 -22.00
C GLY D 298 9.20 32.77 -21.82
N LEU D 299 9.97 32.74 -22.89
CA LEU D 299 11.35 33.26 -22.84
C LEU D 299 11.45 34.69 -23.36
N ASP D 300 10.44 35.52 -23.05
CA ASP D 300 10.36 36.92 -23.54
C ASP D 300 10.80 38.00 -22.55
N TYR D 301 11.08 37.65 -21.28
CA TYR D 301 11.47 38.67 -20.29
C TYR D 301 12.80 39.29 -20.76
N PRO D 302 12.90 40.62 -20.77
CA PRO D 302 14.07 41.26 -21.36
C PRO D 302 15.32 41.28 -20.46
N GLY D 303 15.22 40.71 -19.28
CA GLY D 303 16.36 40.60 -18.42
C GLY D 303 16.50 39.20 -17.90
N VAL D 304 17.18 39.08 -16.79
CA VAL D 304 17.50 37.80 -16.20
C VAL D 304 17.70 38.04 -14.71
N GLY D 305 17.38 37.03 -13.90
CA GLY D 305 17.53 37.14 -12.46
C GLY D 305 18.97 37.42 -12.00
N PRO D 306 19.11 38.18 -10.90
CA PRO D 306 20.45 38.57 -10.47
C PRO D 306 21.29 37.39 -9.93
N GLU D 307 20.64 36.33 -9.44
CA GLU D 307 21.39 35.19 -8.93
C GLU D 307 22.08 34.46 -10.08
N HIS D 308 21.50 34.50 -11.28
CA HIS D 308 22.17 33.95 -12.47
C HIS D 308 23.33 34.85 -12.91
N ALA D 309 23.12 36.15 -12.84
CA ALA D 309 24.20 37.09 -13.14
C ALA D 309 25.42 36.83 -12.25
N TYR D 310 25.16 36.53 -10.99
CA TYR D 310 26.18 36.18 -10.04
C TYR D 310 26.82 34.81 -10.33
N LEU D 311 26.00 33.79 -10.60
CA LEU D 311 26.57 32.47 -10.89
C LEU D 311 27.44 32.53 -12.14
N LYS D 312 27.03 33.32 -13.12
CA LYS D 312 27.84 33.54 -14.32
C LYS D 312 29.17 34.18 -13.94
N LYS D 313 29.12 35.19 -13.09
CA LYS D 313 30.32 35.96 -12.78
C LYS D 313 31.36 35.12 -12.07
N ILE D 314 30.92 34.31 -11.12
CA ILE D 314 31.85 33.45 -10.36
C ILE D 314 32.16 32.15 -11.10
N GLN D 315 31.60 31.99 -12.30
CA GLN D 315 31.79 30.80 -13.15
C GLN D 315 31.31 29.51 -12.51
N ARG D 316 30.33 29.59 -11.62
CA ARG D 316 29.68 28.40 -11.07
C ARG D 316 28.75 27.78 -12.09
N ALA D 317 28.10 28.62 -12.91
CA ALA D 317 27.22 28.14 -13.97
C ALA D 317 27.65 28.72 -15.29
N GLU D 318 27.48 27.93 -16.35
CA GLU D 318 27.73 28.32 -17.72
C GLU D 318 26.39 28.65 -18.38
N TYR D 319 26.37 29.67 -19.21
CA TYR D 319 25.17 30.08 -19.90
C TYR D 319 25.42 30.07 -21.40
N VAL D 320 24.51 29.40 -22.12
CA VAL D 320 24.62 29.16 -23.55
C VAL D 320 23.33 29.61 -24.22
N THR D 321 23.28 29.54 -25.55
CA THR D 321 22.03 29.85 -26.26
C THR D 321 21.70 28.74 -27.28
N VAL D 322 20.41 28.59 -27.56
CA VAL D 322 19.90 27.72 -28.55
C VAL D 322 18.92 28.51 -29.43
N THR D 323 18.94 28.29 -30.73
CA THR D 323 18.06 29.02 -31.65
C THR D 323 16.63 28.47 -31.68
N ASP D 324 15.72 29.28 -32.22
CA ASP D 324 14.40 28.82 -32.52
C ASP D 324 14.42 27.49 -33.25
N GLU D 325 15.23 27.40 -34.31
CA GLU D 325 15.24 26.21 -35.16
C GLU D 325 15.70 24.97 -34.38
N GLU D 326 16.73 25.12 -33.55
CA GLU D 326 17.20 24.01 -32.71
C GLU D 326 16.16 23.61 -31.66
N ALA D 327 15.45 24.57 -31.09
CA ALA D 327 14.42 24.28 -30.10
C ALA D 327 13.24 23.52 -30.75
N LEU D 328 12.84 23.95 -31.94
CA LEU D 328 11.77 23.27 -32.68
C LEU D 328 12.16 21.84 -33.02
N LYS D 329 13.41 21.63 -33.43
CA LYS D 329 13.90 20.27 -33.71
C LYS D 329 13.80 19.38 -32.48
N ALA D 330 14.15 19.92 -31.32
CA ALA D 330 14.10 19.16 -30.06
C ALA D 330 12.64 18.88 -29.66
N PHE D 331 11.75 19.86 -29.90
CA PHE D 331 10.32 19.68 -29.62
C PHE D 331 9.80 18.45 -30.38
N HIS D 332 10.13 18.38 -31.67
CA HIS D 332 9.71 17.26 -32.50
C HIS D 332 10.41 15.97 -32.07
N GLU D 333 11.71 16.05 -31.78
CA GLU D 333 12.48 14.85 -31.44
C GLU D 333 11.99 14.19 -30.14
N LEU D 334 11.75 14.99 -29.11
CA LEU D 334 11.31 14.43 -27.85
C LEU D 334 9.92 13.82 -28.00
N SER D 335 9.06 14.49 -28.76
CA SER D 335 7.71 14.00 -28.94
C SER D 335 7.71 12.62 -29.57
N ARG D 336 8.46 12.45 -30.66
CA ARG D 336 8.39 11.17 -31.37
C ARG D 336 9.26 10.05 -30.78
N THR D 337 10.28 10.41 -30.03
CA THR D 337 11.22 9.43 -29.47
C THR D 337 10.84 8.96 -28.07
N GLU D 338 10.22 9.83 -27.28
CA GLU D 338 9.84 9.51 -25.90
C GLU D 338 8.35 9.64 -25.62
N GLY D 339 7.57 10.19 -26.55
CA GLY D 339 6.14 10.39 -26.31
C GLY D 339 5.87 11.46 -25.29
N ILE D 340 6.74 12.46 -25.23
CA ILE D 340 6.56 13.61 -24.37
C ILE D 340 6.63 14.90 -25.22
N ILE D 341 5.54 15.65 -25.24
CA ILE D 341 5.53 16.92 -25.96
C ILE D 341 5.94 18.02 -24.98
N PRO D 342 7.14 18.61 -25.17
CA PRO D 342 7.66 19.59 -24.22
C PRO D 342 7.17 20.99 -24.56
N ALA D 343 7.13 21.86 -23.57
CA ALA D 343 7.01 23.30 -23.82
C ALA D 343 8.16 23.74 -24.71
N LEU D 344 7.89 24.71 -25.58
CA LEU D 344 8.94 25.31 -26.41
C LEU D 344 10.08 25.92 -25.60
N GLU D 345 9.77 26.44 -24.42
CA GLU D 345 10.81 26.93 -23.50
C GLU D 345 11.75 25.78 -23.13
N SER D 346 11.16 24.71 -22.62
CA SER D 346 11.91 23.51 -22.19
C SER D 346 12.64 22.85 -23.35
N ALA D 347 12.09 22.93 -24.55
CA ALA D 347 12.75 22.41 -25.73
C ALA D 347 14.12 23.04 -25.99
N HIS D 348 14.36 24.26 -25.49
CA HIS D 348 15.69 24.86 -25.58
C HIS D 348 16.71 24.06 -24.73
N ALA D 349 16.29 23.66 -23.53
CA ALA D 349 17.13 22.86 -22.65
C ALA D 349 17.37 21.47 -23.26
N VAL D 350 16.31 20.87 -23.79
CA VAL D 350 16.42 19.58 -24.43
C VAL D 350 17.40 19.62 -25.60
N ALA D 351 17.30 20.66 -26.44
CA ALA D 351 18.18 20.78 -27.58
C ALA D 351 19.64 20.86 -27.14
N TYR D 352 19.91 21.64 -26.09
CA TYR D 352 21.30 21.79 -25.66
C TYR D 352 21.76 20.46 -25.09
N ALA D 353 20.91 19.81 -24.32
CA ALA D 353 21.33 18.54 -23.68
C ALA D 353 21.66 17.47 -24.71
N MET D 354 20.96 17.48 -25.84
CA MET D 354 21.18 16.51 -26.92
C MET D 354 22.54 16.74 -27.56
N LYS D 355 22.94 18.02 -27.66
CA LYS D 355 24.28 18.34 -28.17
C LYS D 355 25.37 17.94 -27.18
N LEU D 356 25.14 18.24 -25.92
CA LEU D 356 26.08 17.96 -24.87
C LEU D 356 26.27 16.47 -24.63
N ALA D 357 25.18 15.71 -24.69
CA ALA D 357 25.23 14.26 -24.45
C ALA D 357 26.15 13.57 -25.46
N LYS D 358 26.14 14.04 -26.70
CA LYS D 358 26.97 13.47 -27.74
C LYS D 358 28.47 13.64 -27.46
N GLU D 359 28.82 14.74 -26.79
N GLU D 359 28.84 14.70 -26.76
CA GLU D 359 30.22 15.04 -26.39
CA GLU D 359 30.25 14.96 -26.45
C GLU D 359 30.72 14.09 -25.27
C GLU D 359 30.69 14.37 -25.09
N MET D 360 29.80 13.62 -24.44
CA MET D 360 30.13 13.00 -23.13
C MET D 360 30.21 11.49 -23.25
N SER D 361 30.69 10.82 -22.20
CA SER D 361 30.85 9.37 -22.24
C SER D 361 29.56 8.69 -21.82
N ARG D 362 29.36 7.49 -22.37
CA ARG D 362 28.33 6.58 -21.91
C ARG D 362 28.45 6.40 -20.41
N ASP D 363 27.29 6.47 -19.75
CA ASP D 363 27.17 6.34 -18.30
C ASP D 363 27.48 7.60 -17.48
N GLU D 364 27.91 8.67 -18.14
CA GLU D 364 27.78 10.00 -17.53
C GLU D 364 26.30 10.43 -17.59
N ILE D 365 25.94 11.40 -16.77
CA ILE D 365 24.54 11.69 -16.45
C ILE D 365 24.22 13.16 -16.60
N ILE D 366 23.24 13.45 -17.45
CA ILE D 366 22.67 14.79 -17.58
C ILE D 366 21.24 14.79 -17.03
N ILE D 367 20.89 15.77 -16.20
CA ILE D 367 19.47 16.03 -15.88
C ILE D 367 19.03 17.31 -16.54
N VAL D 368 17.95 17.20 -17.33
CA VAL D 368 17.31 18.32 -17.96
C VAL D 368 16.07 18.67 -17.18
N ASN D 369 15.87 19.94 -16.84
CA ASN D 369 14.63 20.36 -16.25
C ASN D 369 13.59 20.54 -17.32
N LEU D 370 12.61 19.64 -17.36
CA LEU D 370 11.54 19.75 -18.35
C LEU D 370 10.44 20.64 -17.78
N SER D 371 10.64 21.95 -17.94
CA SER D 371 9.89 22.94 -17.17
C SER D 371 8.40 22.96 -17.43
N GLY D 372 7.98 22.53 -18.62
CA GLY D 372 6.58 22.46 -18.94
C GLY D 372 6.23 21.57 -20.09
N ARG D 373 4.91 21.37 -20.27
CA ARG D 373 4.40 20.61 -21.41
CA ARG D 373 4.37 20.60 -21.38
C ARG D 373 4.05 21.52 -22.55
N GLY D 374 3.99 20.94 -23.74
CA GLY D 374 3.81 21.70 -24.99
C GLY D 374 2.42 21.79 -25.60
N ASP D 375 1.39 21.34 -24.89
CA ASP D 375 0.00 21.49 -25.38
C ASP D 375 -0.30 22.93 -25.78
N LYS D 376 0.11 23.87 -24.92
CA LYS D 376 -0.06 25.29 -25.16
C LYS D 376 0.56 25.79 -26.48
N ASP D 377 1.58 25.07 -26.96
CA ASP D 377 2.41 25.52 -28.10
C ASP D 377 2.02 24.87 -29.43
N LEU D 378 0.99 24.03 -29.44
CA LEU D 378 0.69 23.24 -30.63
C LEU D 378 0.28 24.13 -31.82
N ASP D 379 -0.50 25.17 -31.56
CA ASP D 379 -0.87 26.14 -32.60
C ASP D 379 0.36 26.82 -33.23
N ILE D 380 1.32 27.22 -32.38
CA ILE D 380 2.57 27.83 -32.86
C ILE D 380 3.34 26.87 -33.75
N VAL D 381 3.47 25.63 -33.32
CA VAL D 381 4.29 24.67 -34.05
C VAL D 381 3.55 24.25 -35.34
N LEU D 382 2.24 24.12 -35.28
CA LEU D 382 1.45 23.78 -36.46
C LEU D 382 1.60 24.83 -37.57
N LYS D 383 1.65 26.10 -37.17
CA LYS D 383 1.84 27.22 -38.11
C LYS D 383 3.19 27.18 -38.82
N VAL D 384 4.25 26.79 -38.11
CA VAL D 384 5.55 26.59 -38.75
C VAL D 384 5.53 25.33 -39.65
N SER D 385 4.93 24.25 -39.18
CA SER D 385 4.92 22.97 -39.92
C SER D 385 4.13 23.04 -41.23
N GLY D 386 3.10 23.88 -41.23
CA GLY D 386 2.23 24.03 -42.39
C GLY D 386 2.51 25.33 -43.13
N ASN D 387 3.74 25.84 -42.98
CA ASN D 387 4.16 27.11 -43.57
C ASN D 387 3.80 27.15 -45.06
N VAL D 388 3.15 28.23 -45.49
CA VAL D 388 2.86 28.44 -46.93
C VAL D 388 3.76 29.55 -47.48
N LEU D 389 4.54 29.24 -48.51
CA LEU D 389 5.37 30.27 -49.17
C LEU D 389 4.49 31.28 -49.89
N GLU D 390 5.01 32.51 -50.05
CA GLU D 390 4.21 33.67 -50.52
C GLU D 390 3.59 33.42 -51.92
N HIS D 391 4.30 32.65 -52.76
CA HIS D 391 3.91 32.40 -54.14
C HIS D 391 3.10 31.09 -54.29
N HIS D 392 2.84 30.42 -53.18
CA HIS D 392 2.07 29.17 -53.17
C HIS D 392 0.68 29.39 -52.55
N HIS D 393 -0.21 28.41 -52.76
CA HIS D 393 -1.54 28.43 -52.15
C HIS D 393 -1.69 27.39 -51.04
N HIS D 394 -0.79 26.41 -51.02
CA HIS D 394 -0.79 25.35 -50.01
C HIS D 394 0.65 25.08 -49.57
N HIS D 395 0.79 24.52 -48.36
CA HIS D 395 2.10 24.01 -47.88
C HIS D 395 2.67 22.90 -48.81
N HIS D 396 3.93 23.07 -49.22
CA HIS D 396 4.63 22.10 -50.08
C HIS D 396 5.71 21.37 -49.28
#